data_8GRU
#
_entry.id   8GRU
#
_cell.length_a   134.043
_cell.length_b   163.833
_cell.length_c   163.129
_cell.angle_alpha   90.000
_cell.angle_beta   90.000
_cell.angle_gamma   90.000
#
_symmetry.space_group_name_H-M   'C 2 2 21'
#
loop_
_entity.id
_entity.type
_entity.pdbx_description
1 polymer 'Human IDH3 alpha subunit'
2 polymer 'Isoform A of Isocitrate dehydrogenase [NAD] subunit beta, mitochondrial'
3 non-polymer NICOTINAMIDE-ADENINE-DINUCLEOTIDE
4 non-polymer 'CALCIUM ION'
5 non-polymer 'ISOCITRIC ACID'
#
loop_
_entity_poly.entity_id
_entity_poly.type
_entity_poly.pdbx_seq_one_letter_code
_entity_poly.pdbx_strand_id
1 'polypeptide(L)'
;TGGVQTVTLIPGDGIGPEISAAVMKIFDAAKAPIQWEERNVTAIQGPGGKWMIPSEAKESMDKNKMGLKGPLKTPIAAGH
PSMNLLLRKTFDLYANVRPCVSIEGYKTPYTDVNIVTIRENTEGEYSGIEHVIVDGVVASIKLITEGASKRIAEFAFEYA
RNNHRSNVTAVHKANIMRMSDGLFLQKCREVAESCKDIKFNEMYLDTVCLNMVQDPSQFDVLVMPNLYGDILSDLCAGLI
GGLGVTPSGNIGANGVAIFESVHGTAPDIAGKDMANPTALLLSAVMMLRHMGLFDHAARIEAACFATIKDGKSLTKDLGG
NAKCSDFTEEICRRVKDLD
;
A,C
2 'polypeptide(L)'
;ASRSQAEDVRVEGSFPVTMLPGDGVGPELMHAVKEVFKAAAVPVEFQEHHLSEVQNMASEEKLEQVLSSMKENKVAIIGK
IHTPMEYKGELASYDMRLRRKLDLFANVVHVKSLPGYMTRHNNLDLVIIREQTEGEYSSLEHESARGVIECLKIVTRAKS
QRIAKFAFDYATKKGRGKVTAVHKANIMKLGDGLFLQCCEEVAELYPKIKFETMIIDNCCMQLVQNPYQFDVLVMPNLYG
NIIDNLAAGLVGGAGVVPGESYSAEYAVFETGARHPFAQAVGRNIANPTAMLLSASNMLRHLNLEYHSSMIADAVKKVIK
VGKVRTSDMGGYATCHDFTEEICRRVKDLDEN
;
B,D
#
loop_
_chem_comp.id
_chem_comp.type
_chem_comp.name
_chem_comp.formula
CA non-polymer 'CALCIUM ION' 'Ca 2'
ICT non-polymer 'ISOCITRIC ACID' 'C6 H8 O7'
NAD non-polymer NICOTINAMIDE-ADENINE-DINUCLEOTIDE 'C21 H27 N7 O14 P2'
#
# COMPACT_ATOMS: atom_id res chain seq x y z
N GLY A 3 20.66 -30.83 38.03
CA GLY A 3 20.42 -29.41 38.18
C GLY A 3 18.98 -29.00 37.95
N VAL A 4 18.57 -27.86 38.50
CA VAL A 4 17.22 -27.33 38.34
C VAL A 4 17.29 -26.07 37.49
N GLN A 5 16.35 -25.95 36.55
CA GLN A 5 16.33 -24.84 35.62
C GLN A 5 14.97 -24.14 35.68
N THR A 6 14.96 -22.85 35.39
CA THR A 6 13.79 -22.01 35.56
C THR A 6 13.18 -21.69 34.19
N VAL A 7 11.90 -22.00 34.02
CA VAL A 7 11.18 -21.76 32.78
C VAL A 7 10.17 -20.64 33.03
N THR A 8 10.11 -19.69 32.09
CA THR A 8 9.11 -18.65 32.21
C THR A 8 7.75 -19.23 31.88
N LEU A 9 6.77 -18.97 32.76
CA LEU A 9 5.39 -19.45 32.60
C LEU A 9 4.46 -18.26 32.36
N ILE A 10 3.83 -18.22 31.20
CA ILE A 10 2.80 -17.22 30.92
C ILE A 10 1.46 -17.95 30.88
N PRO A 11 0.59 -17.76 31.88
CA PRO A 11 -0.61 -18.62 31.95
C PRO A 11 -1.67 -18.28 30.93
N GLY A 12 -1.77 -17.03 30.52
CA GLY A 12 -2.63 -16.67 29.41
C GLY A 12 -4.09 -16.57 29.78
N ASP A 13 -4.89 -16.23 28.77
CA ASP A 13 -6.29 -15.90 28.95
C ASP A 13 -7.15 -17.13 28.69
N GLY A 14 -8.46 -16.94 28.88
CA GLY A 14 -9.44 -18.00 28.79
C GLY A 14 -9.06 -19.25 29.56
N ILE A 15 -8.83 -20.33 28.81
CA ILE A 15 -8.60 -21.64 29.40
C ILE A 15 -7.13 -21.86 29.77
N GLY A 16 -6.25 -20.92 29.40
CA GLY A 16 -4.84 -21.02 29.68
C GLY A 16 -4.46 -21.19 31.13
N PRO A 17 -5.09 -20.49 32.07
CA PRO A 17 -4.77 -20.72 33.48
C PRO A 17 -5.08 -22.12 33.96
N GLU A 18 -6.15 -22.75 33.48
CA GLU A 18 -6.40 -24.10 33.97
C GLU A 18 -5.46 -25.12 33.37
N ILE A 19 -5.06 -24.96 32.09
CA ILE A 19 -4.25 -26.00 31.47
C ILE A 19 -2.80 -25.89 31.94
N SER A 20 -2.33 -24.68 32.24
CA SER A 20 -0.99 -24.53 32.82
C SER A 20 -0.91 -25.23 34.15
N ALA A 21 -1.81 -24.85 35.06
CA ALA A 21 -1.93 -25.52 36.35
C ALA A 21 -1.84 -27.02 36.20
N ALA A 22 -2.62 -27.58 35.28
CA ALA A 22 -2.51 -28.99 34.96
C ALA A 22 -1.05 -29.37 34.70
N VAL A 23 -0.41 -28.77 33.70
CA VAL A 23 0.90 -29.29 33.29
C VAL A 23 1.92 -29.08 34.39
N MET A 24 1.89 -27.92 35.05
CA MET A 24 2.67 -27.72 36.26
C MET A 24 2.49 -28.86 37.23
N LYS A 25 1.22 -29.16 37.54
CA LYS A 25 0.90 -30.23 38.48
C LYS A 25 1.44 -31.57 37.99
N ILE A 26 1.35 -31.84 36.69
CA ILE A 26 1.95 -33.08 36.20
C ILE A 26 3.48 -33.03 36.27
N PHE A 27 4.07 -31.84 36.27
CA PHE A 27 5.52 -31.75 36.38
C PHE A 27 5.97 -32.05 37.80
N ASP A 28 5.32 -31.45 38.81
CA ASP A 28 5.62 -31.82 40.19
C ASP A 28 5.43 -33.33 40.41
N ALA A 29 4.35 -33.91 39.87
CA ALA A 29 4.15 -35.36 39.98
C ALA A 29 5.34 -36.13 39.41
N ALA A 30 5.84 -35.71 38.25
CA ALA A 30 6.94 -36.41 37.62
C ALA A 30 8.29 -36.04 38.20
N LYS A 31 8.33 -35.13 39.17
CA LYS A 31 9.58 -34.69 39.81
C LYS A 31 10.58 -34.18 38.76
N ALA A 32 10.08 -33.33 37.87
CA ALA A 32 10.92 -32.74 36.85
C ALA A 32 11.79 -31.64 37.46
N PRO A 33 12.99 -31.42 36.94
CA PRO A 33 13.89 -30.35 37.45
C PRO A 33 13.51 -28.97 36.95
N ILE A 34 12.25 -28.59 37.16
CA ILE A 34 11.72 -27.37 36.57
C ILE A 34 11.14 -26.49 37.68
N GLN A 35 11.44 -25.21 37.60
CA GLN A 35 10.93 -24.17 38.49
C GLN A 35 10.19 -23.20 37.60
N TRP A 36 9.00 -22.80 38.01
CA TRP A 36 8.19 -21.91 37.18
C TRP A 36 8.33 -20.48 37.69
N GLU A 37 8.63 -19.58 36.77
CA GLU A 37 8.62 -18.14 37.03
C GLU A 37 7.42 -17.62 36.28
N GLU A 38 6.38 -17.20 37.01
CA GLU A 38 5.12 -16.83 36.40
C GLU A 38 5.05 -15.33 36.14
N ARG A 39 4.80 -14.96 34.89
CA ARG A 39 4.52 -13.58 34.53
C ARG A 39 3.45 -13.54 33.45
N ASN A 40 2.77 -12.40 33.35
CA ASN A 40 1.54 -12.28 32.57
C ASN A 40 1.79 -11.39 31.35
N VAL A 41 1.98 -12.02 30.18
CA VAL A 41 1.96 -11.25 28.94
C VAL A 41 0.55 -10.82 28.56
N THR A 42 -0.47 -11.31 29.26
CA THR A 42 -1.87 -11.03 28.91
C THR A 42 -2.14 -9.53 28.85
N ALA A 43 -1.47 -8.81 29.72
CA ALA A 43 -1.61 -7.37 29.64
C ALA A 43 -0.89 -6.95 28.36
N ILE A 44 -1.52 -6.07 27.60
CA ILE A 44 -0.97 -5.43 26.39
C ILE A 44 -0.86 -3.98 26.81
N GLN A 45 0.28 -3.34 26.59
CA GLN A 45 0.45 -1.96 27.09
C GLN A 45 0.77 -1.01 25.95
N GLY A 46 0.09 0.14 25.90
CA GLY A 46 0.44 1.15 24.90
C GLY A 46 1.38 2.17 25.54
N PRO A 47 2.67 2.20 25.16
CA PRO A 47 3.64 3.19 25.67
C PRO A 47 3.40 4.62 25.18
N GLY A 49 3.09 5.38 20.68
CA GLY A 49 2.64 4.62 19.50
C GLY A 49 2.83 3.12 19.67
N LYS A 50 3.98 2.69 20.16
CA LYS A 50 4.32 1.25 20.20
C LYS A 50 3.47 0.48 21.22
N TRP A 51 3.33 -0.82 20.97
CA TRP A 51 2.65 -1.79 21.85
C TRP A 51 3.75 -2.67 22.44
N MET A 52 3.63 -3.09 23.69
CA MET A 52 4.76 -3.90 24.19
C MET A 52 4.33 -4.91 25.24
N ILE A 53 5.18 -5.89 25.47
CA ILE A 53 5.07 -6.96 26.49
C ILE A 53 5.47 -6.34 27.81
N PRO A 54 4.74 -6.50 28.92
CA PRO A 54 5.13 -5.86 30.19
C PRO A 54 6.55 -6.21 30.58
N SER A 55 7.25 -5.22 31.14
CA SER A 55 8.68 -5.33 31.39
C SER A 55 9.03 -6.65 32.09
N GLU A 56 8.22 -7.08 33.06
CA GLU A 56 8.58 -8.23 33.89
C GLU A 56 8.62 -9.54 33.08
N ALA A 57 7.68 -9.69 32.14
CA ALA A 57 7.73 -10.84 31.24
C ALA A 57 8.97 -10.80 30.34
N LYS A 58 9.29 -9.61 29.80
CA LYS A 58 10.45 -9.50 28.91
C LYS A 58 11.73 -9.91 29.61
N GLU A 59 11.90 -9.54 30.89
CA GLU A 59 13.13 -9.86 31.62
C GLU A 59 13.20 -11.33 31.99
N SER A 60 12.07 -11.90 32.41
CA SER A 60 12.05 -13.33 32.70
C SER A 60 12.51 -14.13 31.50
N MET A 61 11.97 -13.84 30.31
CA MET A 61 12.39 -14.56 29.12
C MET A 61 13.87 -14.31 28.83
N ASP A 62 14.30 -13.04 28.88
CA ASP A 62 15.69 -12.75 28.57
C ASP A 62 16.63 -13.37 29.60
N LYS A 63 16.16 -13.61 30.83
CA LYS A 63 16.99 -14.32 31.80
C LYS A 63 16.96 -15.83 31.55
N ASN A 64 15.78 -16.40 31.35
CA ASN A 64 15.62 -17.86 31.31
C ASN A 64 15.70 -18.43 29.89
N LYS A 65 15.14 -17.72 28.90
CA LYS A 65 15.15 -18.06 27.48
C LYS A 65 14.44 -19.39 27.17
N MET A 66 13.70 -19.96 28.13
CA MET A 66 12.69 -21.00 27.90
C MET A 66 11.35 -20.47 28.35
N GLY A 67 10.33 -20.65 27.53
CA GLY A 67 8.98 -20.26 27.90
C GLY A 67 8.00 -21.39 27.70
N LEU A 68 6.98 -21.39 28.54
CA LEU A 68 5.80 -22.22 28.33
C LEU A 68 4.61 -21.31 28.53
N LYS A 69 3.65 -21.38 27.62
CA LYS A 69 2.66 -20.31 27.54
C LYS A 69 1.32 -20.87 27.15
N GLY A 70 0.27 -20.38 27.81
CA GLY A 70 -1.09 -20.68 27.43
C GLY A 70 -1.54 -19.68 26.41
N PRO A 71 -2.74 -19.80 25.89
CA PRO A 71 -3.18 -18.88 24.84
C PRO A 71 -3.44 -17.49 25.39
N LEU A 72 -3.19 -16.49 24.54
CA LEU A 72 -3.52 -15.10 24.85
C LEU A 72 -4.69 -14.70 23.96
N LYS A 73 -5.66 -13.97 24.50
CA LYS A 73 -6.80 -13.58 23.71
C LYS A 73 -6.42 -12.40 22.84
N THR A 74 -6.90 -12.39 21.59
CA THR A 74 -6.73 -11.25 20.71
C THR A 74 -8.10 -10.82 20.19
N PRO A 75 -8.57 -9.61 20.54
CA PRO A 75 -9.91 -9.14 20.15
C PRO A 75 -10.18 -9.25 18.67
N ILE A 76 -11.43 -9.56 18.33
CA ILE A 76 -11.85 -9.63 16.93
C ILE A 76 -12.21 -8.24 16.42
N ALA A 77 -11.42 -7.73 15.46
CA ALA A 77 -11.71 -6.53 14.67
C ALA A 77 -11.65 -5.24 15.46
N ALA A 78 -11.09 -5.25 16.67
CA ALA A 78 -11.29 -4.11 17.57
C ALA A 78 -10.05 -3.62 18.29
N GLY A 79 -9.62 -4.34 19.32
CA GLY A 79 -8.74 -3.77 20.31
C GLY A 79 -7.25 -3.78 20.02
N HIS A 80 -6.50 -4.52 20.83
CA HIS A 80 -5.05 -4.54 20.79
C HIS A 80 -4.53 -5.64 19.86
N PRO A 81 -3.34 -5.46 19.28
CA PRO A 81 -2.80 -6.47 18.36
C PRO A 81 -2.45 -7.75 19.10
N SER A 82 -2.29 -8.82 18.33
CA SER A 82 -1.90 -10.12 18.88
C SER A 82 -0.66 -9.96 19.72
N MET A 83 -0.79 -10.25 21.01
CA MET A 83 0.42 -10.28 21.82
C MET A 83 1.19 -11.57 21.61
N ASN A 84 0.59 -12.55 20.92
CA ASN A 84 1.35 -13.70 20.44
C ASN A 84 2.29 -13.28 19.34
N LEU A 85 1.78 -12.58 18.33
CA LEU A 85 2.63 -11.98 17.32
C LEU A 85 3.76 -11.19 17.94
N LEU A 86 3.42 -10.34 18.94
CA LEU A 86 4.41 -9.50 19.59
C LEU A 86 5.48 -10.34 20.28
N LEU A 87 5.07 -11.39 21.00
CA LEU A 87 6.05 -12.27 21.63
C LEU A 87 7.02 -12.84 20.60
N ARG A 88 6.49 -13.39 19.51
CA ARG A 88 7.33 -14.02 18.50
C ARG A 88 8.28 -13.02 17.85
N LYS A 89 7.82 -11.79 17.60
CA LYS A 89 8.72 -10.83 16.96
C LYS A 89 9.75 -10.26 17.93
N THR A 90 9.38 -9.99 19.20
CA THR A 90 10.39 -9.42 20.09
C THR A 90 11.47 -10.43 20.49
N PHE A 91 11.22 -11.73 20.36
CA PHE A 91 12.27 -12.71 20.65
C PHE A 91 12.76 -13.41 19.39
N ASP A 92 12.39 -12.93 18.20
CA ASP A 92 12.77 -13.51 16.93
C ASP A 92 12.54 -15.03 16.91
N LEU A 93 11.38 -15.44 17.40
CA LEU A 93 11.01 -16.85 17.37
C LEU A 93 10.50 -17.17 15.97
N TYR A 94 11.43 -17.30 15.03
CA TYR A 94 11.04 -17.25 13.63
C TYR A 94 10.44 -18.55 13.13
N ALA A 95 10.65 -19.67 13.82
CA ALA A 95 10.17 -20.97 13.36
C ALA A 95 9.08 -21.50 14.28
N ASN A 96 7.92 -21.84 13.70
CA ASN A 96 6.84 -22.49 14.44
C ASN A 96 6.75 -23.96 14.05
N VAL A 97 6.84 -24.84 15.05
CA VAL A 97 6.96 -26.27 14.78
C VAL A 97 5.72 -26.97 15.29
N ARG A 98 4.94 -27.54 14.37
CA ARG A 98 3.62 -28.09 14.66
C ARG A 98 3.54 -29.52 14.14
N PRO A 99 4.07 -30.48 14.90
CA PRO A 99 3.93 -31.88 14.51
C PRO A 99 2.51 -32.37 14.73
N CYS A 100 2.04 -33.21 13.81
CA CYS A 100 0.70 -33.77 13.90
C CYS A 100 0.80 -35.29 13.80
N VAL A 101 0.57 -35.97 14.92
CA VAL A 101 0.84 -37.40 14.99
C VAL A 101 -0.38 -38.09 15.58
N SER A 102 -0.80 -39.19 14.95
CA SER A 102 -1.96 -39.96 15.42
C SER A 102 -1.72 -40.51 16.81
N ILE A 103 -2.73 -40.37 17.68
CA ILE A 103 -2.69 -40.89 19.05
C ILE A 103 -3.19 -42.33 19.06
N GLU A 104 -2.37 -43.27 19.57
CA GLU A 104 -2.66 -44.70 19.42
C GLU A 104 -4.04 -45.06 19.98
N GLY A 105 -4.29 -44.73 21.23
CA GLY A 105 -5.52 -45.26 21.82
C GLY A 105 -6.80 -44.51 21.48
N TYR A 106 -6.74 -43.50 20.63
CA TYR A 106 -7.90 -42.68 20.28
C TYR A 106 -8.17 -42.83 18.78
N LYS A 107 -9.34 -43.35 18.43
CA LYS A 107 -9.64 -43.63 17.04
C LYS A 107 -10.31 -42.42 16.40
N THR A 108 -9.76 -42.00 15.26
CA THR A 108 -10.37 -41.01 14.37
C THR A 108 -10.41 -41.64 12.99
N PRO A 109 -11.14 -41.03 12.04
CA PRO A 109 -11.27 -41.65 10.71
C PRO A 109 -9.97 -41.73 9.93
N TYR A 110 -8.87 -41.16 10.44
CA TYR A 110 -7.58 -41.15 9.78
C TYR A 110 -6.60 -41.90 10.66
N THR A 111 -5.75 -42.73 10.04
CA THR A 111 -4.84 -43.58 10.80
C THR A 111 -3.39 -43.38 10.36
N ASP A 112 -2.51 -43.25 11.35
CA ASP A 112 -1.06 -43.13 11.13
C ASP A 112 -0.73 -41.86 10.37
N VAL A 113 -1.28 -40.78 10.86
CA VAL A 113 -0.94 -39.43 10.48
C VAL A 113 0.39 -39.06 11.12
N ASN A 114 1.42 -38.70 10.33
CA ASN A 114 2.67 -38.16 10.89
C ASN A 114 3.09 -36.93 10.08
N ILE A 115 2.55 -35.78 10.45
CA ILE A 115 2.72 -34.50 9.76
C ILE A 115 3.50 -33.55 10.66
N VAL A 116 4.45 -32.82 10.09
CA VAL A 116 5.02 -31.66 10.79
C VAL A 116 4.86 -30.43 9.90
N THR A 117 3.99 -29.53 10.31
CA THR A 117 3.83 -28.21 9.73
C THR A 117 4.93 -27.32 10.29
N ILE A 118 5.76 -26.78 9.42
CA ILE A 118 6.78 -25.82 9.82
C ILE A 118 6.41 -24.51 9.18
N ARG A 119 6.07 -23.53 10.01
CA ARG A 119 5.50 -22.28 9.57
C ARG A 119 6.42 -21.15 9.97
N GLU A 120 6.81 -20.34 8.98
CA GLU A 120 7.43 -19.04 9.25
C GLU A 120 6.58 -18.26 10.23
N ASN A 121 7.20 -17.78 11.32
CA ASN A 121 6.45 -17.21 12.42
C ASN A 121 6.38 -15.69 12.43
N THR A 122 7.20 -15.01 11.63
CA THR A 122 7.35 -13.57 11.85
C THR A 122 6.64 -12.69 10.85
N GLU A 123 6.54 -13.09 9.58
CA GLU A 123 6.02 -12.17 8.57
C GLU A 123 4.76 -12.69 7.88
N GLY A 124 4.71 -12.66 6.54
CA GLY A 124 3.54 -13.11 5.81
C GLY A 124 2.36 -12.16 5.95
N GLU A 125 1.15 -12.73 5.89
CA GLU A 125 -0.05 -11.91 6.06
C GLU A 125 -0.30 -11.54 7.52
N TYR A 126 0.52 -12.03 8.45
CA TYR A 126 0.38 -11.71 9.86
C TYR A 126 1.29 -10.59 10.29
N SER A 127 1.66 -9.71 9.36
CA SER A 127 2.23 -8.46 9.81
C SER A 127 1.12 -7.58 10.34
N GLY A 128 1.48 -6.65 11.21
CA GLY A 128 0.41 -5.85 11.78
C GLY A 128 -0.05 -4.68 10.92
N ILE A 129 0.13 -4.78 9.60
CA ILE A 129 0.13 -3.64 8.70
C ILE A 129 -1.14 -3.64 7.85
N GLU A 130 -2.03 -2.67 8.09
CA GLU A 130 -3.17 -2.42 7.22
C GLU A 130 -3.41 -0.92 7.12
N HIS A 131 -4.04 -0.51 6.02
CA HIS A 131 -4.29 0.90 5.74
C HIS A 131 -5.68 1.10 5.14
N VAL A 132 -6.47 1.96 5.76
CA VAL A 132 -7.72 2.43 5.16
C VAL A 132 -7.36 3.38 4.02
N ILE A 133 -7.49 2.92 2.78
CA ILE A 133 -7.06 3.71 1.63
C ILE A 133 -7.97 4.92 1.44
N VAL A 134 -9.26 4.66 1.24
CA VAL A 134 -10.33 5.64 1.32
C VAL A 134 -11.41 5.03 2.20
N ASP A 135 -12.52 5.76 2.39
CA ASP A 135 -13.63 5.17 3.10
C ASP A 135 -14.07 3.89 2.39
N GLY A 136 -14.20 2.81 3.16
CA GLY A 136 -14.72 1.55 2.66
C GLY A 136 -13.75 0.74 1.82
N VAL A 137 -12.48 1.09 1.83
CA VAL A 137 -11.44 0.43 1.04
C VAL A 137 -10.26 0.18 1.99
N VAL A 138 -10.01 -1.08 2.34
CA VAL A 138 -8.92 -1.45 3.24
C VAL A 138 -7.91 -2.29 2.48
N ALA A 139 -6.64 -2.09 2.80
CA ALA A 139 -5.54 -2.84 2.20
C ALA A 139 -4.71 -3.43 3.32
N SER A 140 -4.75 -4.74 3.46
CA SER A 140 -3.85 -5.40 4.40
C SER A 140 -2.59 -5.81 3.63
N ILE A 141 -1.44 -5.67 4.29
CA ILE A 141 -0.15 -5.85 3.63
C ILE A 141 0.49 -7.14 4.12
N LYS A 142 0.73 -8.06 3.18
CA LYS A 142 1.55 -9.24 3.38
C LYS A 142 3.00 -8.89 3.02
N LEU A 143 3.96 -9.45 3.77
CA LEU A 143 5.38 -9.20 3.59
C LEU A 143 6.15 -10.51 3.56
N ILE A 144 6.87 -10.77 2.47
CA ILE A 144 7.78 -11.90 2.36
C ILE A 144 9.15 -11.36 2.01
N THR A 145 10.17 -11.77 2.79
CA THR A 145 11.54 -11.36 2.56
C THR A 145 12.43 -12.55 2.31
N GLU A 146 13.37 -12.37 1.40
CA GLU A 146 14.53 -13.24 1.19
C GLU A 146 15.05 -13.89 2.47
N GLY A 147 15.52 -13.05 3.40
CA GLY A 147 16.20 -13.57 4.58
C GLY A 147 15.31 -14.41 5.47
N ALA A 148 14.06 -14.00 5.66
CA ALA A 148 13.20 -14.84 6.47
C ALA A 148 12.86 -16.13 5.74
N SER A 149 12.60 -16.03 4.43
CA SER A 149 12.22 -17.22 3.63
C SER A 149 13.37 -18.21 3.53
N LYS A 150 14.59 -17.70 3.31
CA LYS A 150 15.75 -18.58 3.33
C LYS A 150 15.93 -19.25 4.69
N ARG A 151 15.75 -18.48 5.76
CA ARG A 151 16.01 -18.99 7.11
C ARG A 151 15.00 -20.07 7.51
N ILE A 152 13.72 -19.84 7.24
CA ILE A 152 12.75 -20.88 7.59
C ILE A 152 12.97 -22.13 6.73
N ALA A 153 13.39 -21.95 5.47
CA ALA A 153 13.65 -23.11 4.62
C ALA A 153 14.82 -23.92 5.13
N GLU A 154 15.92 -23.25 5.54
CA GLU A 154 17.04 -23.94 6.19
C GLU A 154 16.57 -24.67 7.45
N PHE A 155 15.76 -24.01 8.28
CA PHE A 155 15.22 -24.65 9.47
C PHE A 155 14.53 -25.96 9.13
N ALA A 156 13.72 -25.95 8.09
CA ALA A 156 12.87 -27.13 7.90
C ALA A 156 13.66 -28.30 7.34
N PHE A 157 14.61 -28.01 6.45
CA PHE A 157 15.52 -29.05 6.00
C PHE A 157 16.33 -29.57 7.18
N GLU A 158 16.75 -28.66 8.07
CA GLU A 158 17.53 -29.09 9.22
C GLU A 158 16.66 -29.88 10.19
N TYR A 159 15.41 -29.46 10.37
CA TYR A 159 14.50 -30.22 11.23
C TYR A 159 14.32 -31.64 10.70
N ALA A 160 14.24 -31.77 9.37
CA ALA A 160 14.01 -33.08 8.77
C ALA A 160 15.16 -34.03 9.05
N ARG A 161 16.38 -33.50 9.12
CA ARG A 161 17.52 -34.32 9.49
C ARG A 161 17.50 -34.69 10.97
N ASN A 162 17.22 -33.71 11.85
CA ASN A 162 17.24 -33.99 13.29
C ASN A 162 16.24 -35.08 13.67
N ASN A 163 15.13 -35.20 12.93
CA ASN A 163 14.06 -36.13 13.29
C ASN A 163 13.84 -37.21 12.23
N HIS A 164 14.82 -37.39 11.35
CA HIS A 164 14.86 -38.46 10.36
C HIS A 164 13.54 -38.54 9.60
N ARG A 165 13.15 -37.39 9.06
CA ARG A 165 12.10 -37.26 8.07
C ARG A 165 12.77 -37.26 6.70
N SER A 166 12.04 -37.68 5.66
CA SER A 166 12.71 -37.85 4.39
C SER A 166 12.29 -36.87 3.29
N ASN A 167 11.14 -36.19 3.43
CA ASN A 167 10.70 -35.21 2.44
C ASN A 167 10.26 -33.91 3.09
N VAL A 168 10.58 -32.80 2.42
CA VAL A 168 10.08 -31.46 2.74
C VAL A 168 9.23 -31.00 1.57
N THR A 169 8.06 -30.40 1.86
CA THR A 169 7.16 -29.86 0.84
C THR A 169 7.02 -28.36 1.04
N ALA A 170 7.51 -27.58 0.08
CA ALA A 170 7.23 -26.15 0.06
C ALA A 170 5.77 -25.93 -0.34
N VAL A 171 4.98 -25.34 0.57
CA VAL A 171 3.57 -25.04 0.32
C VAL A 171 3.42 -23.54 0.11
N HIS A 172 2.70 -23.18 -0.96
CA HIS A 172 2.75 -21.81 -1.46
C HIS A 172 1.57 -21.60 -2.40
N LYS A 173 1.42 -20.35 -2.81
CA LYS A 173 0.43 -19.93 -3.81
C LYS A 173 1.09 -19.00 -4.82
N ALA A 174 2.27 -19.38 -5.30
CA ALA A 174 3.01 -18.47 -6.17
C ALA A 174 2.34 -18.28 -7.52
N ASN A 175 1.34 -19.10 -7.87
CA ASN A 175 0.55 -18.77 -9.05
C ASN A 175 -0.27 -17.51 -8.79
N ILE A 176 -0.94 -17.42 -7.64
CA ILE A 176 -1.77 -16.25 -7.38
C ILE A 176 -0.92 -15.05 -7.00
N MET A 177 -0.07 -15.19 -5.98
CA MET A 177 0.84 -14.14 -5.51
C MET A 177 2.26 -14.39 -6.06
N ARG A 178 2.52 -13.88 -7.28
CA ARG A 178 3.73 -14.31 -8.00
C ARG A 178 5.01 -13.79 -7.34
N MET A 179 5.01 -12.53 -6.88
CA MET A 179 6.23 -11.96 -6.32
C MET A 179 6.56 -12.53 -4.94
N SER A 180 5.61 -12.43 -3.99
CA SER A 180 5.88 -12.81 -2.61
C SER A 180 6.04 -14.33 -2.46
N ASP A 181 5.01 -15.10 -2.79
CA ASP A 181 5.20 -16.55 -2.72
C ASP A 181 6.28 -17.02 -3.68
N GLY A 182 6.43 -16.36 -4.83
CA GLY A 182 7.53 -16.68 -5.72
C GLY A 182 8.87 -16.61 -5.00
N LEU A 183 9.09 -15.52 -4.27
CA LEU A 183 10.33 -15.37 -3.51
C LEU A 183 10.46 -16.42 -2.42
N PHE A 184 9.35 -16.74 -1.74
CA PHE A 184 9.40 -17.79 -0.74
C PHE A 184 9.79 -19.10 -1.39
N LEU A 185 9.20 -19.41 -2.54
CA LEU A 185 9.44 -20.70 -3.16
C LEU A 185 10.81 -20.77 -3.82
N GLN A 186 11.25 -19.68 -4.45
CA GLN A 186 12.59 -19.70 -5.04
C GLN A 186 13.65 -19.88 -3.97
N LYS A 187 13.42 -19.34 -2.77
CA LYS A 187 14.41 -19.49 -1.71
C LYS A 187 14.40 -20.89 -1.09
N CYS A 188 13.25 -21.57 -1.10
CA CYS A 188 13.26 -22.97 -0.67
C CYS A 188 13.92 -23.86 -1.70
N ARG A 189 13.70 -23.61 -2.99
CA ARG A 189 14.39 -24.36 -4.02
C ARG A 189 15.89 -24.27 -3.85
N GLU A 190 16.39 -23.09 -3.47
CA GLU A 190 17.82 -22.94 -3.27
C GLU A 190 18.30 -23.81 -2.12
N VAL A 191 17.67 -23.72 -0.95
CA VAL A 191 18.17 -24.58 0.14
C VAL A 191 17.92 -26.06 -0.20
N ALA A 192 16.88 -26.35 -0.99
CA ALA A 192 16.64 -27.72 -1.39
C ALA A 192 17.80 -28.26 -2.20
N GLU A 193 18.38 -27.43 -3.09
CA GLU A 193 19.51 -27.82 -3.94
C GLU A 193 20.81 -27.94 -3.19
N SER A 194 20.90 -27.43 -1.95
CA SER A 194 22.06 -27.60 -1.09
C SER A 194 21.93 -28.77 -0.12
N CYS A 195 20.78 -29.46 -0.12
CA CYS A 195 20.58 -30.58 0.80
C CYS A 195 19.90 -31.74 0.06
N LYS A 196 20.65 -32.30 -0.91
CA LYS A 196 20.10 -33.38 -1.73
C LYS A 196 19.83 -34.66 -0.95
N ASP A 197 20.30 -34.77 0.30
CA ASP A 197 19.95 -35.92 1.12
C ASP A 197 18.48 -35.94 1.51
N ILE A 198 17.74 -34.87 1.22
CA ILE A 198 16.34 -34.72 1.61
C ILE A 198 15.51 -34.51 0.35
N LYS A 199 14.49 -35.36 0.15
CA LYS A 199 13.68 -35.24 -1.05
C LYS A 199 12.78 -34.01 -0.94
N PHE A 200 12.69 -33.23 -2.02
CA PHE A 200 11.99 -31.95 -2.00
C PHE A 200 10.92 -31.85 -3.08
N ASN A 201 9.80 -31.18 -2.75
CA ASN A 201 8.75 -30.93 -3.72
C ASN A 201 7.95 -29.70 -3.30
N GLU A 202 7.14 -29.18 -4.22
CA GLU A 202 6.30 -28.04 -3.92
C GLU A 202 4.87 -28.29 -4.40
N MET A 203 3.92 -27.74 -3.66
CA MET A 203 2.51 -27.96 -3.87
C MET A 203 1.75 -26.68 -3.54
N TYR A 204 0.77 -26.32 -4.39
CA TYR A 204 -0.13 -25.21 -4.06
C TYR A 204 -0.96 -25.54 -2.81
N LEU A 205 -1.28 -24.50 -2.05
CA LEU A 205 -1.90 -24.69 -0.73
C LEU A 205 -3.26 -25.36 -0.84
N ASP A 206 -4.12 -24.86 -1.75
CA ASP A 206 -5.41 -25.51 -1.97
C ASP A 206 -5.25 -27.00 -2.23
N THR A 207 -4.34 -27.37 -3.12
CA THR A 207 -4.10 -28.78 -3.42
C THR A 207 -3.72 -29.57 -2.16
N VAL A 208 -2.79 -29.03 -1.36
CA VAL A 208 -2.45 -29.69 -0.10
C VAL A 208 -3.71 -29.95 0.72
N CYS A 209 -4.53 -28.91 0.94
CA CYS A 209 -5.74 -29.17 1.71
C CYS A 209 -6.70 -30.09 0.98
N LEU A 210 -6.76 -30.04 -0.34
CA LEU A 210 -7.61 -30.97 -1.06
C LEU A 210 -7.15 -32.41 -0.87
N ASN A 211 -5.83 -32.62 -0.72
CA ASN A 211 -5.28 -33.96 -0.56
C ASN A 211 -5.15 -34.37 0.89
N MET A 212 -4.66 -33.47 1.74
CA MET A 212 -4.49 -33.77 3.16
C MET A 212 -5.75 -34.45 3.72
N VAL A 213 -6.94 -33.92 3.42
CA VAL A 213 -8.14 -34.52 4.02
C VAL A 213 -8.51 -35.84 3.39
N GLN A 214 -7.89 -36.22 2.27
CA GLN A 214 -8.20 -37.47 1.60
C GLN A 214 -7.16 -38.55 1.91
N ASP A 215 -5.88 -38.19 1.85
CA ASP A 215 -4.80 -39.13 2.13
C ASP A 215 -3.66 -38.39 2.78
N PRO A 216 -3.66 -38.30 4.12
CA PRO A 216 -2.52 -37.69 4.83
C PRO A 216 -1.21 -38.48 4.69
N SER A 217 -1.29 -39.75 4.30
CA SER A 217 -0.13 -40.59 4.03
C SER A 217 0.95 -39.90 3.19
N GLN A 218 0.58 -38.95 2.34
CA GLN A 218 1.48 -38.45 1.30
C GLN A 218 2.37 -37.30 1.74
N PHE A 219 2.21 -36.81 2.95
CA PHE A 219 2.95 -35.64 3.37
C PHE A 219 3.86 -35.97 4.54
N ASP A 220 4.88 -35.14 4.71
CA ASP A 220 5.92 -35.36 5.69
C ASP A 220 6.13 -34.11 6.54
N VAL A 221 7.08 -33.30 6.08
CA VAL A 221 7.37 -31.99 6.61
C VAL A 221 6.83 -30.98 5.63
N LEU A 222 6.15 -29.95 6.14
CA LEU A 222 5.51 -28.88 5.38
C LEU A 222 6.18 -27.56 5.72
N VAL A 223 6.53 -26.71 4.75
CA VAL A 223 6.94 -25.34 5.06
C VAL A 223 6.11 -24.37 4.28
N MET A 224 5.67 -23.30 4.95
CA MET A 224 4.78 -22.29 4.42
C MET A 224 5.18 -20.95 5.03
N PRO A 225 4.76 -19.85 4.44
CA PRO A 225 4.75 -18.60 5.19
C PRO A 225 3.61 -18.59 6.19
N ASN A 226 3.60 -17.53 6.99
CA ASN A 226 2.87 -17.48 8.25
C ASN A 226 1.40 -17.90 8.11
N LEU A 227 0.65 -17.22 7.23
CA LEU A 227 -0.80 -17.42 7.17
C LEU A 227 -1.17 -18.83 6.72
N TYR A 228 -0.42 -19.40 5.77
CA TYR A 228 -0.75 -20.76 5.33
C TYR A 228 -0.52 -21.77 6.46
N GLY A 229 0.61 -21.68 7.15
CA GLY A 229 0.89 -22.61 8.23
C GLY A 229 -0.12 -22.52 9.36
N ASP A 230 -0.60 -21.30 9.65
CA ASP A 230 -1.66 -21.17 10.64
C ASP A 230 -2.85 -22.05 10.28
N ILE A 231 -3.30 -21.99 9.02
CA ILE A 231 -4.52 -22.70 8.65
C ILE A 231 -4.25 -24.21 8.53
N LEU A 232 -3.18 -24.59 7.84
CA LEU A 232 -2.95 -26.02 7.63
C LEU A 232 -2.73 -26.76 8.93
N SER A 233 -2.18 -26.10 9.94
CA SER A 233 -1.93 -26.81 11.18
C SER A 233 -3.22 -27.05 11.96
N ASP A 234 -4.23 -26.19 11.77
CA ASP A 234 -5.54 -26.49 12.33
C ASP A 234 -6.25 -27.55 11.51
N LEU A 235 -6.16 -27.45 10.19
CA LEU A 235 -6.67 -28.50 9.33
C LEU A 235 -6.23 -29.87 9.82
N CYS A 236 -4.91 -30.02 10.07
CA CYS A 236 -4.53 -31.40 10.35
C CYS A 236 -4.77 -31.74 11.81
N ALA A 237 -4.93 -30.77 12.70
CA ALA A 237 -5.40 -31.10 14.04
C ALA A 237 -6.73 -31.83 13.98
N GLY A 238 -7.62 -31.42 13.06
CA GLY A 238 -8.83 -32.16 12.79
C GLY A 238 -8.60 -33.64 12.53
N LEU A 239 -7.42 -34.00 11.99
CA LEU A 239 -7.21 -35.38 11.60
C LEU A 239 -7.13 -36.31 12.80
N ILE A 240 -6.43 -35.91 13.87
CA ILE A 240 -5.93 -36.84 14.87
C ILE A 240 -6.68 -36.75 16.19
N GLY A 241 -7.63 -35.82 16.33
CA GLY A 241 -8.36 -35.68 17.58
C GLY A 241 -8.87 -34.27 17.87
N GLY A 242 -8.30 -33.26 17.22
CA GLY A 242 -8.75 -31.88 17.36
C GLY A 242 -7.75 -30.98 18.09
N LEU A 243 -8.20 -29.77 18.38
CA LEU A 243 -7.34 -28.77 19.00
C LEU A 243 -6.96 -29.07 20.46
N GLY A 244 -7.38 -30.19 21.04
CA GLY A 244 -7.06 -30.50 22.42
C GLY A 244 -5.84 -31.38 22.61
N VAL A 245 -5.13 -31.72 21.54
CA VAL A 245 -4.00 -32.64 21.61
C VAL A 245 -2.79 -32.14 20.84
N THR A 246 -2.87 -30.99 20.16
CA THR A 246 -1.87 -30.63 19.17
C THR A 246 -0.87 -29.63 19.74
N PRO A 247 0.38 -30.02 19.86
CA PRO A 247 1.40 -29.18 20.49
C PRO A 247 2.09 -28.26 19.48
N SER A 248 2.88 -27.34 20.02
CA SER A 248 3.65 -26.43 19.17
C SER A 248 4.83 -25.86 19.95
N GLY A 249 5.79 -25.34 19.19
CA GLY A 249 6.88 -24.59 19.80
C GLY A 249 7.43 -23.50 18.90
N ASN A 250 7.62 -22.31 19.47
CA ASN A 250 8.17 -21.16 18.74
C ASN A 250 9.67 -21.14 18.97
N ILE A 251 10.43 -21.41 17.92
CA ILE A 251 11.88 -21.60 18.04
C ILE A 251 12.59 -20.39 17.44
N GLY A 252 13.63 -19.93 18.14
CA GLY A 252 14.51 -18.92 17.60
C GLY A 252 15.95 -19.39 17.58
N ALA A 253 16.88 -18.45 17.41
CA ALA A 253 18.30 -18.75 17.41
C ALA A 253 18.80 -18.99 18.83
N ASN A 254 19.91 -19.73 18.92
CA ASN A 254 20.63 -19.87 20.19
C ASN A 254 19.77 -20.56 21.26
N GLY A 255 18.89 -21.47 20.85
CA GLY A 255 18.10 -22.20 21.84
C GLY A 255 17.15 -21.36 22.66
N VAL A 256 16.66 -20.25 22.10
CA VAL A 256 15.56 -19.48 22.67
C VAL A 256 14.25 -20.01 22.09
N ALA A 257 13.25 -20.20 22.96
CA ALA A 257 12.02 -20.83 22.50
C ALA A 257 10.90 -20.60 23.51
N ILE A 258 9.68 -20.48 22.98
CA ILE A 258 8.46 -20.49 23.78
C ILE A 258 7.60 -21.61 23.24
N PHE A 259 7.24 -22.55 24.09
CA PHE A 259 6.36 -23.64 23.71
C PHE A 259 4.95 -23.28 24.08
N GLU A 260 4.00 -23.65 23.21
CA GLU A 260 2.57 -23.39 23.45
C GLU A 260 1.75 -24.40 22.68
N SER A 261 0.51 -24.57 23.10
CA SER A 261 -0.32 -25.41 22.25
C SER A 261 -0.79 -24.62 21.04
N VAL A 262 -1.32 -25.36 20.05
CA VAL A 262 -1.78 -24.76 18.81
C VAL A 262 -3.11 -24.05 18.99
N HIS A 263 -3.87 -24.45 19.99
CA HIS A 263 -5.21 -23.93 20.21
C HIS A 263 -5.15 -22.54 20.86
N GLY A 264 -6.27 -21.83 20.71
CA GLY A 264 -6.43 -20.54 21.34
C GLY A 264 -7.10 -20.64 22.69
N THR A 265 -7.93 -19.65 22.98
CA THR A 265 -8.39 -19.39 24.34
C THR A 265 -9.52 -20.31 24.78
N ALA A 266 -10.37 -20.76 23.84
CA ALA A 266 -11.51 -21.65 24.08
C ALA A 266 -12.53 -20.95 24.98
N PRO A 267 -13.02 -19.78 24.59
CA PRO A 267 -13.86 -18.98 25.50
C PRO A 267 -15.17 -19.64 25.88
N ASP A 268 -15.60 -20.66 25.14
CA ASP A 268 -16.87 -21.33 25.39
C ASP A 268 -16.77 -22.43 26.44
N ILE A 269 -15.57 -22.74 26.94
CA ILE A 269 -15.39 -23.81 27.94
C ILE A 269 -14.49 -23.30 29.05
N ALA A 270 -14.39 -21.98 29.16
CA ALA A 270 -13.34 -21.38 29.98
C ALA A 270 -13.59 -21.64 31.47
N GLY A 271 -14.71 -21.16 32.03
CA GLY A 271 -14.89 -21.25 33.47
C GLY A 271 -14.94 -22.67 34.02
N LYS A 272 -15.33 -23.63 33.18
CA LYS A 272 -15.66 -24.97 33.64
C LYS A 272 -14.37 -25.74 33.82
N ASP A 273 -14.45 -27.06 33.93
CA ASP A 273 -13.25 -27.87 34.08
C ASP A 273 -13.16 -28.88 32.94
N MET A 274 -13.47 -28.41 31.73
CA MET A 274 -13.67 -29.27 30.58
C MET A 274 -12.46 -29.36 29.66
N ALA A 275 -11.48 -28.46 29.83
CA ALA A 275 -10.33 -28.32 28.96
C ALA A 275 -9.58 -29.63 28.74
N ASN A 276 -8.85 -29.66 27.62
CA ASN A 276 -7.89 -30.72 27.41
C ASN A 276 -6.49 -30.16 27.56
N PRO A 277 -5.71 -30.62 28.52
CA PRO A 277 -4.34 -30.12 28.67
C PRO A 277 -3.29 -30.87 27.88
N THR A 278 -3.62 -31.98 27.20
CA THR A 278 -2.54 -32.72 26.55
C THR A 278 -1.82 -31.87 25.51
N ALA A 279 -2.52 -30.91 24.91
CA ALA A 279 -1.90 -30.00 23.96
C ALA A 279 -0.76 -29.23 24.60
N LEU A 280 -1.05 -28.49 25.67
CA LEU A 280 0.04 -27.80 26.37
C LEU A 280 0.97 -28.77 27.06
N LEU A 281 0.46 -29.93 27.46
CA LEU A 281 1.35 -30.95 28.03
C LEU A 281 2.35 -31.42 27.00
N LEU A 282 1.87 -31.85 25.83
CA LEU A 282 2.77 -32.39 24.80
C LEU A 282 3.75 -31.33 24.32
N SER A 283 3.35 -30.06 24.40
CA SER A 283 4.36 -29.07 24.04
C SER A 283 5.35 -28.88 25.16
N ALA A 284 4.97 -28.96 26.43
CA ALA A 284 5.97 -28.99 27.48
C ALA A 284 6.86 -30.22 27.34
N VAL A 285 6.33 -31.29 26.73
CA VAL A 285 7.17 -32.44 26.44
C VAL A 285 8.19 -32.09 25.36
N MET A 286 7.76 -31.39 24.29
CA MET A 286 8.72 -30.82 23.35
C MET A 286 9.73 -29.96 24.09
N MET A 287 9.26 -29.16 25.05
CA MET A 287 10.13 -28.25 25.78
C MET A 287 11.19 -28.99 26.59
N LEU A 288 10.82 -30.12 27.21
CA LEU A 288 11.80 -30.89 27.96
C LEU A 288 12.87 -31.44 27.02
N ARG A 289 12.46 -32.02 25.90
CA ARG A 289 13.42 -32.57 24.96
C ARG A 289 14.31 -31.48 24.37
N HIS A 290 13.75 -30.30 24.12
CA HIS A 290 14.57 -29.16 23.73
C HIS A 290 15.68 -28.90 24.73
N MET A 291 15.39 -29.06 26.02
CA MET A 291 16.31 -28.86 27.12
C MET A 291 17.20 -30.06 27.40
N GLY A 292 17.08 -31.15 26.64
CA GLY A 292 17.91 -32.30 26.92
C GLY A 292 17.50 -33.10 28.13
N LEU A 293 16.29 -32.86 28.65
CA LEU A 293 15.75 -33.64 29.76
C LEU A 293 14.90 -34.78 29.19
N PHE A 294 15.58 -35.72 28.54
CA PHE A 294 14.88 -36.73 27.74
C PHE A 294 14.11 -37.72 28.60
N ASP A 295 14.68 -38.16 29.72
CA ASP A 295 14.03 -39.22 30.49
C ASP A 295 12.82 -38.71 31.29
N HIS A 296 12.75 -37.41 31.61
CA HIS A 296 11.49 -36.91 32.15
C HIS A 296 10.46 -36.72 31.06
N ALA A 297 10.89 -36.23 29.89
CA ALA A 297 9.99 -36.13 28.76
C ALA A 297 9.39 -37.49 28.40
N ALA A 298 10.21 -38.54 28.42
CA ALA A 298 9.71 -39.85 28.00
C ALA A 298 8.57 -40.31 28.90
N ARG A 299 8.72 -40.12 30.22
CA ARG A 299 7.71 -40.59 31.17
C ARG A 299 6.46 -39.73 31.10
N ILE A 300 6.62 -38.41 31.11
CA ILE A 300 5.46 -37.53 31.06
C ILE A 300 4.61 -37.84 29.85
N GLU A 301 5.26 -37.95 28.69
CA GLU A 301 4.58 -38.40 27.48
C GLU A 301 3.90 -39.74 27.68
N ALA A 302 4.69 -40.77 28.01
CA ALA A 302 4.18 -42.14 28.14
C ALA A 302 2.93 -42.21 29.01
N ALA A 303 2.87 -41.35 30.04
CA ALA A 303 1.76 -41.37 30.98
C ALA A 303 0.48 -40.85 30.35
N CYS A 304 0.56 -39.66 29.73
CA CYS A 304 -0.63 -39.13 29.10
C CYS A 304 -1.11 -40.06 27.98
N PHE A 305 -0.23 -40.63 27.18
CA PHE A 305 -0.65 -41.59 26.16
C PHE A 305 -1.29 -42.82 26.78
N ALA A 306 -0.65 -43.41 27.79
CA ALA A 306 -1.24 -44.55 28.49
C ALA A 306 -2.60 -44.19 29.06
N THR A 307 -2.69 -43.02 29.70
CA THR A 307 -3.98 -42.48 30.15
C THR A 307 -4.98 -42.39 29.01
N ILE A 308 -4.53 -42.08 27.79
CA ILE A 308 -5.50 -41.95 26.70
C ILE A 308 -5.83 -43.31 26.12
N LYS A 309 -4.83 -44.19 25.96
CA LYS A 309 -5.07 -45.51 25.34
C LYS A 309 -6.00 -46.36 26.20
N ASP A 310 -6.04 -46.08 27.51
CA ASP A 310 -6.96 -46.79 28.40
C ASP A 310 -8.41 -46.46 28.07
N GLY A 311 -8.73 -45.18 27.95
CA GLY A 311 -10.10 -44.75 28.07
C GLY A 311 -10.30 -44.33 29.51
N LYS A 312 -11.48 -44.60 30.05
CA LYS A 312 -11.77 -44.44 31.48
C LYS A 312 -11.91 -42.96 31.86
N SER A 313 -10.92 -42.13 31.55
CA SER A 313 -10.91 -40.77 32.10
C SER A 313 -10.79 -39.67 31.05
N LEU A 314 -11.08 -39.93 29.77
CA LEU A 314 -10.81 -38.93 28.74
C LEU A 314 -11.72 -37.72 28.92
N THR A 315 -11.19 -36.56 28.57
CA THR A 315 -11.88 -35.29 28.68
C THR A 315 -13.01 -35.21 27.64
N LYS A 316 -13.80 -34.12 27.70
CA LYS A 316 -15.01 -34.03 26.88
C LYS A 316 -14.69 -34.13 25.38
N ASP A 317 -13.74 -33.34 24.90
CA ASP A 317 -13.38 -33.26 23.49
C ASP A 317 -12.95 -34.59 22.87
N LEU A 318 -12.57 -35.58 23.68
CA LEU A 318 -12.09 -36.85 23.17
C LEU A 318 -13.10 -37.99 23.39
N GLY A 319 -14.37 -37.64 23.61
CA GLY A 319 -15.40 -38.63 23.88
C GLY A 319 -15.42 -39.07 25.33
N GLY A 320 -15.56 -38.13 26.26
CA GLY A 320 -15.48 -38.47 27.67
C GLY A 320 -16.36 -37.57 28.50
N ASN A 321 -16.45 -37.93 29.78
CA ASN A 321 -17.23 -37.21 30.77
C ASN A 321 -16.34 -36.54 31.81
N ALA A 322 -15.02 -36.69 31.69
CA ALA A 322 -14.11 -36.38 32.78
C ALA A 322 -13.78 -34.89 32.84
N LYS A 323 -13.79 -34.34 34.06
CA LYS A 323 -13.33 -32.98 34.26
C LYS A 323 -11.82 -32.90 33.94
N CYS A 324 -11.37 -31.68 33.61
CA CYS A 324 -9.95 -31.47 33.36
C CYS A 324 -9.10 -31.84 34.58
N SER A 325 -9.52 -31.42 35.78
CA SER A 325 -8.87 -31.84 37.01
C SER A 325 -8.81 -33.35 37.12
N ASP A 326 -9.95 -34.03 36.94
CA ASP A 326 -9.98 -35.48 37.01
C ASP A 326 -9.04 -36.09 35.98
N PHE A 327 -9.02 -35.53 34.76
CA PHE A 327 -8.13 -36.05 33.73
C PHE A 327 -6.68 -35.91 34.13
N THR A 328 -6.30 -34.73 34.62
CA THR A 328 -4.90 -34.50 34.99
C THR A 328 -4.45 -35.47 36.08
N GLU A 329 -5.28 -35.69 37.10
CA GLU A 329 -4.91 -36.59 38.20
C GLU A 329 -4.55 -37.99 37.71
N GLU A 330 -5.20 -38.49 36.65
CA GLU A 330 -4.83 -39.82 36.19
C GLU A 330 -3.46 -39.82 35.53
N ILE A 331 -3.13 -38.76 34.78
CA ILE A 331 -1.76 -38.64 34.24
C ILE A 331 -0.77 -38.63 35.40
N CYS A 332 -1.00 -37.78 36.41
CA CYS A 332 -0.08 -37.74 37.54
C CYS A 332 -0.03 -39.07 38.28
N ARG A 333 -1.16 -39.71 38.49
CA ARG A 333 -1.16 -41.03 39.09
C ARG A 333 -0.24 -41.98 38.32
N ARG A 334 -0.22 -41.88 36.99
CA ARG A 334 0.48 -42.89 36.18
C ARG A 334 1.98 -42.61 36.08
N VAL A 335 2.43 -41.34 36.13
CA VAL A 335 3.80 -40.84 36.24
C VAL A 335 4.62 -41.52 37.32
N LYS A 336 4.01 -41.28 38.48
CA LYS A 336 4.66 -41.56 39.77
C LYS A 336 4.98 -43.06 39.85
N ASP A 337 4.08 -43.91 39.35
CA ASP A 337 4.39 -45.33 39.21
C ASP A 337 5.03 -45.55 37.83
N SER B 14 -31.46 -24.84 -29.29
CA SER B 14 -32.41 -23.76 -29.01
C SER B 14 -31.74 -22.71 -28.10
N PHE B 15 -31.31 -23.18 -26.92
CA PHE B 15 -30.68 -22.30 -25.93
C PHE B 15 -29.18 -22.13 -26.22
N PRO B 16 -28.71 -20.90 -26.46
CA PRO B 16 -27.28 -20.69 -26.64
C PRO B 16 -26.57 -20.54 -25.32
N VAL B 17 -25.48 -21.29 -25.16
CA VAL B 17 -24.66 -21.35 -23.96
C VAL B 17 -23.23 -21.05 -24.36
N THR B 18 -22.59 -20.13 -23.65
CA THR B 18 -21.17 -19.88 -23.87
C THR B 18 -20.33 -20.97 -23.21
N MET B 19 -19.28 -21.40 -23.92
CA MET B 19 -18.43 -22.48 -23.46
C MET B 19 -16.98 -22.05 -23.60
N LEU B 20 -16.23 -22.18 -22.51
CA LEU B 20 -14.78 -21.94 -22.47
C LEU B 20 -14.14 -23.19 -21.93
N PRO B 21 -13.55 -24.04 -22.77
CA PRO B 21 -13.10 -25.35 -22.26
C PRO B 21 -12.00 -25.25 -21.24
N GLY B 22 -11.04 -24.35 -21.44
CA GLY B 22 -10.04 -24.09 -20.41
C GLY B 22 -8.81 -24.97 -20.49
N ASP B 23 -8.18 -25.11 -19.33
CA ASP B 23 -6.89 -25.75 -19.22
C ASP B 23 -7.01 -27.26 -18.97
N GLY B 24 -5.93 -27.95 -19.29
CA GLY B 24 -5.73 -29.32 -18.89
C GLY B 24 -6.83 -30.23 -19.38
N VAL B 25 -7.54 -30.84 -18.44
CA VAL B 25 -8.66 -31.73 -18.76
C VAL B 25 -9.91 -30.96 -19.13
N GLY B 26 -9.87 -29.62 -19.06
CA GLY B 26 -10.99 -28.78 -19.42
C GLY B 26 -11.66 -29.25 -20.69
N PRO B 27 -10.91 -29.28 -21.79
CA PRO B 27 -11.53 -29.73 -23.05
C PRO B 27 -12.06 -31.14 -22.98
N GLU B 28 -11.32 -32.08 -22.37
CA GLU B 28 -11.81 -33.45 -22.30
C GLU B 28 -13.08 -33.53 -21.45
N LEU B 29 -13.19 -32.67 -20.43
CA LEU B 29 -14.42 -32.58 -19.63
C LEU B 29 -15.56 -32.02 -20.46
N MET B 30 -15.33 -30.87 -21.10
CA MET B 30 -16.38 -30.28 -21.93
C MET B 30 -16.88 -31.29 -22.96
N HIS B 31 -15.98 -32.11 -23.47
CA HIS B 31 -16.35 -33.11 -24.45
C HIS B 31 -17.33 -34.11 -23.87
N ALA B 32 -17.13 -34.52 -22.62
CA ALA B 32 -18.08 -35.44 -22.01
C ALA B 32 -19.42 -34.77 -21.83
N VAL B 33 -19.45 -33.47 -21.50
CA VAL B 33 -20.73 -32.79 -21.38
C VAL B 33 -21.48 -32.82 -22.70
N LYS B 34 -20.78 -32.49 -23.80
CA LYS B 34 -21.42 -32.48 -25.11
C LYS B 34 -21.96 -33.86 -25.45
N GLU B 35 -21.23 -34.92 -25.12
CA GLU B 35 -21.65 -36.27 -25.46
C GLU B 35 -22.87 -36.67 -24.65
N VAL B 36 -22.88 -36.33 -23.37
CA VAL B 36 -24.01 -36.64 -22.51
C VAL B 36 -25.24 -35.86 -22.94
N PHE B 37 -25.07 -34.58 -23.29
CA PHE B 37 -26.18 -33.77 -23.78
C PHE B 37 -26.79 -34.39 -25.05
N LYS B 38 -25.95 -34.70 -26.05
CA LYS B 38 -26.44 -35.36 -27.26
C LYS B 38 -27.27 -36.59 -26.93
N ALA B 39 -26.81 -37.43 -26.01
CA ALA B 39 -27.55 -38.65 -25.71
C ALA B 39 -28.89 -38.33 -25.07
N ALA B 40 -28.94 -37.26 -24.28
CA ALA B 40 -30.17 -36.80 -23.65
C ALA B 40 -30.99 -35.93 -24.58
N ALA B 41 -30.52 -35.69 -25.78
CA ALA B 41 -31.16 -34.77 -26.72
C ALA B 41 -31.44 -33.40 -26.07
N VAL B 42 -30.41 -32.83 -25.44
CA VAL B 42 -30.59 -31.57 -24.72
C VAL B 42 -30.59 -30.42 -25.73
N PRO B 43 -31.65 -29.57 -25.73
CA PRO B 43 -31.78 -28.44 -26.68
C PRO B 43 -30.90 -27.25 -26.30
N VAL B 44 -29.60 -27.47 -26.31
CA VAL B 44 -28.62 -26.44 -26.03
C VAL B 44 -27.60 -26.46 -27.15
N GLU B 45 -27.22 -25.28 -27.66
CA GLU B 45 -26.18 -25.16 -28.66
C GLU B 45 -25.04 -24.35 -28.04
N PHE B 46 -23.87 -24.97 -27.89
CA PHE B 46 -22.72 -24.37 -27.23
C PHE B 46 -21.97 -23.49 -28.21
N GLN B 47 -21.67 -22.27 -27.79
CA GLN B 47 -20.81 -21.35 -28.55
C GLN B 47 -19.43 -21.39 -27.92
N GLU B 48 -18.49 -22.11 -28.53
CA GLU B 48 -17.18 -22.30 -27.92
C GLU B 48 -16.29 -21.08 -28.12
N HIS B 49 -15.52 -20.76 -27.08
CA HIS B 49 -14.59 -19.64 -27.04
C HIS B 49 -13.33 -20.13 -26.35
N HIS B 50 -12.17 -19.71 -26.80
CA HIS B 50 -10.91 -20.24 -26.30
C HIS B 50 -10.12 -19.11 -25.65
N LEU B 51 -9.99 -19.16 -24.32
CA LEU B 51 -9.39 -18.08 -23.56
C LEU B 51 -8.10 -18.46 -22.85
N SER B 52 -7.80 -19.74 -22.68
CA SER B 52 -6.69 -20.16 -21.84
C SER B 52 -5.33 -19.99 -22.55
N GLU B 53 -4.40 -19.28 -21.88
CA GLU B 53 -3.01 -19.11 -22.35
C GLU B 53 -2.94 -18.59 -23.78
N VAL B 54 -3.90 -17.71 -24.12
CA VAL B 54 -3.86 -16.98 -25.39
C VAL B 54 -2.88 -15.82 -25.27
N GLN B 55 -2.21 -15.49 -26.38
CA GLN B 55 -1.17 -14.46 -26.40
C GLN B 55 -1.66 -13.18 -25.70
N ASN B 56 -0.73 -12.54 -24.98
CA ASN B 56 -1.09 -11.43 -24.09
C ASN B 56 -1.66 -10.23 -24.87
N MET B 57 -1.16 -9.96 -26.08
CA MET B 57 -1.69 -8.83 -26.84
C MET B 57 -3.11 -9.08 -27.35
N ALA B 58 -3.44 -10.33 -27.70
CA ALA B 58 -4.79 -10.68 -28.16
C ALA B 58 -5.76 -10.94 -27.01
N SER B 59 -5.31 -10.80 -25.75
CA SER B 59 -6.13 -11.16 -24.59
C SER B 59 -7.42 -10.35 -24.54
N GLU B 60 -7.32 -9.01 -24.51
CA GLU B 60 -8.49 -8.20 -24.21
C GLU B 60 -9.58 -8.30 -25.27
N GLU B 61 -9.22 -8.63 -26.52
CA GLU B 61 -10.24 -8.84 -27.55
C GLU B 61 -11.01 -10.14 -27.32
N LYS B 62 -10.32 -11.25 -27.01
CA LYS B 62 -11.01 -12.49 -26.66
C LYS B 62 -11.81 -12.30 -25.39
N LEU B 63 -11.27 -11.52 -24.45
CA LEU B 63 -11.99 -11.16 -23.23
C LEU B 63 -13.29 -10.44 -23.54
N GLU B 64 -13.28 -9.60 -24.57
CA GLU B 64 -14.48 -8.80 -24.86
C GLU B 64 -15.53 -9.64 -25.58
N GLN B 65 -15.14 -10.48 -26.53
CA GLN B 65 -16.17 -11.23 -27.24
C GLN B 65 -16.84 -12.25 -26.31
N VAL B 66 -16.11 -12.72 -25.29
CA VAL B 66 -16.76 -13.49 -24.24
C VAL B 66 -17.73 -12.61 -23.46
N LEU B 67 -17.31 -11.38 -23.11
CA LEU B 67 -18.23 -10.43 -22.50
C LEU B 67 -19.48 -10.24 -23.34
N SER B 68 -19.31 -10.13 -24.66
CA SER B 68 -20.44 -9.89 -25.54
C SER B 68 -21.19 -11.17 -25.89
N SER B 69 -20.50 -12.30 -25.94
CA SER B 69 -21.19 -13.59 -26.05
C SER B 69 -22.11 -13.80 -24.87
N MET B 70 -21.64 -13.43 -23.68
CA MET B 70 -22.47 -13.53 -22.47
C MET B 70 -23.66 -12.60 -22.55
N LYS B 71 -23.48 -11.41 -23.15
CA LYS B 71 -24.57 -10.48 -23.34
C LYS B 71 -25.70 -11.09 -24.15
N GLU B 72 -25.40 -12.00 -25.10
CA GLU B 72 -26.45 -12.70 -25.84
C GLU B 72 -26.96 -13.93 -25.10
N ASN B 73 -26.05 -14.74 -24.51
CA ASN B 73 -26.46 -16.03 -23.96
C ASN B 73 -26.82 -15.99 -22.48
N LYS B 74 -26.22 -15.10 -21.69
CA LYS B 74 -26.50 -14.91 -20.26
C LYS B 74 -25.96 -16.06 -19.40
N VAL B 75 -25.67 -17.21 -20.01
CA VAL B 75 -25.26 -18.41 -19.31
C VAL B 75 -23.97 -18.98 -19.93
N ALA B 76 -23.12 -19.60 -19.11
CA ALA B 76 -21.88 -20.19 -19.61
C ALA B 76 -21.44 -21.39 -18.77
N ILE B 77 -20.58 -22.22 -19.37
CA ILE B 77 -19.93 -23.33 -18.67
C ILE B 77 -18.46 -23.32 -19.07
N ILE B 78 -17.55 -23.39 -18.06
CA ILE B 78 -16.15 -23.08 -18.30
C ILE B 78 -15.20 -23.99 -17.52
N GLY B 79 -14.00 -24.16 -18.10
CA GLY B 79 -12.91 -24.86 -17.45
C GLY B 79 -12.11 -23.90 -16.59
N LYS B 80 -10.94 -24.39 -16.15
CA LYS B 80 -10.00 -23.57 -15.40
C LYS B 80 -9.14 -22.79 -16.36
N ILE B 81 -8.72 -21.59 -15.94
CA ILE B 81 -8.08 -20.70 -16.90
C ILE B 81 -6.55 -20.62 -16.77
N HIS B 82 -5.98 -20.19 -15.62
CA HIS B 82 -4.48 -20.06 -15.61
C HIS B 82 -3.81 -19.93 -14.20
N LEU B 91 -2.91 -6.63 -16.30
CA LEU B 91 -1.80 -7.05 -15.44
C LEU B 91 -2.23 -8.07 -14.35
N ALA B 92 -3.53 -8.15 -14.06
CA ALA B 92 -4.06 -9.23 -13.24
C ALA B 92 -4.16 -10.51 -14.08
N SER B 93 -4.46 -11.63 -13.42
CA SER B 93 -4.58 -12.92 -14.11
C SER B 93 -5.81 -12.94 -15.01
N TYR B 94 -5.76 -13.75 -16.08
CA TYR B 94 -6.89 -13.86 -17.00
C TYR B 94 -8.16 -14.18 -16.23
N ASP B 95 -8.06 -15.06 -15.24
CA ASP B 95 -9.21 -15.41 -14.43
C ASP B 95 -9.84 -14.18 -13.80
N MET B 96 -9.02 -13.33 -13.19
CA MET B 96 -9.56 -12.13 -12.56
C MET B 96 -10.19 -11.22 -13.59
N ARG B 97 -9.50 -10.98 -14.69
CA ARG B 97 -10.05 -10.14 -15.74
C ARG B 97 -11.41 -10.66 -16.19
N LEU B 98 -11.50 -11.96 -16.44
CA LEU B 98 -12.78 -12.57 -16.82
C LEU B 98 -13.83 -12.32 -15.76
N ARG B 99 -13.54 -12.72 -14.52
CA ARG B 99 -14.47 -12.47 -13.42
C ARG B 99 -14.87 -10.99 -13.37
N ARG B 100 -13.92 -10.09 -13.64
CA ARG B 100 -14.23 -8.67 -13.54
C ARG B 100 -15.11 -8.21 -14.71
N LYS B 101 -14.71 -8.56 -15.94
CA LYS B 101 -15.48 -8.12 -17.11
C LYS B 101 -16.91 -8.65 -17.02
N LEU B 102 -17.10 -9.86 -16.51
CA LEU B 102 -18.42 -10.44 -16.31
C LEU B 102 -18.97 -10.18 -14.92
N ASP B 103 -18.23 -9.48 -14.05
CA ASP B 103 -18.69 -9.11 -12.71
C ASP B 103 -19.22 -10.32 -11.93
N LEU B 104 -18.48 -11.43 -12.01
CA LEU B 104 -18.90 -12.68 -11.39
C LEU B 104 -18.46 -12.68 -9.93
N PHE B 105 -19.10 -11.81 -9.15
CA PHE B 105 -18.60 -11.55 -7.81
C PHE B 105 -18.79 -12.74 -6.89
N ALA B 106 -19.83 -13.54 -7.11
CA ALA B 106 -20.22 -14.56 -6.15
C ALA B 106 -19.94 -15.96 -6.67
N ASN B 107 -19.24 -16.76 -5.89
CA ASN B 107 -18.96 -18.15 -6.24
C ASN B 107 -19.65 -19.06 -5.25
N VAL B 108 -20.37 -20.06 -5.77
CA VAL B 108 -21.03 -21.02 -4.91
C VAL B 108 -20.59 -22.43 -5.33
N VAL B 109 -20.32 -23.25 -4.31
CA VAL B 109 -19.82 -24.60 -4.47
C VAL B 109 -20.62 -25.46 -3.52
N HIS B 110 -21.34 -26.44 -4.06
CA HIS B 110 -22.27 -27.24 -3.28
C HIS B 110 -21.59 -28.56 -2.89
N VAL B 111 -21.21 -28.66 -1.63
CA VAL B 111 -20.46 -29.81 -1.13
C VAL B 111 -21.49 -30.83 -0.66
N LYS B 112 -21.68 -31.89 -1.44
CA LYS B 112 -22.73 -32.86 -1.14
C LYS B 112 -22.26 -34.28 -1.42
N SER B 113 -22.47 -35.15 -0.45
CA SER B 113 -22.04 -36.53 -0.56
C SER B 113 -22.79 -37.23 -1.69
N LEU B 114 -22.08 -38.09 -2.42
CA LEU B 114 -22.72 -38.88 -3.45
C LEU B 114 -23.09 -40.23 -2.85
N PRO B 115 -24.37 -40.62 -2.89
CA PRO B 115 -24.84 -41.79 -2.14
C PRO B 115 -24.09 -43.09 -2.33
N GLY B 116 -23.54 -43.40 -3.49
CA GLY B 116 -22.80 -44.65 -3.46
C GLY B 116 -21.31 -44.54 -3.16
N TYR B 117 -20.80 -43.31 -3.11
CA TYR B 117 -19.36 -43.02 -3.13
C TYR B 117 -18.95 -42.70 -1.70
N MET B 118 -18.29 -43.65 -1.04
CA MET B 118 -18.07 -43.61 0.39
C MET B 118 -16.75 -42.93 0.72
N THR B 119 -16.81 -41.98 1.66
CA THR B 119 -15.63 -41.26 2.14
C THR B 119 -15.68 -41.28 3.65
N ARG B 120 -14.85 -40.46 4.30
CA ARG B 120 -14.92 -40.39 5.75
C ARG B 120 -15.99 -39.42 6.25
N HIS B 121 -16.81 -38.89 5.36
CA HIS B 121 -17.74 -37.81 5.69
C HIS B 121 -18.99 -37.95 4.81
N ASN B 122 -19.63 -39.10 4.91
CA ASN B 122 -20.82 -39.32 4.10
C ASN B 122 -21.99 -38.55 4.68
N ASN B 123 -23.05 -38.42 3.88
CA ASN B 123 -24.26 -37.68 4.27
C ASN B 123 -23.97 -36.21 4.56
N LEU B 124 -23.01 -35.61 3.86
CA LEU B 124 -22.63 -34.23 4.11
C LEU B 124 -23.31 -33.32 3.10
N ASP B 125 -23.89 -32.21 3.58
CA ASP B 125 -24.58 -31.25 2.72
C ASP B 125 -24.20 -29.83 3.11
N LEU B 126 -23.26 -29.24 2.36
CA LEU B 126 -22.69 -27.92 2.63
C LEU B 126 -22.74 -27.03 1.39
N VAL B 127 -22.79 -25.72 1.63
CA VAL B 127 -22.70 -24.72 0.58
C VAL B 127 -21.64 -23.68 0.97
N ILE B 128 -20.71 -23.40 0.05
CA ILE B 128 -19.61 -22.48 0.28
C ILE B 128 -19.76 -21.30 -0.65
N ILE B 129 -19.95 -20.11 -0.09
CA ILE B 129 -20.14 -18.91 -0.89
C ILE B 129 -18.90 -18.03 -0.70
N ARG B 130 -18.20 -17.81 -1.80
CA ARG B 130 -16.92 -17.11 -1.80
C ARG B 130 -17.05 -15.92 -2.73
N GLU B 131 -16.63 -14.75 -2.25
CA GLU B 131 -16.51 -13.62 -3.18
C GLU B 131 -15.15 -13.73 -3.84
N GLN B 132 -15.10 -13.36 -5.12
CA GLN B 132 -13.93 -13.71 -5.91
C GLN B 132 -13.56 -12.57 -6.85
N THR B 133 -13.60 -11.34 -6.35
CA THR B 133 -13.16 -10.20 -7.13
C THR B 133 -12.21 -9.26 -6.40
N GLU B 134 -11.86 -9.57 -5.14
CA GLU B 134 -10.82 -8.79 -4.48
C GLU B 134 -9.90 -9.65 -3.61
N GLY B 135 -9.38 -9.08 -2.52
CA GLY B 135 -8.43 -9.76 -1.65
C GLY B 135 -7.04 -9.94 -2.23
N GLU B 136 -6.46 -11.12 -2.01
CA GLU B 136 -5.09 -11.43 -2.43
C GLU B 136 -4.98 -11.61 -3.94
N TYR B 137 -6.06 -11.45 -4.69
CA TYR B 137 -6.09 -11.90 -6.08
C TYR B 137 -5.89 -10.77 -7.09
N SER B 138 -5.58 -9.55 -6.64
CA SER B 138 -5.56 -8.45 -7.60
C SER B 138 -4.18 -8.17 -8.16
N SER B 139 -3.15 -8.92 -7.74
CA SER B 139 -1.82 -8.82 -8.34
C SER B 139 -1.12 -7.52 -7.95
N LEU B 140 -1.45 -6.97 -6.77
CA LEU B 140 -0.85 -5.71 -6.30
C LEU B 140 0.35 -6.03 -5.40
N GLU B 141 1.52 -6.18 -6.04
CA GLU B 141 2.78 -6.47 -5.35
C GLU B 141 3.88 -5.53 -5.82
N HIS B 142 4.90 -5.36 -4.97
CA HIS B 142 6.07 -4.56 -5.35
C HIS B 142 7.23 -4.90 -4.44
N GLU B 143 8.42 -4.54 -4.89
CA GLU B 143 9.65 -4.64 -4.13
C GLU B 143 9.91 -3.31 -3.46
N SER B 144 9.84 -3.26 -2.12
CA SER B 144 10.10 -2.00 -1.43
C SER B 144 11.55 -1.85 -1.00
N ALA B 145 12.28 -2.94 -0.84
CA ALA B 145 13.73 -2.93 -0.76
C ALA B 145 14.19 -4.19 -1.47
N ARG B 146 15.50 -4.34 -1.66
CA ARG B 146 15.95 -5.57 -2.29
C ARG B 146 15.72 -6.72 -1.31
N GLY B 147 14.94 -7.71 -1.76
CA GLY B 147 14.56 -8.83 -0.91
C GLY B 147 13.27 -8.66 -0.15
N VAL B 148 12.68 -7.47 -0.16
CA VAL B 148 11.52 -7.14 0.66
C VAL B 148 10.33 -6.96 -0.27
N ILE B 149 9.28 -7.78 -0.13
CA ILE B 149 8.17 -7.74 -1.06
C ILE B 149 6.84 -7.62 -0.32
N GLU B 150 6.10 -6.59 -0.68
CA GLU B 150 4.76 -6.34 -0.16
C GLU B 150 3.73 -6.92 -1.12
N CYS B 151 2.65 -7.42 -0.55
CA CYS B 151 1.55 -7.97 -1.33
C CYS B 151 0.25 -7.47 -0.72
N LEU B 152 -0.58 -6.81 -1.50
CA LEU B 152 -1.72 -6.08 -0.98
C LEU B 152 -2.99 -6.89 -1.17
N LYS B 153 -3.73 -7.08 -0.09
CA LYS B 153 -4.99 -7.80 -0.09
C LYS B 153 -6.08 -6.77 0.16
N ILE B 154 -7.04 -6.68 -0.76
CA ILE B 154 -8.05 -5.64 -0.78
C ILE B 154 -9.36 -6.18 -0.20
N VAL B 155 -9.94 -5.42 0.73
CA VAL B 155 -11.30 -5.68 1.24
C VAL B 155 -12.08 -4.38 1.14
N THR B 156 -13.24 -4.42 0.49
CA THR B 156 -14.06 -3.23 0.33
C THR B 156 -15.43 -3.47 0.94
N ARG B 157 -16.02 -2.39 1.48
CA ARG B 157 -17.38 -2.47 1.98
C ARG B 157 -18.33 -2.91 0.88
N ALA B 158 -18.29 -2.22 -0.27
CA ALA B 158 -19.13 -2.56 -1.41
C ALA B 158 -19.15 -4.06 -1.70
N LYS B 159 -17.96 -4.65 -1.90
CA LYS B 159 -17.93 -6.05 -2.32
C LYS B 159 -18.30 -6.98 -1.17
N SER B 160 -17.86 -6.68 0.06
CA SER B 160 -18.24 -7.56 1.16
C SER B 160 -19.74 -7.48 1.43
N GLN B 161 -20.36 -6.31 1.19
CA GLN B 161 -21.82 -6.18 1.31
C GLN B 161 -22.55 -7.08 0.30
N ARG B 162 -22.13 -7.02 -0.96
CA ARG B 162 -22.77 -7.83 -1.99
C ARG B 162 -22.72 -9.30 -1.61
N ILE B 163 -21.53 -9.78 -1.22
CA ILE B 163 -21.38 -11.22 -1.02
C ILE B 163 -22.13 -11.70 0.22
N ALA B 164 -22.28 -10.85 1.23
CA ALA B 164 -23.08 -11.26 2.38
C ALA B 164 -24.57 -11.27 2.04
N LYS B 165 -25.01 -10.31 1.24
CA LYS B 165 -26.40 -10.36 0.76
C LYS B 165 -26.63 -11.61 -0.09
N PHE B 166 -25.68 -11.95 -0.96
CA PHE B 166 -25.81 -13.16 -1.78
C PHE B 166 -25.95 -14.39 -0.89
N ALA B 167 -25.03 -14.56 0.07
CA ALA B 167 -25.11 -15.70 0.97
C ALA B 167 -26.49 -15.79 1.60
N PHE B 168 -26.99 -14.67 2.13
CA PHE B 168 -28.28 -14.71 2.82
C PHE B 168 -29.45 -14.88 1.85
N ASP B 169 -29.34 -14.34 0.62
CA ASP B 169 -30.36 -14.66 -0.38
C ASP B 169 -30.30 -16.12 -0.79
N TYR B 170 -29.09 -16.68 -0.93
CA TYR B 170 -29.00 -18.11 -1.17
C TYR B 170 -29.70 -18.89 -0.06
N ALA B 171 -29.38 -18.58 1.20
CA ALA B 171 -29.98 -19.32 2.30
C ALA B 171 -31.50 -19.21 2.27
N THR B 172 -32.02 -18.03 1.95
CA THR B 172 -33.46 -17.86 1.86
C THR B 172 -34.02 -18.60 0.67
N LYS B 173 -33.41 -18.41 -0.52
CA LYS B 173 -33.92 -19.01 -1.75
C LYS B 173 -33.95 -20.53 -1.65
N LYS B 174 -32.96 -21.14 -1.00
CA LYS B 174 -32.84 -22.59 -1.01
C LYS B 174 -33.32 -23.24 0.29
N GLY B 175 -33.91 -22.45 1.20
CA GLY B 175 -34.47 -23.04 2.41
C GLY B 175 -33.42 -23.52 3.40
N ARG B 176 -32.28 -22.85 3.45
CA ARG B 176 -31.22 -23.11 4.41
C ARG B 176 -31.46 -22.27 5.65
N GLY B 177 -30.69 -22.54 6.69
CA GLY B 177 -31.04 -22.00 7.98
C GLY B 177 -29.92 -21.38 8.77
N LYS B 178 -28.69 -21.58 8.33
CA LYS B 178 -27.56 -21.02 9.05
C LYS B 178 -26.53 -20.49 8.06
N VAL B 179 -26.04 -19.29 8.31
CA VAL B 179 -24.99 -18.68 7.48
C VAL B 179 -23.85 -18.28 8.39
N THR B 180 -22.65 -18.84 8.14
CA THR B 180 -21.48 -18.66 9.00
C THR B 180 -20.39 -17.87 8.27
N ALA B 181 -20.02 -16.74 8.87
CA ALA B 181 -19.03 -15.86 8.29
C ALA B 181 -17.64 -16.22 8.83
N VAL B 182 -16.70 -16.44 7.92
CA VAL B 182 -15.38 -16.94 8.26
C VAL B 182 -14.38 -15.83 7.99
N HIS B 183 -13.54 -15.53 8.97
CA HIS B 183 -12.71 -14.35 8.98
C HIS B 183 -11.41 -14.64 9.71
N LYS B 184 -10.46 -13.72 9.59
CA LYS B 184 -9.29 -13.66 10.47
C LYS B 184 -9.16 -12.24 11.02
N ALA B 185 -10.24 -11.74 11.61
CA ALA B 185 -10.34 -10.36 12.05
C ALA B 185 -9.63 -10.09 13.38
N ASN B 186 -9.19 -11.13 14.10
CA ASN B 186 -8.40 -10.88 15.29
C ASN B 186 -7.04 -10.26 14.95
N ILE B 187 -6.38 -10.73 13.89
CA ILE B 187 -5.07 -10.18 13.57
C ILE B 187 -5.13 -9.21 12.39
N MET B 188 -5.97 -9.44 11.38
CA MET B 188 -6.22 -8.43 10.35
C MET B 188 -7.51 -7.71 10.71
N LYS B 189 -7.39 -6.78 11.65
CA LYS B 189 -8.57 -6.14 12.25
C LYS B 189 -9.23 -5.14 11.32
N LEU B 190 -8.46 -4.50 10.43
CA LEU B 190 -9.05 -3.52 9.52
C LEU B 190 -9.65 -4.19 8.27
N GLY B 191 -8.90 -5.10 7.65
CA GLY B 191 -9.38 -5.76 6.44
C GLY B 191 -10.50 -6.77 6.67
N ASP B 192 -10.18 -7.86 7.37
CA ASP B 192 -11.19 -8.85 7.68
C ASP B 192 -12.26 -8.29 8.62
N GLY B 193 -11.93 -7.26 9.40
CA GLY B 193 -12.94 -6.59 10.20
C GLY B 193 -14.05 -6.01 9.34
N LEU B 194 -13.68 -5.26 8.30
CA LEU B 194 -14.68 -4.68 7.39
C LEU B 194 -15.56 -5.77 6.78
N PHE B 195 -14.93 -6.83 6.24
CA PHE B 195 -15.69 -7.94 5.70
C PHE B 195 -16.64 -8.52 6.75
N LEU B 196 -16.17 -8.61 7.99
CA LEU B 196 -16.92 -9.32 9.01
C LEU B 196 -18.10 -8.49 9.50
N GLN B 197 -17.92 -7.17 9.59
CA GLN B 197 -19.01 -6.37 10.12
C GLN B 197 -20.05 -6.05 9.06
N CYS B 198 -19.65 -6.02 7.79
CA CYS B 198 -20.67 -5.97 6.76
C CYS B 198 -21.51 -7.24 6.75
N CYS B 199 -20.91 -8.40 7.00
CA CYS B 199 -21.76 -9.57 7.20
C CYS B 199 -22.63 -9.42 8.43
N GLU B 200 -22.10 -8.90 9.54
CA GLU B 200 -22.92 -8.65 10.73
C GLU B 200 -24.06 -7.69 10.41
N GLU B 201 -23.79 -6.66 9.61
CA GLU B 201 -24.81 -5.69 9.25
C GLU B 201 -25.96 -6.34 8.50
N VAL B 202 -25.66 -7.05 7.42
CA VAL B 202 -26.78 -7.61 6.67
C VAL B 202 -27.36 -8.86 7.31
N ALA B 203 -26.72 -9.40 8.35
CA ALA B 203 -27.26 -10.61 8.98
C ALA B 203 -28.53 -10.32 9.78
N GLU B 204 -28.78 -9.04 10.07
CA GLU B 204 -29.97 -8.57 10.76
C GLU B 204 -31.14 -8.33 9.84
N LEU B 205 -30.84 -8.10 8.56
CA LEU B 205 -31.85 -8.02 7.52
C LEU B 205 -32.49 -9.38 7.24
N TYR B 206 -31.89 -10.47 7.72
CA TYR B 206 -32.39 -11.82 7.54
C TYR B 206 -32.52 -12.47 8.92
N PRO B 207 -33.53 -12.05 9.71
CA PRO B 207 -33.68 -12.58 11.07
C PRO B 207 -34.15 -14.02 11.12
N LYS B 208 -34.72 -14.53 10.02
CA LYS B 208 -35.13 -15.93 9.95
C LYS B 208 -33.95 -16.89 9.70
N ILE B 209 -32.77 -16.36 9.33
CA ILE B 209 -31.55 -17.17 9.14
C ILE B 209 -30.64 -16.98 10.35
N LYS B 210 -30.15 -18.10 10.89
CA LYS B 210 -29.18 -18.05 11.97
C LYS B 210 -27.81 -17.62 11.43
N PHE B 211 -27.23 -16.59 12.04
CA PHE B 211 -25.90 -16.09 11.69
C PHE B 211 -24.88 -16.50 12.73
N GLU B 212 -23.74 -17.04 12.27
CA GLU B 212 -22.61 -17.32 13.17
C GLU B 212 -21.31 -16.80 12.57
N THR B 213 -20.25 -16.84 13.38
CA THR B 213 -18.93 -16.43 12.93
C THR B 213 -17.85 -17.33 13.53
N MET B 214 -16.82 -17.59 12.74
CA MET B 214 -15.74 -18.48 13.13
C MET B 214 -14.43 -17.96 12.53
N ILE B 215 -13.37 -17.95 13.34
CA ILE B 215 -12.06 -17.63 12.80
C ILE B 215 -11.61 -18.77 11.89
N ILE B 216 -10.85 -18.44 10.83
CA ILE B 216 -10.79 -19.37 9.70
C ILE B 216 -10.01 -20.63 10.03
N ASP B 217 -8.90 -20.49 10.74
CA ASP B 217 -8.12 -21.68 11.09
C ASP B 217 -8.97 -22.66 11.89
N ASN B 218 -9.63 -22.16 12.95
CA ASN B 218 -10.61 -22.95 13.69
C ASN B 218 -11.58 -23.66 12.76
N CYS B 219 -12.14 -22.91 11.82
CA CYS B 219 -13.17 -23.51 10.97
C CYS B 219 -12.60 -24.62 10.13
N CYS B 220 -11.38 -24.47 9.60
CA CYS B 220 -10.83 -25.62 8.87
C CYS B 220 -10.59 -26.79 9.81
N MET B 221 -10.28 -26.56 11.08
CA MET B 221 -10.26 -27.66 12.03
C MET B 221 -11.65 -28.26 12.18
N GLN B 222 -12.66 -27.39 12.29
CA GLN B 222 -14.02 -27.88 12.40
C GLN B 222 -14.42 -28.65 11.15
N LEU B 223 -14.05 -28.15 9.97
CA LEU B 223 -14.47 -28.80 8.74
C LEU B 223 -13.99 -30.24 8.66
N VAL B 224 -12.80 -30.53 9.18
CA VAL B 224 -12.29 -31.90 9.11
C VAL B 224 -12.92 -32.77 10.19
N GLN B 225 -12.93 -32.28 11.42
CA GLN B 225 -13.37 -33.05 12.60
C GLN B 225 -14.88 -33.23 12.62
N ASN B 226 -15.62 -32.19 12.29
CA ASN B 226 -17.10 -32.31 12.35
C ASN B 226 -17.70 -31.28 11.42
N PRO B 227 -17.82 -31.53 10.11
CA PRO B 227 -18.36 -30.53 9.19
C PRO B 227 -19.89 -30.44 9.16
N TYR B 228 -20.58 -31.20 9.98
CA TYR B 228 -22.06 -31.31 9.95
C TYR B 228 -22.77 -30.16 10.64
N GLN B 229 -22.04 -29.24 11.25
CA GLN B 229 -22.62 -28.10 11.99
C GLN B 229 -22.58 -26.86 11.11
N PHE B 230 -22.30 -27.01 9.83
CA PHE B 230 -21.97 -25.80 9.06
C PHE B 230 -23.04 -25.21 8.15
N ASP B 231 -23.84 -26.01 7.45
CA ASP B 231 -24.86 -25.46 6.51
C ASP B 231 -24.19 -24.57 5.45
N VAL B 232 -24.30 -23.27 5.58
CA VAL B 232 -23.83 -22.32 4.57
C VAL B 232 -22.71 -21.47 5.16
N LEU B 233 -21.66 -21.27 4.38
CA LEU B 233 -20.43 -20.54 4.70
C LEU B 233 -20.23 -19.39 3.73
N VAL B 234 -19.82 -18.22 4.21
CA VAL B 234 -19.45 -17.10 3.37
C VAL B 234 -18.07 -16.61 3.81
N MET B 235 -17.23 -16.23 2.86
CA MET B 235 -15.85 -15.85 3.15
C MET B 235 -15.31 -15.07 1.98
N PRO B 236 -14.18 -14.33 2.17
CA PRO B 236 -13.48 -13.72 1.03
C PRO B 236 -12.76 -14.72 0.14
N ASN B 237 -11.99 -14.19 -0.81
CA ASN B 237 -11.49 -15.00 -1.91
C ASN B 237 -10.55 -16.11 -1.44
N LEU B 238 -9.45 -15.73 -0.77
CA LEU B 238 -8.44 -16.73 -0.39
C LEU B 238 -8.99 -17.80 0.53
N TYR B 239 -9.78 -17.41 1.52
CA TYR B 239 -10.35 -18.44 2.39
C TYR B 239 -11.30 -19.34 1.60
N GLY B 240 -12.02 -18.78 0.64
CA GLY B 240 -12.87 -19.61 -0.21
C GLY B 240 -12.07 -20.64 -1.00
N ASN B 241 -10.89 -20.26 -1.52
CA ASN B 241 -10.00 -21.22 -2.15
C ASN B 241 -9.62 -22.35 -1.17
N ILE B 242 -9.22 -21.98 0.05
CA ILE B 242 -8.86 -22.98 1.04
C ILE B 242 -10.01 -23.94 1.29
N ILE B 243 -11.21 -23.39 1.53
CA ILE B 243 -12.30 -24.22 2.02
C ILE B 243 -13.01 -24.94 0.88
N ASP B 244 -13.14 -24.29 -0.29
CA ASP B 244 -13.60 -24.99 -1.49
C ASP B 244 -12.89 -26.32 -1.63
N ASN B 245 -11.57 -26.30 -1.44
CA ASN B 245 -10.77 -27.49 -1.70
C ASN B 245 -10.80 -28.45 -0.52
N LEU B 246 -10.73 -27.92 0.71
CA LEU B 246 -10.95 -28.75 1.88
C LEU B 246 -12.28 -29.50 1.78
N ALA B 247 -13.37 -28.77 1.56
CA ALA B 247 -14.68 -29.43 1.58
C ALA B 247 -14.83 -30.41 0.42
N ALA B 248 -14.33 -30.04 -0.77
CA ALA B 248 -14.39 -30.98 -1.89
C ALA B 248 -13.70 -32.29 -1.55
N GLY B 249 -12.52 -32.19 -0.92
CA GLY B 249 -11.84 -33.37 -0.42
C GLY B 249 -12.74 -34.25 0.44
N LEU B 250 -13.61 -33.66 1.25
CA LEU B 250 -14.38 -34.47 2.18
C LEU B 250 -15.37 -35.40 1.48
N VAL B 251 -15.95 -34.98 0.35
CA VAL B 251 -16.99 -35.75 -0.34
C VAL B 251 -16.44 -36.46 -1.60
N GLY B 252 -15.14 -36.73 -1.67
CA GLY B 252 -14.57 -37.45 -2.80
C GLY B 252 -13.71 -36.63 -3.76
N GLY B 253 -13.44 -35.34 -3.49
CA GLY B 253 -12.45 -34.59 -4.23
C GLY B 253 -12.98 -33.85 -5.45
N ALA B 254 -12.03 -33.23 -6.16
CA ALA B 254 -12.29 -32.78 -7.52
C ALA B 254 -12.65 -33.99 -8.38
N GLY B 255 -13.04 -33.72 -9.61
CA GLY B 255 -13.62 -34.85 -10.31
C GLY B 255 -15.07 -35.08 -9.90
N VAL B 256 -15.50 -34.57 -8.74
CA VAL B 256 -16.82 -34.90 -8.25
C VAL B 256 -17.66 -33.69 -7.81
N VAL B 257 -17.03 -32.59 -7.41
CA VAL B 257 -17.75 -31.47 -6.80
C VAL B 257 -17.94 -30.34 -7.81
N PRO B 258 -19.15 -29.86 -8.00
CA PRO B 258 -19.39 -28.75 -8.94
C PRO B 258 -19.51 -27.41 -8.26
N GLY B 259 -19.26 -26.33 -9.01
CA GLY B 259 -19.56 -24.99 -8.54
C GLY B 259 -20.11 -24.13 -9.65
N GLU B 260 -20.76 -23.03 -9.26
CA GLU B 260 -21.19 -22.00 -10.22
C GLU B 260 -20.93 -20.62 -9.64
N SER B 261 -20.80 -19.65 -10.52
CA SER B 261 -20.52 -18.30 -10.10
C SER B 261 -21.52 -17.37 -10.78
N TYR B 262 -21.77 -16.25 -10.12
CA TYR B 262 -22.90 -15.41 -10.46
C TYR B 262 -22.51 -13.93 -10.54
N SER B 263 -23.27 -13.21 -11.36
CA SER B 263 -23.34 -11.75 -11.34
C SER B 263 -24.77 -11.37 -11.03
N ALA B 264 -25.20 -10.18 -11.45
CA ALA B 264 -26.61 -9.88 -11.32
C ALA B 264 -27.40 -10.45 -12.49
N GLU B 265 -26.75 -10.62 -13.64
CA GLU B 265 -27.33 -11.16 -14.86
C GLU B 265 -26.88 -12.57 -15.18
N TYR B 266 -25.59 -12.85 -15.02
CA TYR B 266 -24.95 -14.03 -15.59
C TYR B 266 -24.82 -15.15 -14.56
N ALA B 267 -24.90 -16.38 -15.05
CA ALA B 267 -24.59 -17.58 -14.28
C ALA B 267 -23.61 -18.43 -15.08
N VAL B 268 -22.46 -18.76 -14.48
CA VAL B 268 -21.41 -19.51 -15.15
C VAL B 268 -21.07 -20.72 -14.29
N PHE B 269 -20.98 -21.87 -14.94
CA PHE B 269 -20.88 -23.13 -14.21
C PHE B 269 -19.50 -23.72 -14.44
N GLU B 270 -18.89 -24.16 -13.34
CA GLU B 270 -17.49 -24.56 -13.26
C GLU B 270 -17.44 -25.85 -12.45
N THR B 271 -16.24 -26.36 -12.22
CA THR B 271 -16.05 -27.37 -11.18
C THR B 271 -15.82 -26.68 -9.83
N GLY B 272 -16.07 -27.43 -8.76
CA GLY B 272 -16.11 -26.80 -7.44
C GLY B 272 -14.74 -26.42 -6.90
N ALA B 273 -13.75 -27.28 -7.08
CA ALA B 273 -12.38 -27.07 -6.59
C ALA B 273 -11.47 -27.01 -7.82
N ARG B 274 -11.27 -25.82 -8.36
CA ARG B 274 -10.78 -25.70 -9.72
C ARG B 274 -9.28 -26.01 -9.82
N HIS B 275 -8.95 -27.00 -10.67
CA HIS B 275 -7.61 -27.51 -10.93
C HIS B 275 -7.57 -28.02 -12.36
N PRO B 276 -6.47 -27.81 -13.09
CA PRO B 276 -6.42 -28.25 -14.51
C PRO B 276 -6.22 -29.74 -14.71
N PHE B 277 -5.65 -30.45 -13.75
CA PHE B 277 -5.31 -31.87 -13.87
C PHE B 277 -4.46 -32.14 -15.12
N ALA B 278 -3.39 -31.37 -15.26
CA ALA B 278 -2.60 -31.42 -16.48
C ALA B 278 -1.88 -32.74 -16.63
N GLN B 279 -1.59 -33.41 -15.52
CA GLN B 279 -0.97 -34.72 -15.60
C GLN B 279 -1.85 -35.76 -16.28
N ALA B 280 -3.16 -35.49 -16.40
CA ALA B 280 -4.11 -36.45 -16.92
C ALA B 280 -4.44 -36.22 -18.41
N VAL B 281 -3.88 -35.19 -19.02
CA VAL B 281 -4.22 -34.86 -20.39
C VAL B 281 -3.68 -35.94 -21.32
N GLY B 282 -4.54 -36.42 -22.22
CA GLY B 282 -4.18 -37.49 -23.13
C GLY B 282 -4.13 -38.87 -22.51
N ARG B 283 -4.16 -38.95 -21.19
CA ARG B 283 -4.60 -40.18 -20.58
C ARG B 283 -6.11 -40.21 -20.64
N ASN B 284 -6.67 -41.36 -20.35
CA ASN B 284 -8.13 -41.43 -20.38
C ASN B 284 -8.65 -41.60 -18.94
N ILE B 285 -8.17 -40.77 -18.02
CA ILE B 285 -8.36 -41.05 -16.60
C ILE B 285 -9.20 -40.02 -15.84
N ALA B 286 -9.55 -38.90 -16.45
CA ALA B 286 -10.18 -37.81 -15.71
C ALA B 286 -11.66 -38.09 -15.42
N ASN B 287 -12.13 -37.58 -14.30
CA ASN B 287 -13.48 -37.82 -13.85
C ASN B 287 -14.35 -36.70 -14.37
N PRO B 288 -15.33 -36.96 -15.22
CA PRO B 288 -16.25 -35.91 -15.63
C PRO B 288 -17.45 -35.73 -14.70
N THR B 289 -17.41 -36.32 -13.52
CA THR B 289 -18.56 -36.26 -12.64
C THR B 289 -18.85 -34.82 -12.25
N ALA B 290 -17.82 -34.06 -11.84
CA ALA B 290 -18.06 -32.69 -11.41
C ALA B 290 -18.64 -31.85 -12.56
N MET B 291 -18.06 -31.95 -13.75
CA MET B 291 -18.51 -31.08 -14.83
C MET B 291 -19.91 -31.48 -15.30
N LEU B 292 -20.19 -32.79 -15.35
CA LEU B 292 -21.53 -33.24 -15.72
C LEU B 292 -22.55 -32.75 -14.72
N LEU B 293 -22.23 -32.81 -13.43
CA LEU B 293 -23.17 -32.36 -12.43
C LEU B 293 -23.44 -30.86 -12.56
N SER B 294 -22.40 -30.05 -12.82
CA SER B 294 -22.80 -28.65 -12.85
C SER B 294 -23.44 -28.32 -14.19
N ALA B 295 -23.13 -29.06 -15.26
CA ALA B 295 -23.96 -29.02 -16.45
C ALA B 295 -25.44 -29.24 -16.11
N SER B 296 -25.74 -30.21 -15.24
CA SER B 296 -27.15 -30.39 -14.85
C SER B 296 -27.63 -29.22 -14.02
N ASN B 297 -26.77 -28.68 -13.15
CA ASN B 297 -27.11 -27.44 -12.46
C ASN B 297 -27.39 -26.32 -13.45
N MET B 298 -26.58 -26.25 -14.52
CA MET B 298 -26.84 -25.28 -15.58
C MET B 298 -28.22 -25.46 -16.18
N LEU B 299 -28.57 -26.70 -16.56
CA LEU B 299 -29.83 -26.92 -17.25
C LEU B 299 -31.01 -26.51 -16.38
N ARG B 300 -30.90 -26.65 -15.06
CA ARG B 300 -31.95 -26.13 -14.19
C ARG B 300 -32.05 -24.62 -14.31
N HIS B 301 -30.92 -23.92 -14.25
CA HIS B 301 -30.94 -22.49 -14.46
C HIS B 301 -31.56 -22.10 -15.80
N LEU B 302 -31.48 -22.96 -16.82
CA LEU B 302 -32.12 -22.67 -18.11
C LEU B 302 -33.57 -23.17 -18.20
N ASN B 303 -34.16 -23.62 -17.08
CA ASN B 303 -35.55 -24.11 -17.02
C ASN B 303 -35.75 -25.35 -17.87
N LEU B 304 -34.73 -26.19 -17.91
CA LEU B 304 -34.82 -27.50 -18.52
C LEU B 304 -34.77 -28.54 -17.42
N GLU B 305 -35.77 -28.51 -16.53
CA GLU B 305 -35.71 -29.32 -15.31
C GLU B 305 -35.79 -30.80 -15.62
N TYR B 306 -36.47 -31.19 -16.71
CA TYR B 306 -36.47 -32.60 -17.07
C TYR B 306 -35.08 -33.05 -17.48
N HIS B 307 -34.44 -32.30 -18.38
CA HIS B 307 -33.08 -32.66 -18.81
C HIS B 307 -32.09 -32.58 -17.67
N SER B 308 -32.22 -31.56 -16.81
CA SER B 308 -31.23 -31.49 -15.75
C SER B 308 -31.44 -32.62 -14.74
N SER B 309 -32.66 -32.82 -14.23
CA SER B 309 -32.89 -33.89 -13.27
C SER B 309 -32.45 -35.24 -13.82
N MET B 310 -32.68 -35.47 -15.12
CA MET B 310 -32.37 -36.76 -15.74
C MET B 310 -30.87 -37.01 -15.80
N ILE B 311 -30.11 -36.06 -16.35
CA ILE B 311 -28.67 -36.27 -16.45
C ILE B 311 -28.08 -36.43 -15.06
N ALA B 312 -28.50 -35.59 -14.12
CA ALA B 312 -27.94 -35.63 -12.78
C ALA B 312 -28.11 -37.01 -12.14
N ASP B 313 -29.36 -37.48 -12.01
CA ASP B 313 -29.42 -38.71 -11.24
C ASP B 313 -29.12 -39.94 -12.08
N ALA B 314 -28.85 -39.77 -13.38
CA ALA B 314 -28.15 -40.84 -14.11
C ALA B 314 -26.70 -40.94 -13.66
N VAL B 315 -26.02 -39.79 -13.60
CA VAL B 315 -24.67 -39.73 -13.05
C VAL B 315 -24.66 -40.33 -11.63
N LYS B 316 -25.60 -39.92 -10.79
CA LYS B 316 -25.59 -40.47 -9.44
C LYS B 316 -25.87 -41.97 -9.44
N LYS B 317 -26.71 -42.47 -10.35
CA LYS B 317 -27.00 -43.91 -10.32
C LYS B 317 -25.80 -44.71 -10.79
N VAL B 318 -25.21 -44.32 -11.92
CA VAL B 318 -24.00 -45.01 -12.39
C VAL B 318 -22.95 -45.06 -11.30
N ILE B 319 -22.79 -43.97 -10.54
CA ILE B 319 -21.83 -44.01 -9.45
C ILE B 319 -22.30 -44.95 -8.35
N LYS B 320 -23.59 -44.92 -8.02
CA LYS B 320 -24.09 -45.71 -6.90
C LYS B 320 -23.95 -47.20 -7.19
N VAL B 321 -24.44 -47.65 -8.35
CA VAL B 321 -24.33 -49.06 -8.72
C VAL B 321 -22.87 -49.51 -8.65
N GLY B 322 -21.94 -48.64 -9.01
CA GLY B 322 -20.54 -48.94 -8.79
C GLY B 322 -19.93 -49.89 -9.79
N LYS B 323 -20.62 -50.18 -10.88
CA LYS B 323 -20.02 -51.04 -11.89
C LYS B 323 -18.90 -50.32 -12.62
N VAL B 324 -19.11 -49.04 -12.96
CA VAL B 324 -18.18 -48.26 -13.75
C VAL B 324 -17.84 -47.02 -12.95
N ARG B 325 -16.55 -46.82 -12.66
CA ARG B 325 -16.04 -45.74 -11.84
C ARG B 325 -14.61 -45.43 -12.27
N THR B 326 -14.28 -44.14 -12.34
CA THR B 326 -12.93 -43.66 -12.62
C THR B 326 -11.99 -43.95 -11.44
N SER B 327 -10.69 -43.73 -11.67
CA SER B 327 -9.71 -44.19 -10.69
C SER B 327 -9.76 -43.38 -9.39
N ASP B 328 -10.21 -42.12 -9.43
CA ASP B 328 -10.29 -41.32 -8.20
C ASP B 328 -11.44 -41.76 -7.31
N MET B 329 -12.39 -42.50 -7.87
CA MET B 329 -13.50 -43.09 -7.13
C MET B 329 -13.29 -44.59 -6.90
N GLY B 330 -12.03 -45.05 -6.91
CA GLY B 330 -11.74 -46.42 -6.60
C GLY B 330 -12.03 -47.44 -7.68
N GLY B 331 -12.50 -47.04 -8.85
CA GLY B 331 -12.67 -47.93 -9.97
C GLY B 331 -11.45 -47.97 -10.87
N TYR B 332 -11.64 -48.56 -12.04
CA TYR B 332 -10.55 -48.65 -13.01
C TYR B 332 -10.94 -48.11 -14.39
N ALA B 333 -12.15 -47.61 -14.55
CA ALA B 333 -12.67 -47.24 -15.85
C ALA B 333 -12.04 -45.94 -16.36
N THR B 334 -11.90 -45.87 -17.68
CA THR B 334 -11.41 -44.66 -18.31
C THR B 334 -12.49 -43.58 -18.36
N CYS B 335 -12.06 -42.36 -18.67
CA CYS B 335 -12.97 -41.23 -18.77
C CYS B 335 -14.08 -41.54 -19.79
N HIS B 336 -13.68 -41.97 -20.99
CA HIS B 336 -14.63 -42.27 -22.06
C HIS B 336 -15.58 -43.39 -21.64
N ASP B 337 -15.04 -44.51 -21.12
CA ASP B 337 -15.87 -45.62 -20.67
C ASP B 337 -16.88 -45.14 -19.64
N PHE B 338 -16.44 -44.25 -18.74
CA PHE B 338 -17.35 -43.74 -17.72
C PHE B 338 -18.37 -42.78 -18.34
N THR B 339 -17.93 -41.98 -19.30
CA THR B 339 -18.87 -41.10 -20.00
C THR B 339 -19.87 -41.90 -20.82
N GLU B 340 -19.41 -42.95 -21.52
CA GLU B 340 -20.35 -43.74 -22.29
C GLU B 340 -21.31 -44.48 -21.37
N GLU B 341 -20.86 -44.83 -20.17
CA GLU B 341 -21.76 -45.53 -19.24
C GLU B 341 -22.93 -44.64 -18.86
N ILE B 342 -22.68 -43.35 -18.68
CA ILE B 342 -23.77 -42.41 -18.40
C ILE B 342 -24.64 -42.24 -19.64
N CYS B 343 -24.02 -42.01 -20.81
CA CYS B 343 -24.85 -41.84 -22.00
C CYS B 343 -25.77 -43.03 -22.24
N ARG B 344 -25.30 -44.27 -22.06
CA ARG B 344 -26.19 -45.42 -22.17
C ARG B 344 -27.32 -45.31 -21.17
N ARG B 345 -26.98 -45.03 -19.91
CA ARG B 345 -28.03 -44.82 -18.91
C ARG B 345 -28.96 -43.70 -19.33
N VAL B 346 -28.40 -42.54 -19.69
CA VAL B 346 -29.24 -41.40 -20.05
C VAL B 346 -30.11 -41.73 -21.25
N LYS B 347 -29.49 -42.24 -22.33
CA LYS B 347 -30.27 -42.52 -23.54
C LYS B 347 -31.36 -43.56 -23.27
N ASP B 348 -31.17 -44.39 -22.26
CA ASP B 348 -32.22 -45.35 -21.91
C ASP B 348 -33.36 -44.69 -21.12
N LEU B 349 -33.05 -43.83 -20.13
CA LEU B 349 -34.06 -43.09 -19.37
C LEU B 349 -35.06 -42.40 -20.30
N ASP B 350 -34.56 -41.74 -21.34
CA ASP B 350 -35.43 -41.05 -22.28
C ASP B 350 -36.37 -42.02 -23.00
N GLU B 351 -35.97 -43.30 -23.14
CA GLU B 351 -36.84 -44.30 -23.73
C GLU B 351 -37.88 -44.80 -22.74
N ASN B 352 -37.50 -44.93 -21.48
CA ASN B 352 -38.38 -45.48 -20.45
C ASN B 352 -38.97 -44.34 -19.63
N GLY C 3 47.12 13.89 -20.79
CA GLY C 3 46.37 12.77 -21.34
C GLY C 3 44.92 13.04 -21.74
N VAL C 4 44.33 12.13 -22.52
CA VAL C 4 43.00 12.33 -23.10
C VAL C 4 42.09 11.21 -22.63
N GLN C 5 41.04 11.56 -21.87
CA GLN C 5 40.07 10.63 -21.33
C GLN C 5 38.75 10.71 -22.10
N THR C 6 37.93 9.68 -21.96
CA THR C 6 36.74 9.47 -22.78
C THR C 6 35.48 9.58 -21.92
N VAL C 7 34.49 10.35 -22.38
CA VAL C 7 33.25 10.56 -21.66
C VAL C 7 32.07 10.12 -22.51
N THR C 8 31.17 9.32 -21.91
CA THR C 8 29.98 8.83 -22.60
C THR C 8 29.01 9.98 -22.84
N LEU C 9 28.64 10.20 -24.11
CA LEU C 9 27.75 11.29 -24.48
C LEU C 9 26.39 10.74 -24.87
N ILE C 10 25.36 11.12 -24.13
CA ILE C 10 23.96 10.77 -24.42
C ILE C 10 23.27 12.05 -24.90
N PRO C 11 22.91 12.15 -26.18
CA PRO C 11 22.39 13.43 -26.70
C PRO C 11 20.97 13.69 -26.29
N GLY C 12 20.19 12.65 -26.10
CA GLY C 12 18.86 12.81 -25.57
C GLY C 12 17.83 13.25 -26.59
N ASP C 13 16.67 13.53 -26.03
CA ASP C 13 15.48 13.89 -26.80
C ASP C 13 15.35 15.40 -26.90
N GLY C 14 14.44 15.84 -27.77
CA GLY C 14 14.08 17.23 -27.95
C GLY C 14 15.27 18.13 -28.21
N ILE C 15 15.49 19.03 -27.26
CA ILE C 15 16.50 20.08 -27.41
C ILE C 15 17.91 19.59 -27.15
N GLY C 16 18.06 18.37 -26.63
CA GLY C 16 19.32 17.82 -26.20
C GLY C 16 20.38 17.81 -27.27
N PRO C 17 20.10 17.16 -28.41
CA PRO C 17 21.15 17.08 -29.45
C PRO C 17 21.80 18.41 -29.80
N GLU C 18 21.03 19.50 -29.90
CA GLU C 18 21.63 20.79 -30.20
C GLU C 18 22.56 21.27 -29.10
N ILE C 19 22.17 21.08 -27.82
CA ILE C 19 23.04 21.62 -26.79
C ILE C 19 24.21 20.69 -26.54
N SER C 20 24.10 19.42 -26.91
CA SER C 20 25.32 18.61 -26.78
C SER C 20 26.33 19.03 -27.83
N ALA C 21 25.96 19.08 -29.10
CA ALA C 21 26.84 19.64 -30.12
C ALA C 21 27.43 20.95 -29.64
N ALA C 22 26.57 21.84 -29.14
CA ALA C 22 27.06 23.08 -28.57
C ALA C 22 28.20 22.82 -27.61
N VAL C 23 27.99 21.94 -26.62
CA VAL C 23 29.03 21.71 -25.63
C VAL C 23 30.25 21.08 -26.28
N MET C 24 30.05 20.06 -27.12
CA MET C 24 31.18 19.42 -27.81
C MET C 24 31.99 20.44 -28.61
N LYS C 25 31.30 21.33 -29.33
CA LYS C 25 32.01 22.32 -30.14
C LYS C 25 32.80 23.30 -29.27
N ILE C 26 32.22 23.69 -28.12
CA ILE C 26 32.98 24.58 -27.24
C ILE C 26 34.22 23.87 -26.70
N PHE C 27 34.14 22.56 -26.51
CA PHE C 27 35.28 21.80 -25.98
C PHE C 27 36.41 21.69 -27.01
N ASP C 28 36.09 21.32 -28.26
CA ASP C 28 37.09 21.35 -29.34
C ASP C 28 37.71 22.73 -29.45
N ALA C 29 36.89 23.78 -29.32
CA ALA C 29 37.45 25.13 -29.27
C ALA C 29 38.43 25.27 -28.12
N ALA C 30 38.13 24.66 -26.98
CA ALA C 30 38.96 24.83 -25.81
C ALA C 30 40.22 23.97 -25.85
N LYS C 31 40.32 23.06 -26.82
CA LYS C 31 41.40 22.07 -26.89
C LYS C 31 41.42 21.26 -25.58
N ALA C 32 40.37 20.47 -25.41
CA ALA C 32 40.03 19.77 -24.17
C ALA C 32 40.25 18.28 -24.30
N PRO C 33 40.91 17.70 -23.29
CA PRO C 33 41.27 16.27 -23.34
C PRO C 33 40.09 15.32 -23.40
N ILE C 34 38.86 15.78 -23.53
CA ILE C 34 37.77 14.83 -23.46
C ILE C 34 37.55 14.20 -24.83
N GLN C 35 37.32 12.91 -24.83
CA GLN C 35 36.95 12.17 -26.02
C GLN C 35 35.49 11.77 -25.87
N TRP C 36 34.72 11.91 -26.94
CA TRP C 36 33.28 11.65 -26.86
C TRP C 36 32.99 10.25 -27.38
N GLU C 37 32.29 9.47 -26.57
CA GLU C 37 31.70 8.20 -27.00
C GLU C 37 30.19 8.41 -26.93
N GLU C 38 29.56 8.61 -28.09
CA GLU C 38 28.13 8.84 -28.15
C GLU C 38 27.38 7.52 -28.12
N ARG C 39 26.44 7.39 -27.19
CA ARG C 39 25.42 6.35 -27.20
C ARG C 39 24.08 7.00 -26.90
N ASN C 40 23.02 6.41 -27.41
CA ASN C 40 21.68 6.93 -27.21
C ASN C 40 20.97 6.06 -26.18
N VAL C 41 20.67 6.66 -25.01
CA VAL C 41 19.77 6.05 -24.04
C VAL C 41 18.31 6.30 -24.42
N THR C 42 18.04 7.18 -25.40
CA THR C 42 16.68 7.65 -25.66
C THR C 42 15.74 6.49 -25.99
N ALA C 43 16.28 5.54 -26.74
CA ALA C 43 15.43 4.36 -26.87
C ALA C 43 15.34 3.83 -25.45
N ILE C 44 14.13 3.48 -25.05
CA ILE C 44 13.89 2.79 -23.76
C ILE C 44 13.37 1.46 -24.28
N GLN C 45 13.99 0.34 -23.91
CA GLN C 45 13.55 -0.92 -24.53
C GLN C 45 12.90 -1.82 -23.49
N GLY C 46 11.76 -2.43 -23.85
CA GLY C 46 11.06 -3.36 -22.95
C GLY C 46 11.62 -4.74 -23.19
N PRO C 47 12.45 -5.29 -22.28
CA PRO C 47 13.14 -6.55 -22.51
C PRO C 47 12.46 -7.89 -22.13
N GLY C 49 9.25 -8.42 -18.89
CA GLY C 49 8.41 -7.55 -18.04
C GLY C 49 9.14 -6.24 -17.84
N LYS C 50 10.45 -6.36 -17.63
CA LYS C 50 11.37 -5.24 -17.26
C LYS C 50 11.64 -4.26 -18.39
N TRP C 51 12.04 -3.07 -17.96
CA TRP C 51 12.48 -1.93 -18.80
C TRP C 51 13.96 -1.76 -18.47
N MET C 52 14.77 -1.42 -19.46
CA MET C 52 16.23 -1.29 -19.23
C MET C 52 16.81 -0.33 -20.26
N ILE C 53 18.08 0.04 -20.05
CA ILE C 53 18.81 0.97 -20.95
C ILE C 53 19.52 0.16 -22.02
N PRO C 54 19.63 0.64 -23.26
CA PRO C 54 20.33 -0.10 -24.33
C PRO C 54 21.72 -0.53 -23.88
N SER C 55 22.08 -1.78 -24.22
CA SER C 55 23.30 -2.38 -23.71
C SER C 55 24.55 -1.61 -24.15
N GLU C 56 24.52 -1.04 -25.35
CA GLU C 56 25.67 -0.29 -25.86
C GLU C 56 25.95 0.93 -24.98
N ALA C 57 24.89 1.61 -24.56
CA ALA C 57 25.07 2.70 -23.60
C ALA C 57 25.57 2.18 -22.25
N LYS C 58 24.97 1.09 -21.74
CA LYS C 58 25.38 0.54 -20.45
C LYS C 58 26.84 0.13 -20.46
N GLU C 59 27.31 -0.41 -21.58
CA GLU C 59 28.71 -0.83 -21.67
C GLU C 59 29.62 0.38 -21.71
N SER C 60 29.18 1.45 -22.39
CA SER C 60 29.97 2.68 -22.45
C SER C 60 30.12 3.31 -21.07
N MET C 61 29.04 3.33 -20.28
CA MET C 61 29.16 3.89 -18.95
C MET C 61 30.04 3.03 -18.07
N ASP C 62 29.89 1.71 -18.14
CA ASP C 62 30.68 0.87 -17.24
C ASP C 62 32.18 1.00 -17.52
N LYS C 63 32.55 1.32 -18.76
CA LYS C 63 33.96 1.47 -19.14
C LYS C 63 34.54 2.85 -18.86
N ASN C 64 33.72 3.90 -18.96
CA ASN C 64 34.24 5.25 -18.84
C ASN C 64 33.96 5.87 -17.48
N LYS C 65 32.79 5.60 -16.92
CA LYS C 65 32.35 6.00 -15.59
C LYS C 65 32.23 7.51 -15.43
N MET C 66 32.19 8.24 -16.55
CA MET C 66 31.79 9.64 -16.58
C MET C 66 30.85 9.81 -17.77
N GLY C 67 29.76 10.52 -17.57
CA GLY C 67 28.80 10.77 -18.63
C GLY C 67 28.34 12.23 -18.66
N LEU C 68 28.14 12.74 -19.86
CA LEU C 68 27.43 13.98 -20.09
C LEU C 68 26.18 13.63 -20.88
N LYS C 69 25.05 14.25 -20.53
CA LYS C 69 23.79 13.79 -21.09
C LYS C 69 22.83 14.96 -21.28
N GLY C 70 22.10 14.93 -22.40
CA GLY C 70 21.02 15.86 -22.61
C GLY C 70 19.74 15.30 -22.05
N PRO C 71 18.70 16.12 -21.93
CA PRO C 71 17.44 15.62 -21.38
C PRO C 71 16.88 14.47 -22.20
N LEU C 72 16.25 13.52 -21.51
CA LEU C 72 15.47 12.50 -22.20
C LEU C 72 13.99 12.69 -21.89
N LYS C 73 13.15 12.43 -22.89
CA LYS C 73 11.71 12.66 -22.78
C LYS C 73 11.04 11.52 -22.01
N THR C 74 10.26 11.86 -21.01
CA THR C 74 9.45 10.86 -20.30
C THR C 74 8.01 11.26 -20.59
N PRO C 75 7.18 10.34 -21.09
CA PRO C 75 5.79 10.63 -21.41
C PRO C 75 4.92 10.88 -20.19
N ILE C 76 3.86 11.66 -20.35
CA ILE C 76 2.98 12.02 -19.21
C ILE C 76 1.87 11.00 -19.09
N ALA C 77 1.83 10.25 -17.98
CA ALA C 77 0.81 9.25 -17.65
C ALA C 77 0.66 8.25 -18.78
N ALA C 78 1.77 7.81 -19.35
CA ALA C 78 1.65 7.06 -20.60
C ALA C 78 2.46 5.78 -20.62
N GLY C 79 3.47 5.75 -21.47
CA GLY C 79 4.17 4.51 -21.73
C GLY C 79 5.32 4.30 -20.81
N HIS C 80 6.53 4.47 -21.33
CA HIS C 80 7.73 4.11 -20.54
C HIS C 80 7.96 5.00 -19.33
N PRO C 81 8.67 4.46 -18.33
CA PRO C 81 9.05 5.16 -17.14
C PRO C 81 10.26 6.06 -17.40
N SER C 82 10.57 6.96 -16.48
CA SER C 82 11.70 7.88 -16.71
C SER C 82 12.96 7.05 -16.89
N MET C 83 13.64 7.23 -18.01
CA MET C 83 14.96 6.64 -18.17
C MET C 83 16.03 7.43 -17.45
N ASN C 84 15.74 8.69 -17.12
CA ASN C 84 16.60 9.38 -16.18
C ASN C 84 16.60 8.64 -14.84
N LEU C 85 15.41 8.28 -14.34
CA LEU C 85 15.33 7.48 -13.12
C LEU C 85 16.13 6.19 -13.26
N LEU C 86 15.89 5.42 -14.33
CA LEU C 86 16.59 4.17 -14.53
C LEU C 86 18.10 4.36 -14.64
N LEU C 87 18.57 5.39 -15.34
CA LEU C 87 20.00 5.68 -15.40
C LEU C 87 20.55 5.85 -13.99
N ARG C 88 19.92 6.71 -13.19
CA ARG C 88 20.39 6.96 -11.85
C ARG C 88 20.32 5.73 -10.96
N LYS C 89 19.34 4.83 -11.17
CA LYS C 89 19.21 3.69 -10.27
C LYS C 89 20.23 2.61 -10.56
N THR C 90 20.45 2.27 -11.84
CA THR C 90 21.36 1.18 -12.19
C THR C 90 22.84 1.55 -12.03
N PHE C 91 23.19 2.84 -12.00
CA PHE C 91 24.54 3.25 -11.66
C PHE C 91 24.64 3.79 -10.23
N ASP C 92 23.56 3.66 -9.47
CA ASP C 92 23.55 4.05 -8.06
C ASP C 92 24.13 5.44 -7.84
N LEU C 93 23.67 6.39 -8.66
CA LEU C 93 24.10 7.79 -8.58
C LEU C 93 23.20 8.52 -7.58
N TYR C 94 23.50 8.33 -6.30
CA TYR C 94 22.51 8.60 -5.27
C TYR C 94 22.35 10.07 -4.90
N ALA C 95 23.29 10.93 -5.31
CA ALA C 95 23.27 12.34 -4.94
C ALA C 95 23.14 13.19 -6.20
N ASN C 96 22.18 14.13 -6.19
CA ASN C 96 21.98 15.09 -7.29
C ASN C 96 22.41 16.50 -6.84
N VAL C 97 23.54 16.98 -7.38
CA VAL C 97 24.11 18.28 -7.03
C VAL C 97 23.57 19.33 -7.99
N ARG C 98 22.90 20.36 -7.45
CA ARG C 98 22.20 21.37 -8.25
C ARG C 98 22.52 22.77 -7.74
N PRO C 99 23.69 23.30 -8.10
CA PRO C 99 24.05 24.65 -7.65
C PRO C 99 23.24 25.71 -8.38
N CYS C 100 22.97 26.81 -7.66
CA CYS C 100 22.20 27.91 -8.24
C CYS C 100 22.87 29.22 -7.83
N VAL C 101 23.62 29.79 -8.76
CA VAL C 101 24.45 30.97 -8.50
C VAL C 101 24.06 32.06 -9.49
N SER C 102 23.80 33.25 -8.96
CA SER C 102 23.47 34.38 -9.83
C SER C 102 24.63 34.70 -10.77
N ILE C 103 24.28 34.98 -12.04
CA ILE C 103 25.25 35.23 -13.11
C ILE C 103 25.55 36.73 -13.19
N GLU C 104 26.84 37.10 -13.11
CA GLU C 104 27.21 38.49 -12.86
C GLU C 104 26.61 39.44 -13.88
N GLY C 105 26.66 39.08 -15.16
CA GLY C 105 26.19 40.02 -16.16
C GLY C 105 24.70 40.07 -16.40
N TYR C 106 23.90 39.20 -15.77
CA TYR C 106 22.48 39.07 -16.11
C TYR C 106 21.62 39.46 -14.93
N LYS C 107 20.97 40.62 -15.01
CA LYS C 107 20.25 41.16 -13.86
C LYS C 107 18.84 40.55 -13.76
N THR C 108 18.51 40.05 -12.57
CA THR C 108 17.18 39.52 -12.26
C THR C 108 16.73 40.15 -10.96
N PRO C 109 15.45 40.01 -10.59
CA PRO C 109 14.97 40.66 -9.35
C PRO C 109 15.66 40.18 -8.09
N TYR C 110 16.51 39.16 -8.18
CA TYR C 110 17.22 38.59 -7.05
C TYR C 110 18.71 38.73 -7.30
N THR C 111 19.45 39.10 -6.26
CA THR C 111 20.87 39.34 -6.45
C THR C 111 21.67 38.55 -5.43
N ASP C 112 22.80 38.01 -5.86
CA ASP C 112 23.76 37.30 -5.01
C ASP C 112 23.15 36.05 -4.40
N VAL C 113 22.49 35.27 -5.25
CA VAL C 113 22.01 33.96 -4.87
C VAL C 113 23.17 32.97 -4.95
N ASN C 114 23.40 32.24 -3.84
CA ASN C 114 24.36 31.13 -3.80
C ASN C 114 23.70 30.00 -3.02
N ILE C 115 22.99 29.15 -3.75
CA ILE C 115 22.21 28.03 -3.21
C ILE C 115 22.80 26.76 -3.77
N VAL C 116 22.85 25.71 -2.95
CA VAL C 116 23.14 24.38 -3.49
C VAL C 116 22.07 23.40 -3.02
N THR C 117 21.28 22.94 -3.97
CA THR C 117 20.31 21.87 -3.78
C THR C 117 21.01 20.52 -3.85
N ILE C 118 21.01 19.78 -2.75
CA ILE C 118 21.45 18.40 -2.76
C ILE C 118 20.23 17.53 -2.51
N ARG C 119 19.82 16.83 -3.55
CA ARG C 119 18.59 16.05 -3.55
C ARG C 119 18.99 14.59 -3.63
N GLU C 120 18.40 13.77 -2.76
CA GLU C 120 18.57 12.33 -2.86
C GLU C 120 17.97 11.84 -4.17
N ASN C 121 18.73 11.03 -4.92
CA ASN C 121 18.41 10.78 -6.31
C ASN C 121 17.69 9.46 -6.57
N THR C 122 17.60 8.55 -5.59
CA THR C 122 17.20 7.17 -5.86
C THR C 122 15.84 6.76 -5.32
N GLU C 123 15.34 7.36 -4.24
CA GLU C 123 14.07 6.90 -3.68
C GLU C 123 13.03 8.02 -3.60
N GLY C 124 12.36 8.15 -2.44
CA GLY C 124 11.35 9.18 -2.26
C GLY C 124 10.09 8.91 -3.05
N GLU C 125 9.41 9.98 -3.46
CA GLU C 125 8.21 9.80 -4.25
C GLU C 125 8.50 9.44 -5.69
N TYR C 126 9.77 9.31 -6.08
CA TYR C 126 10.08 8.92 -7.45
C TYR C 126 10.45 7.44 -7.55
N SER C 127 9.99 6.63 -6.60
CA SER C 127 9.90 5.19 -6.80
C SER C 127 9.05 4.91 -8.03
N GLY C 128 9.24 3.75 -8.63
CA GLY C 128 8.39 3.44 -9.77
C GLY C 128 7.13 2.69 -9.41
N ILE C 129 6.58 2.94 -8.22
CA ILE C 129 5.64 2.01 -7.60
C ILE C 129 4.31 2.72 -7.35
N GLU C 130 3.32 2.41 -8.16
CA GLU C 130 1.94 2.77 -7.87
C GLU C 130 1.04 1.56 -8.13
N HIS C 131 -0.16 1.62 -7.57
CA HIS C 131 -1.08 0.50 -7.58
C HIS C 131 -2.51 1.01 -7.70
N VAL C 132 -3.29 0.37 -8.57
CA VAL C 132 -4.72 0.64 -8.65
C VAL C 132 -5.38 -0.22 -7.59
N ILE C 133 -5.81 0.40 -6.49
CA ILE C 133 -6.37 -0.36 -5.39
C ILE C 133 -7.70 -0.97 -5.80
N VAL C 134 -8.64 -0.11 -6.17
CA VAL C 134 -9.88 -0.47 -6.83
C VAL C 134 -10.01 0.43 -8.04
N ASP C 135 -11.06 0.22 -8.82
CA ASP C 135 -11.36 1.15 -9.92
C ASP C 135 -11.41 2.57 -9.35
N GLY C 136 -10.73 3.49 -10.03
CA GLY C 136 -10.70 4.89 -9.63
C GLY C 136 -9.99 5.25 -8.34
N VAL C 137 -9.19 4.37 -7.77
CA VAL C 137 -8.44 4.67 -6.56
C VAL C 137 -7.00 4.21 -6.78
N VAL C 138 -6.07 5.17 -6.81
CA VAL C 138 -4.65 4.92 -7.08
C VAL C 138 -3.86 5.27 -5.84
N ALA C 139 -2.81 4.49 -5.57
CA ALA C 139 -1.87 4.82 -4.50
C ALA C 139 -0.46 4.79 -5.06
N SER C 140 0.18 5.95 -5.17
CA SER C 140 1.61 6.01 -5.46
C SER C 140 2.39 5.90 -4.16
N ILE C 141 3.46 5.11 -4.17
CA ILE C 141 4.13 4.78 -2.92
C ILE C 141 5.47 5.50 -2.84
N LYS C 142 5.63 6.26 -1.77
CA LYS C 142 6.87 6.96 -1.46
C LYS C 142 7.73 6.08 -0.54
N LEU C 143 9.02 5.93 -0.89
CA LEU C 143 9.96 5.14 -0.12
C LEU C 143 11.03 6.03 0.47
N ILE C 144 11.31 5.86 1.76
CA ILE C 144 12.44 6.47 2.43
C ILE C 144 13.11 5.39 3.26
N THR C 145 14.43 5.25 3.10
CA THR C 145 15.18 4.22 3.79
C THR C 145 16.30 4.86 4.60
N GLU C 146 16.60 4.22 5.73
CA GLU C 146 17.68 4.66 6.61
C GLU C 146 18.98 4.88 5.85
N GLY C 147 19.38 3.89 5.06
CA GLY C 147 20.71 3.92 4.49
C GLY C 147 20.87 4.98 3.41
N ALA C 148 19.84 5.17 2.58
CA ALA C 148 19.93 6.21 1.56
C ALA C 148 19.91 7.60 2.17
N SER C 149 19.11 7.81 3.23
CA SER C 149 19.07 9.14 3.83
C SER C 149 20.35 9.46 4.58
N LYS C 150 20.86 8.55 5.40
CA LYS C 150 22.18 8.74 5.97
C LYS C 150 23.19 9.09 4.88
N ARG C 151 23.24 8.28 3.83
CA ARG C 151 24.22 8.51 2.76
C ARG C 151 24.07 9.92 2.19
N ILE C 152 22.85 10.34 1.88
CA ILE C 152 22.70 11.65 1.26
C ILE C 152 23.03 12.78 2.25
N ALA C 153 22.70 12.58 3.53
CA ALA C 153 23.09 13.56 4.52
C ALA C 153 24.62 13.66 4.63
N GLU C 154 25.31 12.51 4.66
CA GLU C 154 26.77 12.53 4.66
C GLU C 154 27.32 13.25 3.45
N PHE C 155 26.77 12.91 2.27
CA PHE C 155 27.18 13.59 1.05
C PHE C 155 27.09 15.10 1.18
N ALA C 156 26.03 15.59 1.83
CA ALA C 156 25.81 17.04 1.86
C ALA C 156 26.78 17.73 2.79
N PHE C 157 27.05 17.11 3.94
CA PHE C 157 28.01 17.72 4.84
C PHE C 157 29.39 17.71 4.21
N GLU C 158 29.75 16.63 3.53
CA GLU C 158 31.06 16.61 2.88
C GLU C 158 31.10 17.53 1.67
N TYR C 159 29.94 17.83 1.07
CA TYR C 159 29.91 18.84 0.02
C TYR C 159 30.22 20.23 0.58
N ALA C 160 29.64 20.56 1.73
CA ALA C 160 29.86 21.85 2.33
C ALA C 160 31.32 22.03 2.68
N ARG C 161 31.98 20.95 3.10
CA ARG C 161 33.37 21.02 3.48
C ARG C 161 34.28 21.22 2.25
N ASN C 162 33.94 20.58 1.12
CA ASN C 162 34.76 20.68 -0.09
C ASN C 162 34.54 21.98 -0.86
N ASN C 163 33.46 22.74 -0.57
CA ASN C 163 33.21 23.99 -1.28
C ASN C 163 33.06 25.14 -0.30
N HIS C 164 33.52 24.92 0.93
CA HIS C 164 33.55 25.91 2.01
C HIS C 164 32.22 26.65 2.11
N ARG C 165 31.17 25.85 2.18
CA ARG C 165 29.85 26.25 2.61
C ARG C 165 29.77 26.09 4.13
N SER C 166 28.96 26.95 4.76
CA SER C 166 28.92 27.01 6.23
C SER C 166 27.72 26.32 6.84
N ASN C 167 26.59 26.27 6.15
CA ASN C 167 25.38 25.68 6.73
C ASN C 167 24.78 24.67 5.77
N VAL C 168 24.07 23.73 6.39
CA VAL C 168 23.30 22.70 5.73
C VAL C 168 21.90 22.80 6.33
N THR C 169 20.88 22.90 5.48
CA THR C 169 19.50 22.90 5.94
C THR C 169 18.82 21.63 5.44
N ALA C 170 18.32 20.84 6.38
CA ALA C 170 17.52 19.66 6.02
C ALA C 170 16.08 20.09 5.75
N VAL C 171 15.60 19.84 4.54
CA VAL C 171 14.25 20.22 4.13
C VAL C 171 13.39 18.97 4.08
N HIS C 172 12.21 19.05 4.69
CA HIS C 172 11.39 17.88 4.91
C HIS C 172 9.94 18.34 5.09
N LYS C 173 9.06 17.39 5.36
CA LYS C 173 7.67 17.67 5.70
C LYS C 173 7.22 16.78 6.85
N ALA C 174 8.13 16.45 7.78
CA ALA C 174 7.91 15.38 8.76
C ALA C 174 6.82 15.67 9.77
N ASN C 175 6.15 16.83 9.66
CA ASN C 175 4.91 16.97 10.42
C ASN C 175 3.77 16.26 9.70
N ILE C 176 3.61 16.52 8.40
CA ILE C 176 2.61 15.79 7.62
C ILE C 176 2.97 14.31 7.52
N MET C 177 4.19 13.99 7.07
CA MET C 177 4.65 12.62 6.84
C MET C 177 5.63 12.21 7.95
N ARG C 178 5.06 11.90 9.12
CA ARG C 178 5.84 11.58 10.33
C ARG C 178 6.91 10.53 10.07
N MET C 179 6.49 9.37 9.51
CA MET C 179 7.40 8.23 9.55
C MET C 179 8.51 8.35 8.52
N SER C 180 8.13 8.61 7.27
CA SER C 180 9.11 8.63 6.18
C SER C 180 10.02 9.85 6.30
N ASP C 181 9.45 11.05 6.31
CA ASP C 181 10.26 12.25 6.38
C ASP C 181 10.92 12.37 7.75
N GLY C 182 10.29 11.81 8.78
CA GLY C 182 10.91 11.79 10.09
C GLY C 182 12.14 10.91 10.12
N LEU C 183 12.13 9.80 9.36
CA LEU C 183 13.33 8.99 9.25
C LEU C 183 14.43 9.74 8.50
N PHE C 184 14.05 10.39 7.40
CA PHE C 184 15.00 11.23 6.70
C PHE C 184 15.59 12.27 7.62
N LEU C 185 14.72 13.02 8.30
CA LEU C 185 15.19 14.09 9.17
C LEU C 185 16.04 13.51 10.31
N GLN C 186 15.66 12.36 10.82
CA GLN C 186 16.39 11.77 11.95
C GLN C 186 17.83 11.45 11.54
N LYS C 187 18.00 10.84 10.38
CA LYS C 187 19.34 10.49 9.94
C LYS C 187 20.15 11.73 9.62
N CYS C 188 19.48 12.82 9.25
CA CYS C 188 20.17 14.08 9.03
C CYS C 188 20.69 14.63 10.34
N ARG C 189 19.87 14.60 11.41
CA ARG C 189 20.33 15.05 12.72
C ARG C 189 21.57 14.31 13.16
N GLU C 190 21.64 13.02 12.85
CA GLU C 190 22.73 12.19 13.37
C GLU C 190 24.06 12.54 12.71
N VAL C 191 24.07 12.76 11.38
CA VAL C 191 25.35 13.14 10.79
C VAL C 191 25.72 14.55 11.23
N ALA C 192 24.72 15.43 11.36
CA ALA C 192 24.98 16.78 11.88
C ALA C 192 25.71 16.72 13.23
N GLU C 193 25.27 15.84 14.14
CA GLU C 193 25.90 15.67 15.45
C GLU C 193 27.35 15.24 15.33
N SER C 194 27.73 14.64 14.20
CA SER C 194 29.11 14.26 13.97
C SER C 194 29.89 15.27 13.15
N CYS C 195 29.26 16.36 12.74
CA CYS C 195 29.80 17.37 11.84
C CYS C 195 29.69 18.73 12.53
N LYS C 196 30.24 18.92 13.73
CA LYS C 196 30.02 20.18 14.43
C LYS C 196 30.69 21.36 13.72
N ASP C 197 31.57 21.09 12.76
CA ASP C 197 32.25 22.15 12.01
C ASP C 197 31.35 22.80 11.00
N ILE C 198 30.14 22.27 10.80
CA ILE C 198 29.18 22.79 9.84
C ILE C 198 27.87 23.03 10.56
N LYS C 199 27.29 24.23 10.40
CA LYS C 199 26.07 24.61 11.09
C LYS C 199 24.85 23.95 10.45
N PHE C 200 23.95 23.41 11.28
CA PHE C 200 22.83 22.64 10.76
C PHE C 200 21.51 23.20 11.27
N ASN C 201 20.50 23.20 10.38
CA ASN C 201 19.15 23.59 10.75
C ASN C 201 18.19 22.79 9.90
N GLU C 202 16.90 22.85 10.26
CA GLU C 202 15.89 22.18 9.47
C GLU C 202 14.68 23.08 9.30
N MET C 203 14.09 23.04 8.11
CA MET C 203 12.91 23.83 7.75
C MET C 203 11.90 22.94 7.03
N TYR C 204 10.61 23.18 7.28
CA TYR C 204 9.55 22.58 6.46
C TYR C 204 9.61 23.07 5.03
N LEU C 205 9.27 22.19 4.09
CA LEU C 205 9.43 22.49 2.66
C LEU C 205 8.69 23.76 2.27
N ASP C 206 7.43 23.89 2.68
CA ASP C 206 6.64 25.06 2.32
C ASP C 206 7.26 26.35 2.84
N THR C 207 7.73 26.35 4.08
CA THR C 207 8.41 27.53 4.60
C THR C 207 9.68 27.84 3.82
N VAL C 208 10.41 26.81 3.39
CA VAL C 208 11.55 27.07 2.52
C VAL C 208 11.09 27.81 1.27
N CYS C 209 10.07 27.27 0.58
CA CYS C 209 9.72 27.99 -0.64
C CYS C 209 9.02 29.31 -0.33
N LEU C 210 8.27 29.44 0.75
CA LEU C 210 7.75 30.74 1.15
C LEU C 210 8.89 31.76 1.30
N ASN C 211 9.99 31.35 1.93
CA ASN C 211 11.08 32.28 2.23
C ASN C 211 12.00 32.47 1.04
N MET C 212 12.26 31.39 0.29
CA MET C 212 13.19 31.45 -0.81
C MET C 212 12.83 32.57 -1.78
N VAL C 213 11.56 32.65 -2.17
CA VAL C 213 11.16 33.69 -3.11
C VAL C 213 11.24 35.07 -2.51
N GLN C 214 11.28 35.19 -1.18
CA GLN C 214 11.36 36.50 -0.55
C GLN C 214 12.79 36.93 -0.24
N ASP C 215 13.62 36.05 0.31
CA ASP C 215 14.99 36.41 0.67
C ASP C 215 15.92 35.20 0.54
N PRO C 216 16.48 34.97 -0.65
CA PRO C 216 17.28 33.76 -0.87
C PRO C 216 18.65 33.78 -0.22
N SER C 217 18.99 34.83 0.50
CA SER C 217 20.31 34.90 1.11
C SER C 217 20.40 34.11 2.42
N GLN C 218 19.27 33.64 2.96
CA GLN C 218 19.22 32.88 4.21
C GLN C 218 19.44 31.39 3.98
N PHE C 219 19.79 30.99 2.77
CA PHE C 219 19.98 29.58 2.48
C PHE C 219 21.38 29.36 1.92
N ASP C 220 21.91 28.17 2.20
CA ASP C 220 23.24 27.76 1.82
C ASP C 220 23.19 26.45 1.05
N VAL C 221 23.36 25.35 1.77
CA VAL C 221 23.26 24.01 1.21
C VAL C 221 21.98 23.40 1.77
N LEU C 222 21.19 22.76 0.91
CA LEU C 222 19.93 22.14 1.31
C LEU C 222 19.90 20.67 0.90
N VAL C 223 19.37 19.82 1.80
CA VAL C 223 19.22 18.38 1.58
C VAL C 223 17.77 18.00 1.67
N MET C 224 17.32 17.22 0.71
CA MET C 224 15.92 16.84 0.58
C MET C 224 15.80 15.44 0.04
N PRO C 225 14.68 14.76 0.32
CA PRO C 225 14.32 13.58 -0.47
C PRO C 225 13.90 13.99 -1.87
N ASN C 226 13.75 12.97 -2.73
CA ASN C 226 13.81 13.16 -4.18
C ASN C 226 12.83 14.20 -4.69
N LEU C 227 11.55 14.10 -4.32
CA LEU C 227 10.57 14.97 -4.94
C LEU C 227 10.76 16.41 -4.52
N TYR C 228 11.04 16.65 -3.24
CA TYR C 228 11.31 18.01 -2.79
C TYR C 228 12.51 18.60 -3.54
N GLY C 229 13.57 17.79 -3.71
CA GLY C 229 14.71 18.26 -4.47
C GLY C 229 14.34 18.68 -5.87
N ASP C 230 13.46 17.91 -6.52
CA ASP C 230 13.06 18.24 -7.88
C ASP C 230 12.44 19.63 -7.94
N ILE C 231 11.52 19.90 -7.01
CA ILE C 231 10.71 21.10 -7.07
C ILE C 231 11.53 22.33 -6.66
N LEU C 232 12.34 22.22 -5.61
CA LEU C 232 13.04 23.41 -5.11
C LEU C 232 14.16 23.82 -6.07
N SER C 233 14.78 22.87 -6.75
CA SER C 233 15.83 23.22 -7.70
C SER C 233 15.25 23.94 -8.91
N ASP C 234 14.02 23.62 -9.30
CA ASP C 234 13.36 24.39 -10.35
C ASP C 234 12.89 25.75 -9.84
N LEU C 235 12.32 25.79 -8.64
CA LEU C 235 11.98 27.06 -8.01
C LEU C 235 13.17 28.03 -8.07
N CYS C 236 14.34 27.60 -7.58
CA CYS C 236 15.38 28.62 -7.49
C CYS C 236 16.01 28.88 -8.83
N ALA C 237 15.80 28.04 -9.84
CA ALA C 237 16.24 28.38 -11.18
C ALA C 237 15.66 29.71 -11.64
N GLY C 238 14.39 29.96 -11.31
CA GLY C 238 13.74 31.21 -11.64
C GLY C 238 14.35 32.40 -10.95
N LEU C 239 15.10 32.19 -9.87
CA LEU C 239 15.76 33.30 -9.20
C LEU C 239 16.79 33.97 -10.10
N ILE C 240 17.54 33.18 -10.87
CA ILE C 240 18.82 33.62 -11.43
C ILE C 240 18.82 33.70 -12.95
N GLY C 241 17.71 33.38 -13.62
CA GLY C 241 17.68 33.51 -15.07
C GLY C 241 17.01 32.38 -15.81
N GLY C 242 16.57 31.34 -15.10
CA GLY C 242 15.70 30.33 -15.67
C GLY C 242 16.40 29.00 -15.86
N LEU C 243 15.63 28.07 -16.41
CA LEU C 243 16.11 26.71 -16.63
C LEU C 243 17.20 26.63 -17.69
N GLY C 244 17.42 27.72 -18.43
CA GLY C 244 18.44 27.71 -19.46
C GLY C 244 19.86 27.77 -18.93
N VAL C 245 20.06 28.07 -17.65
CA VAL C 245 21.40 28.33 -17.14
C VAL C 245 21.82 27.41 -16.00
N THR C 246 21.01 26.41 -15.64
CA THR C 246 21.16 25.70 -14.35
C THR C 246 21.75 24.31 -14.53
N PRO C 247 22.95 24.06 -14.03
CA PRO C 247 23.62 22.77 -14.23
C PRO C 247 23.28 21.74 -13.15
N SER C 248 23.58 20.49 -13.46
CA SER C 248 23.26 19.34 -12.62
C SER C 248 24.44 18.38 -12.65
N GLY C 249 24.54 17.56 -11.61
CA GLY C 249 25.46 16.43 -11.61
C GLY C 249 24.90 15.27 -10.81
N ASN C 250 24.86 14.09 -11.39
CA ASN C 250 24.41 12.89 -10.70
C ASN C 250 25.65 12.14 -10.25
N ILE C 251 25.93 12.14 -8.96
CA ILE C 251 27.14 11.56 -8.40
C ILE C 251 26.82 10.20 -7.80
N GLY C 252 27.72 9.23 -7.99
CA GLY C 252 27.63 7.95 -7.32
C GLY C 252 28.84 7.72 -6.43
N ALA C 253 29.17 6.45 -6.12
CA ALA C 253 30.40 6.18 -5.41
C ALA C 253 31.58 6.10 -6.38
N ASN C 254 32.79 6.12 -5.81
CA ASN C 254 34.02 5.83 -6.56
C ASN C 254 34.22 6.78 -7.75
N GLY C 255 33.68 8.00 -7.65
CA GLY C 255 33.85 8.98 -8.70
C GLY C 255 33.10 8.68 -9.99
N VAL C 256 32.03 7.89 -9.93
CA VAL C 256 31.18 7.68 -11.10
C VAL C 256 30.09 8.73 -11.10
N ALA C 257 29.85 9.34 -12.26
CA ALA C 257 28.88 10.41 -12.33
C ALA C 257 28.32 10.53 -13.74
N ILE C 258 27.12 11.09 -13.81
CA ILE C 258 26.53 11.56 -15.06
C ILE C 258 26.10 13.00 -14.83
N PHE C 259 26.67 13.92 -15.58
CA PHE C 259 26.29 15.33 -15.49
C PHE C 259 25.26 15.64 -16.56
N GLU C 260 24.32 16.52 -16.23
CA GLU C 260 23.26 16.89 -17.16
C GLU C 260 22.74 18.25 -16.77
N SER C 261 21.81 18.77 -17.55
CA SER C 261 21.24 19.98 -17.03
C SER C 261 20.06 19.68 -16.10
N VAL C 262 19.56 20.74 -15.46
CA VAL C 262 18.35 20.59 -14.67
C VAL C 262 17.13 20.51 -15.60
N HIS C 263 17.14 21.28 -16.69
CA HIS C 263 15.96 21.55 -17.51
C HIS C 263 15.43 20.29 -18.24
N GLY C 264 14.20 20.37 -18.76
CA GLY C 264 13.72 19.21 -19.47
C GLY C 264 14.11 19.13 -20.92
N THR C 265 13.22 18.55 -21.72
CA THR C 265 13.41 18.36 -23.15
C THR C 265 13.18 19.64 -23.94
N ALA C 266 12.32 20.53 -23.42
CA ALA C 266 11.93 21.80 -24.03
C ALA C 266 11.33 21.57 -25.41
N PRO C 267 10.32 20.71 -25.53
CA PRO C 267 9.70 20.47 -26.83
C PRO C 267 9.04 21.71 -27.43
N ASP C 268 8.97 22.81 -26.70
CA ASP C 268 8.37 24.00 -27.27
C ASP C 268 9.34 24.74 -28.16
N ILE C 269 10.62 24.40 -28.09
CA ILE C 269 11.63 25.19 -28.80
C ILE C 269 12.64 24.24 -29.43
N ALA C 270 12.21 23.01 -29.71
CA ALA C 270 13.15 21.93 -29.99
C ALA C 270 13.65 21.95 -31.44
N GLY C 271 12.79 22.18 -32.42
CA GLY C 271 13.28 22.14 -33.79
C GLY C 271 14.23 23.29 -34.12
N LYS C 272 14.06 24.43 -33.46
CA LYS C 272 14.66 25.69 -33.85
C LYS C 272 16.11 25.76 -33.37
N ASP C 273 16.71 26.93 -33.48
CA ASP C 273 18.05 27.13 -32.95
C ASP C 273 18.02 28.03 -31.71
N MET C 274 16.95 27.91 -30.92
CA MET C 274 16.62 28.88 -29.90
C MET C 274 17.16 28.55 -28.52
N ALA C 275 17.70 27.34 -28.32
CA ALA C 275 17.99 26.77 -27.01
C ALA C 275 19.12 27.49 -26.28
N ASN C 276 19.10 27.36 -24.97
CA ASN C 276 20.21 27.84 -24.17
C ASN C 276 21.10 26.68 -23.77
N PRO C 277 22.37 26.64 -24.18
CA PRO C 277 23.24 25.54 -23.78
C PRO C 277 23.99 25.75 -22.49
N THR C 278 23.98 26.96 -21.91
CA THR C 278 24.89 27.20 -20.79
C THR C 278 24.64 26.22 -19.65
N ALA C 279 23.38 25.81 -19.45
CA ALA C 279 23.04 24.79 -18.46
C ALA C 279 23.88 23.54 -18.64
N LEU C 280 23.76 22.89 -19.80
CA LEU C 280 24.63 21.74 -20.07
C LEU C 280 26.09 22.14 -20.06
N LEU C 281 26.42 23.34 -20.51
CA LEU C 281 27.82 23.75 -20.56
C LEU C 281 28.40 23.81 -19.16
N LEU C 282 27.69 24.49 -18.25
CA LEU C 282 28.13 24.57 -16.87
C LEU C 282 28.13 23.19 -16.21
N SER C 283 27.19 22.32 -16.58
CA SER C 283 27.25 20.95 -16.06
C SER C 283 28.50 20.22 -16.56
N ALA C 284 28.90 20.48 -17.80
CA ALA C 284 30.16 19.91 -18.28
C ALA C 284 31.34 20.54 -17.58
N VAL C 285 31.23 21.82 -17.19
CA VAL C 285 32.26 22.44 -16.38
C VAL C 285 32.40 21.68 -15.05
N MET C 286 31.29 21.44 -14.38
CA MET C 286 31.33 20.58 -13.20
C MET C 286 32.02 19.26 -13.51
N MET C 287 31.61 18.62 -14.62
CA MET C 287 32.25 17.36 -15.00
C MET C 287 33.76 17.52 -15.11
N LEU C 288 34.22 18.61 -15.73
CA LEU C 288 35.66 18.82 -15.89
C LEU C 288 36.34 18.96 -14.54
N ARG C 289 35.73 19.72 -13.64
CA ARG C 289 36.32 19.88 -12.30
C ARG C 289 36.29 18.57 -11.53
N HIS C 290 35.21 17.79 -11.69
CA HIS C 290 35.17 16.45 -11.12
C HIS C 290 36.39 15.63 -11.53
N MET C 291 36.75 15.67 -12.83
CA MET C 291 37.87 14.94 -13.41
C MET C 291 39.24 15.53 -13.09
N GLY C 292 39.32 16.62 -12.34
CA GLY C 292 40.61 17.24 -12.06
C GLY C 292 41.14 18.14 -13.16
N LEU C 293 40.36 18.43 -14.20
CA LEU C 293 40.82 19.25 -15.32
C LEU C 293 40.41 20.71 -15.13
N PHE C 294 40.95 21.30 -14.05
CA PHE C 294 40.49 22.63 -13.64
C PHE C 294 40.82 23.70 -14.67
N ASP C 295 41.98 23.60 -15.32
CA ASP C 295 42.37 24.69 -16.20
C ASP C 295 41.45 24.79 -17.40
N HIS C 296 40.97 23.65 -17.91
CA HIS C 296 39.97 23.69 -18.97
C HIS C 296 38.59 24.09 -18.46
N ALA C 297 38.27 23.73 -17.21
CA ALA C 297 37.00 24.17 -16.63
C ALA C 297 37.01 25.67 -16.38
N ALA C 298 38.11 26.21 -15.85
CA ALA C 298 38.19 27.65 -15.61
C ALA C 298 37.98 28.45 -16.88
N ARG C 299 38.65 28.05 -17.96
CA ARG C 299 38.58 28.82 -19.20
C ARG C 299 37.18 28.80 -19.79
N ILE C 300 36.62 27.58 -19.96
CA ILE C 300 35.27 27.44 -20.51
C ILE C 300 34.27 28.25 -19.69
N GLU C 301 34.36 28.15 -18.37
CA GLU C 301 33.46 28.93 -17.50
C GLU C 301 33.60 30.43 -17.76
N ALA C 302 34.83 30.93 -17.74
CA ALA C 302 35.06 32.37 -17.93
C ALA C 302 34.49 32.87 -19.26
N ALA C 303 34.59 32.06 -20.31
CA ALA C 303 34.19 32.53 -21.63
C ALA C 303 32.68 32.60 -21.78
N CYS C 304 31.96 31.63 -21.20
CA CYS C 304 30.51 31.67 -21.20
C CYS C 304 29.99 32.84 -20.35
N PHE C 305 30.55 33.04 -19.15
CA PHE C 305 30.16 34.19 -18.33
C PHE C 305 30.55 35.52 -18.99
N ALA C 306 31.73 35.58 -19.62
CA ALA C 306 32.08 36.82 -20.32
C ALA C 306 31.14 37.06 -21.50
N THR C 307 30.82 36.00 -22.25
CA THR C 307 29.82 36.11 -23.30
C THR C 307 28.48 36.64 -22.75
N ILE C 308 28.09 36.18 -21.56
CA ILE C 308 26.82 36.60 -21.01
C ILE C 308 26.89 38.01 -20.45
N LYS C 309 27.98 38.33 -19.72
CA LYS C 309 28.12 39.67 -19.14
C LYS C 309 28.17 40.74 -20.23
N ASP C 310 28.67 40.37 -21.41
CA ASP C 310 28.82 41.28 -22.53
C ASP C 310 27.48 41.76 -23.07
N GLY C 311 26.52 40.84 -23.19
CA GLY C 311 25.29 41.18 -23.90
C GLY C 311 25.48 40.77 -25.33
N LYS C 312 25.00 41.60 -26.27
CA LYS C 312 25.30 41.43 -27.69
C LYS C 312 24.69 40.14 -28.25
N SER C 313 25.11 38.97 -27.74
CA SER C 313 24.75 37.72 -28.38
C SER C 313 23.97 36.77 -27.46
N LEU C 314 23.13 37.31 -26.58
CA LEU C 314 22.44 36.42 -25.65
C LEU C 314 21.28 35.71 -26.30
N THR C 315 21.12 34.44 -25.93
CA THR C 315 20.05 33.57 -26.38
C THR C 315 18.71 34.09 -25.85
N LYS C 316 17.63 33.55 -26.39
CA LYS C 316 16.30 34.18 -26.14
C LYS C 316 15.89 34.20 -24.68
N ASP C 317 16.05 33.10 -23.95
CA ASP C 317 15.59 33.05 -22.54
C ASP C 317 16.31 34.08 -21.69
N LEU C 318 17.60 34.30 -21.95
CA LEU C 318 18.35 35.36 -21.27
C LEU C 318 17.94 36.77 -21.76
N GLY C 319 17.31 36.90 -22.93
CA GLY C 319 16.80 38.23 -23.26
C GLY C 319 17.33 38.82 -24.54
N GLY C 320 17.46 38.04 -25.59
CA GLY C 320 18.01 38.63 -26.81
C GLY C 320 17.60 37.83 -28.02
N ASN C 321 17.97 38.27 -29.21
CA ASN C 321 17.65 37.41 -30.36
C ASN C 321 18.96 36.79 -30.80
N ALA C 322 19.23 35.54 -30.45
CA ALA C 322 20.52 34.96 -30.88
C ALA C 322 20.37 33.46 -30.97
N LYS C 323 20.49 32.91 -32.16
CA LYS C 323 20.37 31.47 -32.27
C LYS C 323 21.43 30.76 -31.42
N CYS C 324 21.10 29.51 -31.05
CA CYS C 324 21.99 28.83 -30.11
C CYS C 324 23.36 28.59 -30.75
N SER C 325 23.42 28.25 -32.04
CA SER C 325 24.69 28.22 -32.76
C SER C 325 25.40 29.57 -32.72
N ASP C 326 24.67 30.67 -32.94
CA ASP C 326 25.30 31.99 -32.92
C ASP C 326 25.81 32.32 -31.53
N PHE C 327 25.04 31.97 -30.48
CA PHE C 327 25.47 32.21 -29.11
C PHE C 327 26.69 31.36 -28.75
N THR C 328 26.78 30.16 -29.32
CA THR C 328 27.85 29.25 -28.95
C THR C 328 29.16 29.64 -29.61
N GLU C 329 29.15 30.06 -30.88
CA GLU C 329 30.38 30.50 -31.52
C GLU C 329 31.05 31.60 -30.73
N GLU C 330 30.28 32.53 -30.16
CA GLU C 330 30.90 33.62 -29.42
C GLU C 330 31.63 33.11 -28.17
N ILE C 331 31.09 32.06 -27.53
CA ILE C 331 31.81 31.43 -26.42
C ILE C 331 33.13 30.85 -26.94
N CYS C 332 33.07 30.03 -28.01
CA CYS C 332 34.29 29.47 -28.61
C CYS C 332 35.26 30.55 -29.03
N ARG C 333 34.78 31.55 -29.75
CA ARG C 333 35.62 32.69 -30.07
C ARG C 333 36.41 33.13 -28.85
N ARG C 334 35.72 33.21 -27.71
CA ARG C 334 36.34 33.77 -26.51
C ARG C 334 37.31 32.79 -25.84
N VAL C 335 37.00 31.49 -25.84
CA VAL C 335 37.93 30.53 -25.24
C VAL C 335 39.26 30.54 -25.97
N LYS C 336 39.22 30.49 -27.32
CA LYS C 336 40.44 30.40 -28.09
C LYS C 336 41.42 31.52 -27.74
N ASP C 337 40.92 32.76 -27.68
CA ASP C 337 41.72 33.84 -27.15
C ASP C 337 41.77 33.69 -25.63
N SER D 14 -25.93 39.32 14.62
CA SER D 14 -27.12 38.50 14.34
C SER D 14 -26.78 37.28 13.45
N PHE D 15 -25.72 37.39 12.65
CA PHE D 15 -25.19 36.26 11.91
C PHE D 15 -24.21 35.44 12.75
N PRO D 16 -24.55 34.19 13.10
CA PRO D 16 -23.60 33.36 13.85
C PRO D 16 -22.50 32.83 12.94
N VAL D 17 -21.25 33.03 13.36
CA VAL D 17 -20.10 32.45 12.70
C VAL D 17 -19.34 31.58 13.70
N THR D 18 -18.94 30.39 13.27
CA THR D 18 -18.08 29.53 14.07
C THR D 18 -16.65 30.03 13.98
N MET D 19 -15.95 30.06 15.12
CA MET D 19 -14.56 30.55 15.17
C MET D 19 -13.64 29.53 15.85
N LEU D 20 -12.64 29.05 15.10
CA LEU D 20 -11.58 28.19 15.65
C LEU D 20 -10.26 28.96 15.69
N PRO D 21 -9.86 29.53 16.85
CA PRO D 21 -8.66 30.40 16.85
C PRO D 21 -7.41 29.71 16.34
N GLY D 22 -7.13 28.50 16.83
CA GLY D 22 -6.01 27.76 16.32
C GLY D 22 -4.74 27.94 17.14
N ASP D 23 -3.64 27.71 16.46
CA ASP D 23 -2.32 27.62 17.06
C ASP D 23 -1.56 28.93 16.94
N GLY D 24 -0.44 28.99 17.64
CA GLY D 24 0.50 30.08 17.53
C GLY D 24 -0.15 31.43 17.71
N VAL D 25 -0.05 32.27 16.66
CA VAL D 25 -0.65 33.60 16.67
C VAL D 25 -2.12 33.61 16.28
N GLY D 26 -2.71 32.45 15.97
CA GLY D 26 -4.12 32.35 15.66
C GLY D 26 -5.01 33.14 16.59
N PRO D 27 -4.94 32.86 17.89
CA PRO D 27 -5.78 33.59 18.84
C PRO D 27 -5.53 35.08 18.85
N GLU D 28 -4.27 35.51 18.66
CA GLU D 28 -4.04 36.95 18.59
C GLU D 28 -4.61 37.54 17.31
N LEU D 29 -4.52 36.80 16.20
CA LEU D 29 -5.15 37.25 14.96
C LEU D 29 -6.67 37.30 15.08
N MET D 30 -7.28 36.26 15.67
CA MET D 30 -8.72 36.31 15.89
C MET D 30 -9.09 37.53 16.70
N HIS D 31 -8.21 37.92 17.63
CA HIS D 31 -8.49 39.10 18.44
C HIS D 31 -8.55 40.35 17.57
N ALA D 32 -7.68 40.45 16.58
CA ALA D 32 -7.76 41.57 15.64
C ALA D 32 -9.10 41.56 14.88
N VAL D 33 -9.49 40.41 14.35
CA VAL D 33 -10.75 40.33 13.60
C VAL D 33 -11.91 40.84 14.45
N LYS D 34 -11.97 40.40 15.71
CA LYS D 34 -13.04 40.86 16.62
C LYS D 34 -12.97 42.37 16.85
N GLU D 35 -11.77 42.91 17.08
CA GLU D 35 -11.61 44.34 17.33
C GLU D 35 -12.01 45.19 16.12
N VAL D 36 -11.62 44.77 14.91
CA VAL D 36 -12.03 45.49 13.72
C VAL D 36 -13.53 45.39 13.52
N PHE D 37 -14.07 44.17 13.66
CA PHE D 37 -15.51 43.96 13.49
C PHE D 37 -16.29 44.86 14.45
N LYS D 38 -15.82 44.98 15.71
CA LYS D 38 -16.55 45.82 16.65
C LYS D 38 -16.52 47.26 16.23
N ALA D 39 -15.36 47.73 15.73
CA ALA D 39 -15.22 49.11 15.31
C ALA D 39 -15.99 49.42 14.03
N ALA D 40 -16.34 48.39 13.25
CA ALA D 40 -17.17 48.56 12.06
C ALA D 40 -18.64 48.32 12.35
N ALA D 41 -18.98 47.95 13.58
CA ALA D 41 -20.34 47.52 13.92
C ALA D 41 -20.81 46.43 12.96
N VAL D 42 -20.02 45.37 12.86
CA VAL D 42 -20.40 44.24 12.00
C VAL D 42 -21.40 43.37 12.77
N PRO D 43 -22.52 42.99 12.14
CA PRO D 43 -23.54 42.13 12.79
C PRO D 43 -23.20 40.65 12.71
N VAL D 44 -22.16 40.25 13.45
CA VAL D 44 -21.68 38.87 13.51
C VAL D 44 -21.34 38.58 14.96
N GLU D 45 -21.87 37.48 15.49
CA GLU D 45 -21.47 36.97 16.81
C GLU D 45 -20.73 35.66 16.58
N PHE D 46 -19.53 35.56 17.13
CA PHE D 46 -18.69 34.39 16.94
C PHE D 46 -18.98 33.35 18.02
N GLN D 47 -19.19 32.11 17.60
CA GLN D 47 -19.29 30.96 18.51
C GLN D 47 -17.94 30.26 18.47
N GLU D 48 -17.08 30.51 19.46
CA GLU D 48 -15.71 30.01 19.38
C GLU D 48 -15.59 28.61 19.96
N HIS D 49 -14.74 27.82 19.32
CA HIS D 49 -14.42 26.42 19.72
C HIS D 49 -12.91 26.30 19.78
N HIS D 50 -12.37 25.69 20.82
CA HIS D 50 -10.91 25.54 20.91
C HIS D 50 -10.55 24.07 20.61
N LEU D 51 -9.87 23.82 19.49
CA LEU D 51 -9.48 22.43 19.11
C LEU D 51 -8.00 22.45 18.70
N SER D 52 -7.09 22.58 19.64
CA SER D 52 -5.66 22.64 19.23
C SER D 52 -5.00 21.31 19.50
N GLU D 53 -4.10 20.90 18.59
CA GLU D 53 -3.39 19.59 18.68
C GLU D 53 -2.56 19.55 19.96
N VAL D 54 -1.96 20.68 20.35
CA VAL D 54 -1.16 20.75 21.61
C VAL D 54 -2.05 20.45 22.83
N GLN D 55 -3.26 21.02 22.92
CA GLN D 55 -4.06 20.78 24.16
C GLN D 55 -5.35 19.95 23.99
N ASN D 56 -5.90 19.75 22.80
CA ASN D 56 -7.18 18.99 22.67
C ASN D 56 -6.90 17.49 22.61
N MET D 57 -6.66 16.86 23.76
CA MET D 57 -6.31 15.43 23.91
C MET D 57 -7.41 14.50 23.39
N ALA D 58 -8.67 14.77 23.77
CA ALA D 58 -9.81 13.96 23.29
C ALA D 58 -10.54 14.77 22.22
N SER D 59 -10.23 14.49 20.95
CA SER D 59 -10.77 15.29 19.83
C SER D 59 -12.05 14.80 19.17
N GLU D 60 -12.53 13.55 19.13
CA GLU D 60 -13.80 13.27 18.39
C GLU D 60 -15.00 14.05 18.89
N GLU D 61 -15.13 14.20 20.18
CA GLU D 61 -16.18 15.03 20.79
C GLU D 61 -16.12 16.46 20.28
N LYS D 62 -14.97 17.12 20.46
CA LYS D 62 -14.83 18.50 19.99
C LYS D 62 -15.06 18.58 18.49
N LEU D 63 -14.45 17.67 17.72
CA LEU D 63 -14.69 17.64 16.27
C LEU D 63 -16.17 17.59 15.96
N GLU D 64 -16.93 16.85 16.77
CA GLU D 64 -18.36 16.69 16.48
C GLU D 64 -19.12 17.99 16.69
N GLN D 65 -18.88 18.70 17.81
CA GLN D 65 -19.66 19.90 18.03
C GLN D 65 -19.26 21.01 17.07
N VAL D 66 -18.01 21.01 16.59
CA VAL D 66 -17.73 21.89 15.46
C VAL D 66 -18.60 21.51 14.26
N LEU D 67 -18.70 20.22 13.92
CA LEU D 67 -19.63 19.80 12.87
C LEU D 67 -21.03 20.27 13.20
N SER D 68 -21.40 20.17 14.48
CA SER D 68 -22.74 20.61 14.85
C SER D 68 -22.84 22.12 14.83
N SER D 69 -21.76 22.81 15.21
CA SER D 69 -21.65 24.25 15.06
C SER D 69 -21.90 24.67 13.62
N MET D 70 -21.18 24.01 12.70
CA MET D 70 -21.27 24.34 11.28
C MET D 70 -22.62 23.99 10.70
N LYS D 71 -23.26 22.92 11.20
CA LYS D 71 -24.61 22.60 10.77
C LYS D 71 -25.56 23.76 11.03
N GLU D 72 -25.35 24.53 12.11
CA GLU D 72 -26.21 25.67 12.37
C GLU D 72 -25.75 26.94 11.65
N ASN D 73 -24.43 27.16 11.57
CA ASN D 73 -23.86 28.43 11.13
C ASN D 73 -23.50 28.48 9.64
N LYS D 74 -23.08 27.34 9.07
CA LYS D 74 -22.76 27.19 7.65
C LYS D 74 -21.44 27.86 7.28
N VAL D 75 -20.83 28.58 8.22
CA VAL D 75 -19.73 29.51 7.92
C VAL D 75 -18.78 29.56 9.12
N ALA D 76 -17.46 29.57 8.86
CA ALA D 76 -16.47 29.64 9.93
C ALA D 76 -15.26 30.48 9.52
N ILE D 77 -14.45 30.83 10.53
CA ILE D 77 -13.14 31.43 10.34
C ILE D 77 -12.16 30.76 11.31
N ILE D 78 -11.00 30.32 10.80
CA ILE D 78 -10.10 29.46 11.57
C ILE D 78 -8.63 29.80 11.31
N GLY D 79 -7.81 29.52 12.32
CA GLY D 79 -6.37 29.60 12.20
C GLY D 79 -5.75 28.23 11.94
N LYS D 80 -4.40 28.19 11.97
CA LYS D 80 -3.70 26.94 11.69
C LYS D 80 -3.90 25.99 12.87
N ILE D 81 -4.19 24.73 12.55
CA ILE D 81 -4.50 23.75 13.56
C ILE D 81 -3.36 22.76 13.69
N HIS D 82 -2.84 22.68 14.93
CA HIS D 82 -1.96 21.63 15.42
C HIS D 82 -0.74 21.45 14.53
N THR D 83 -0.49 20.20 14.08
CA THR D 83 0.71 19.77 13.35
C THR D 83 0.28 18.75 12.26
N LEU D 91 -6.66 8.77 13.64
CA LEU D 91 -5.22 8.42 13.46
C LEU D 91 -4.54 9.49 12.61
N ALA D 92 -5.29 10.18 11.76
CA ALA D 92 -4.73 11.24 10.91
C ALA D 92 -4.67 12.56 11.68
N SER D 93 -4.07 13.59 11.10
CA SER D 93 -3.96 15.00 11.54
C SER D 93 -5.32 15.50 11.99
N TYR D 94 -5.48 16.33 13.01
CA TYR D 94 -6.77 16.97 13.31
C TYR D 94 -7.24 17.81 12.13
N ASP D 95 -6.36 18.51 11.44
CA ASP D 95 -6.76 19.31 10.27
C ASP D 95 -7.42 18.38 9.26
N MET D 96 -6.83 17.24 8.99
CA MET D 96 -7.45 16.28 8.07
C MET D 96 -8.76 15.80 8.68
N ARG D 97 -8.78 15.53 9.97
CA ARG D 97 -10.06 15.08 10.57
C ARG D 97 -11.11 16.18 10.41
N LEU D 98 -10.74 17.42 10.67
CA LEU D 98 -11.71 18.52 10.48
C LEU D 98 -12.06 18.68 9.00
N ARG D 99 -11.07 18.64 8.11
CA ARG D 99 -11.44 18.87 6.70
C ARG D 99 -12.32 17.74 6.19
N ARG D 100 -12.25 16.57 6.81
CA ARG D 100 -13.04 15.45 6.33
C ARG D 100 -14.45 15.48 6.93
N LYS D 101 -14.57 15.66 8.26
CA LYS D 101 -15.90 15.73 8.86
C LYS D 101 -16.71 16.89 8.33
N LEU D 102 -16.07 17.92 7.78
CA LEU D 102 -16.75 19.05 7.15
C LEU D 102 -16.71 18.99 5.62
N ASP D 103 -16.03 17.98 5.05
CA ASP D 103 -15.92 17.79 3.60
C ASP D 103 -15.35 19.03 2.89
N LEU D 104 -14.42 19.71 3.55
CA LEU D 104 -13.78 20.90 2.97
C LEU D 104 -12.79 20.44 1.89
N PHE D 105 -13.34 20.01 0.77
CA PHE D 105 -12.50 19.39 -0.23
C PHE D 105 -11.72 20.43 -1.01
N ALA D 106 -12.26 21.64 -1.16
CA ALA D 106 -11.71 22.64 -2.04
C ALA D 106 -11.06 23.76 -1.23
N ASN D 107 -9.83 24.10 -1.58
CA ASN D 107 -9.12 25.21 -0.94
C ASN D 107 -8.75 26.24 -1.99
N VAL D 108 -9.15 27.50 -1.74
CA VAL D 108 -8.91 28.62 -2.64
C VAL D 108 -8.06 29.64 -1.91
N VAL D 109 -6.96 30.03 -2.55
CA VAL D 109 -6.05 31.04 -2.02
C VAL D 109 -5.80 32.02 -3.15
N HIS D 110 -6.11 33.29 -2.90
CA HIS D 110 -6.12 34.31 -3.95
C HIS D 110 -4.87 35.17 -3.81
N VAL D 111 -3.92 34.99 -4.73
CA VAL D 111 -2.61 35.63 -4.70
C VAL D 111 -2.75 36.98 -5.38
N LYS D 112 -2.84 38.06 -4.62
CA LYS D 112 -2.97 39.36 -5.27
C LYS D 112 -2.17 40.41 -4.51
N SER D 113 -1.35 41.14 -5.24
CA SER D 113 -0.50 42.15 -4.67
C SER D 113 -1.31 43.33 -4.15
N LEU D 114 -0.79 43.97 -3.07
CA LEU D 114 -1.43 45.09 -2.40
C LEU D 114 -0.86 46.41 -2.91
N PRO D 115 -1.69 47.34 -3.36
CA PRO D 115 -1.19 48.47 -4.17
C PRO D 115 -0.09 49.29 -3.52
N GLY D 116 0.06 49.29 -2.22
CA GLY D 116 1.15 50.11 -1.70
C GLY D 116 2.34 49.34 -1.17
N TYR D 117 2.23 48.01 -1.15
CA TYR D 117 3.18 47.11 -0.52
C TYR D 117 3.95 46.44 -1.64
N MET D 118 5.18 46.87 -1.85
CA MET D 118 5.95 46.53 -3.04
C MET D 118 6.80 45.31 -2.81
N THR D 119 6.88 44.47 -3.84
CA THR D 119 7.66 43.23 -3.80
C THR D 119 8.35 43.10 -5.16
N ARG D 120 8.85 41.91 -5.47
CA ARG D 120 9.47 41.70 -6.77
C ARG D 120 8.49 41.28 -7.84
N HIS D 121 7.19 41.25 -7.54
CA HIS D 121 6.18 40.77 -8.48
C HIS D 121 4.90 41.56 -8.16
N ASN D 122 4.92 42.83 -8.53
CA ASN D 122 3.75 43.65 -8.29
C ASN D 122 2.73 43.42 -9.39
N ASN D 123 1.51 43.92 -9.16
CA ASN D 123 0.40 43.77 -10.10
C ASN D 123 0.18 42.31 -10.49
N LEU D 124 0.31 41.41 -9.52
CA LEU D 124 0.06 39.99 -9.71
C LEU D 124 -1.33 39.61 -9.22
N ASP D 125 -2.03 38.76 -9.98
CA ASP D 125 -3.39 38.32 -9.62
C ASP D 125 -3.57 36.85 -9.99
N LEU D 126 -3.45 35.97 -8.99
CA LEU D 126 -3.52 34.52 -9.16
C LEU D 126 -4.57 33.90 -8.24
N VAL D 127 -5.19 32.81 -8.70
CA VAL D 127 -5.98 31.92 -7.84
C VAL D 127 -5.36 30.53 -7.85
N ILE D 128 -5.07 29.99 -6.67
CA ILE D 128 -4.61 28.61 -6.59
C ILE D 128 -5.66 27.80 -5.86
N ILE D 129 -6.14 26.79 -6.57
CA ILE D 129 -7.16 25.90 -6.08
C ILE D 129 -6.51 24.55 -5.82
N ARG D 130 -6.64 24.06 -4.59
CA ARG D 130 -5.97 22.85 -4.18
C ARG D 130 -6.99 21.97 -3.48
N GLU D 131 -7.00 20.68 -3.81
CA GLU D 131 -7.83 19.77 -3.05
C GLU D 131 -7.06 19.31 -1.82
N GLN D 132 -7.79 19.09 -0.72
CA GLN D 132 -7.14 18.88 0.57
C GLN D 132 -7.87 17.81 1.37
N THR D 133 -8.29 16.73 0.71
CA THR D 133 -8.84 15.58 1.42
C THR D 133 -8.11 14.28 1.14
N GLU D 134 -7.10 14.29 0.27
CA GLU D 134 -6.33 13.08 0.04
C GLU D 134 -4.86 13.37 -0.26
N GLY D 135 -4.24 12.55 -1.11
CA GLY D 135 -2.82 12.69 -1.38
C GLY D 135 -1.94 12.19 -0.26
N GLU D 136 -0.85 12.92 -0.02
CA GLU D 136 0.19 12.55 0.94
C GLU D 136 -0.24 12.71 2.39
N TYR D 137 -1.46 13.16 2.66
CA TYR D 137 -1.82 13.70 3.96
C TYR D 137 -2.62 12.76 4.84
N SER D 138 -2.96 11.57 4.32
CA SER D 138 -3.90 10.69 5.02
C SER D 138 -3.21 9.78 6.02
N SER D 139 -1.90 9.96 6.23
CA SER D 139 -1.16 9.29 7.31
C SER D 139 -1.09 7.78 7.11
N LEU D 140 -0.94 7.35 5.86
CA LEU D 140 -0.83 5.93 5.52
C LEU D 140 0.66 5.63 5.35
N GLU D 141 1.31 5.36 6.50
CA GLU D 141 2.71 4.98 6.54
C GLU D 141 2.90 3.70 7.35
N HIS D 142 3.91 2.91 6.97
CA HIS D 142 4.29 1.70 7.71
C HIS D 142 5.76 1.37 7.44
N GLU D 143 6.27 0.33 8.10
CA GLU D 143 7.67 -0.09 8.02
C GLU D 143 7.75 -1.42 7.28
N SER D 144 8.26 -1.40 6.04
CA SER D 144 8.38 -2.62 5.25
C SER D 144 9.44 -3.58 5.81
N ALA D 145 10.54 -3.01 6.30
CA ALA D 145 11.61 -3.77 6.92
C ALA D 145 12.30 -2.82 7.89
N ARG D 146 13.31 -3.33 8.60
CA ARG D 146 13.99 -2.36 9.45
C ARG D 146 14.71 -1.35 8.57
N GLY D 147 14.35 -0.11 8.83
CA GLY D 147 14.87 1.05 8.13
C GLY D 147 14.19 1.43 6.83
N VAL D 148 13.09 0.78 6.47
CA VAL D 148 12.46 1.00 5.18
C VAL D 148 11.00 1.41 5.38
N ILE D 149 10.65 2.63 4.98
CA ILE D 149 9.33 3.20 5.24
C ILE D 149 8.62 3.49 3.92
N GLU D 150 7.39 3.01 3.81
CA GLU D 150 6.48 3.34 2.72
C GLU D 150 5.49 4.36 3.22
N CYS D 151 5.12 5.26 2.33
CA CYS D 151 4.12 6.27 2.61
C CYS D 151 3.27 6.40 1.36
N LEU D 152 1.94 6.31 1.56
CA LEU D 152 0.99 6.10 0.48
C LEU D 152 0.30 7.42 0.12
N LYS D 153 0.47 7.85 -1.12
CA LYS D 153 -0.20 9.03 -1.65
C LYS D 153 -1.45 8.56 -2.41
N ILE D 154 -2.62 9.03 -1.99
CA ILE D 154 -3.91 8.59 -2.51
C ILE D 154 -4.44 9.61 -3.52
N VAL D 155 -4.88 9.11 -4.68
CA VAL D 155 -5.56 9.91 -5.69
C VAL D 155 -6.76 9.11 -6.16
N THR D 156 -7.93 9.73 -6.17
CA THR D 156 -9.14 9.05 -6.61
C THR D 156 -9.79 9.87 -7.72
N ARG D 157 -10.53 9.18 -8.61
CA ARG D 157 -11.30 9.89 -9.63
C ARG D 157 -12.34 10.80 -8.99
N ALA D 158 -12.97 10.33 -7.91
CA ALA D 158 -14.03 11.10 -7.28
C ALA D 158 -13.55 12.48 -6.87
N LYS D 159 -12.52 12.55 -6.02
CA LYS D 159 -12.10 13.85 -5.50
C LYS D 159 -11.39 14.68 -6.56
N SER D 160 -10.72 14.04 -7.52
CA SER D 160 -10.10 14.81 -8.58
C SER D 160 -11.13 15.48 -9.49
N GLN D 161 -12.16 14.73 -9.90
CA GLN D 161 -13.30 15.31 -10.62
C GLN D 161 -13.82 16.55 -9.88
N ARG D 162 -14.17 16.35 -8.61
CA ARG D 162 -14.81 17.40 -7.83
C ARG D 162 -13.97 18.67 -7.85
N ILE D 163 -12.65 18.54 -7.66
CA ILE D 163 -11.81 19.72 -7.60
C ILE D 163 -11.59 20.35 -8.98
N ALA D 164 -11.58 19.54 -10.03
CA ALA D 164 -11.49 20.12 -11.37
C ALA D 164 -12.77 20.85 -11.73
N LYS D 165 -13.92 20.29 -11.32
CA LYS D 165 -15.19 21.00 -11.48
C LYS D 165 -15.20 22.30 -10.67
N PHE D 166 -14.62 22.28 -9.47
CA PHE D 166 -14.61 23.47 -8.63
C PHE D 166 -13.78 24.59 -9.27
N ALA D 167 -12.58 24.26 -9.74
CA ALA D 167 -11.75 25.28 -10.37
C ALA D 167 -12.47 25.89 -11.58
N PHE D 168 -13.10 25.05 -12.41
CA PHE D 168 -13.79 25.58 -13.58
C PHE D 168 -15.05 26.33 -13.19
N ASP D 169 -15.74 25.92 -12.14
CA ASP D 169 -16.84 26.74 -11.62
C ASP D 169 -16.31 28.07 -11.07
N TYR D 170 -15.21 28.04 -10.31
CA TYR D 170 -14.61 29.30 -9.88
C TYR D 170 -14.26 30.18 -11.07
N ALA D 171 -13.64 29.61 -12.11
CA ALA D 171 -13.21 30.47 -13.21
C ALA D 171 -14.40 31.18 -13.82
N THR D 172 -15.46 30.43 -14.11
CA THR D 172 -16.57 31.11 -14.77
C THR D 172 -17.39 31.92 -13.77
N LYS D 173 -17.49 31.52 -12.50
CA LYS D 173 -18.14 32.40 -11.52
C LYS D 173 -17.40 33.72 -11.32
N LYS D 174 -16.06 33.75 -11.44
CA LYS D 174 -15.32 34.97 -11.20
C LYS D 174 -14.84 35.62 -12.49
N GLY D 175 -15.31 35.16 -13.64
CA GLY D 175 -14.94 35.78 -14.90
C GLY D 175 -13.50 35.62 -15.27
N ARG D 176 -12.88 34.52 -14.88
CA ARG D 176 -11.49 34.22 -15.18
C ARG D 176 -11.42 33.46 -16.50
N GLY D 177 -10.20 33.40 -17.06
CA GLY D 177 -10.04 32.98 -18.44
C GLY D 177 -9.16 31.78 -18.73
N LYS D 178 -8.53 31.19 -17.72
CA LYS D 178 -7.62 30.08 -17.95
C LYS D 178 -7.46 29.29 -16.66
N VAL D 179 -7.41 27.97 -16.80
CA VAL D 179 -7.23 27.07 -15.67
C VAL D 179 -6.06 26.15 -16.01
N THR D 180 -4.97 26.26 -15.26
CA THR D 180 -3.80 25.41 -15.44
C THR D 180 -3.80 24.31 -14.38
N ALA D 181 -3.74 23.05 -14.81
CA ALA D 181 -3.64 21.92 -13.91
C ALA D 181 -2.18 21.49 -13.79
N VAL D 182 -1.73 21.36 -12.54
CA VAL D 182 -0.34 21.10 -12.16
C VAL D 182 -0.23 19.66 -11.68
N HIS D 183 0.81 18.95 -12.13
CA HIS D 183 0.90 17.51 -11.96
C HIS D 183 2.36 17.09 -12.09
N LYS D 184 2.64 15.85 -11.69
CA LYS D 184 3.91 15.19 -12.02
C LYS D 184 3.65 13.85 -12.72
N ALA D 185 2.66 13.82 -13.62
CA ALA D 185 2.23 12.55 -14.19
C ALA D 185 3.26 11.92 -15.13
N ASN D 186 4.39 12.58 -15.38
CA ASN D 186 5.41 11.92 -16.19
C ASN D 186 6.13 10.82 -15.41
N ILE D 187 6.17 10.90 -14.09
CA ILE D 187 6.83 9.95 -13.21
C ILE D 187 5.83 9.09 -12.46
N MET D 188 4.86 9.75 -11.82
CA MET D 188 3.77 9.06 -11.13
C MET D 188 2.60 8.92 -12.10
N LYS D 189 2.77 8.00 -13.05
CA LYS D 189 1.93 7.98 -14.23
C LYS D 189 0.51 7.57 -13.91
N LEU D 190 0.31 6.73 -12.89
CA LEU D 190 -1.03 6.28 -12.57
C LEU D 190 -1.76 7.28 -11.68
N GLY D 191 -1.06 7.78 -10.66
CA GLY D 191 -1.65 8.65 -9.64
C GLY D 191 -1.90 10.06 -10.13
N ASP D 192 -0.83 10.76 -10.50
CA ASP D 192 -1.02 12.08 -11.06
C ASP D 192 -1.69 11.98 -12.42
N GLY D 193 -1.52 10.84 -13.10
CA GLY D 193 -2.17 10.66 -14.38
C GLY D 193 -3.68 10.68 -14.25
N LEU D 194 -4.19 10.02 -13.20
CA LEU D 194 -5.62 10.00 -12.97
C LEU D 194 -6.15 11.40 -12.66
N PHE D 195 -5.45 12.12 -11.79
CA PHE D 195 -5.82 13.50 -11.49
C PHE D 195 -5.79 14.36 -12.74
N LEU D 196 -4.71 14.24 -13.53
CA LEU D 196 -4.60 15.03 -14.75
C LEU D 196 -5.69 14.66 -15.74
N GLN D 197 -6.03 13.39 -15.85
CA GLN D 197 -7.00 13.00 -16.86
C GLN D 197 -8.42 13.41 -16.48
N CYS D 198 -8.78 13.38 -15.19
CA CYS D 198 -10.10 13.95 -14.93
C CYS D 198 -10.13 15.46 -15.17
N CYS D 199 -9.04 16.19 -14.90
CA CYS D 199 -9.02 17.58 -15.32
C CYS D 199 -9.29 17.72 -16.82
N GLU D 200 -8.62 16.90 -17.64
CA GLU D 200 -8.84 16.98 -19.07
C GLU D 200 -10.28 16.66 -19.41
N GLU D 201 -10.88 15.69 -18.71
CA GLU D 201 -12.28 15.38 -18.93
C GLU D 201 -13.17 16.56 -18.57
N VAL D 202 -12.91 17.18 -17.42
CA VAL D 202 -13.73 18.31 -17.00
C VAL D 202 -13.47 19.52 -17.90
N ALA D 203 -12.25 19.67 -18.41
CA ALA D 203 -11.94 20.83 -19.25
C ALA D 203 -12.80 20.91 -20.51
N GLU D 204 -13.45 19.80 -20.90
CA GLU D 204 -14.32 19.77 -22.07
C GLU D 204 -15.71 20.31 -21.81
N LEU D 205 -16.13 20.37 -20.56
CA LEU D 205 -17.45 20.87 -20.22
C LEU D 205 -17.48 22.37 -20.02
N TYR D 206 -16.32 23.03 -20.09
CA TYR D 206 -16.23 24.48 -19.93
C TYR D 206 -15.41 25.01 -21.10
N PRO D 207 -15.98 25.03 -22.30
CA PRO D 207 -15.21 25.44 -23.47
C PRO D 207 -14.78 26.88 -23.42
N LYS D 208 -15.55 27.74 -22.73
CA LYS D 208 -15.26 29.16 -22.64
C LYS D 208 -14.00 29.46 -21.82
N ILE D 209 -13.46 28.48 -21.08
CA ILE D 209 -12.26 28.65 -20.27
C ILE D 209 -11.10 27.90 -20.94
N LYS D 210 -9.94 28.56 -21.04
CA LYS D 210 -8.78 27.93 -21.67
C LYS D 210 -8.10 27.01 -20.66
N PHE D 211 -7.75 25.80 -21.10
CA PHE D 211 -7.21 24.77 -20.20
C PHE D 211 -5.80 24.38 -20.64
N GLU D 212 -4.82 24.61 -19.77
CA GLU D 212 -3.46 24.18 -20.02
C GLU D 212 -2.95 23.36 -18.84
N THR D 213 -1.83 22.66 -19.08
CA THR D 213 -1.25 21.77 -18.07
C THR D 213 0.24 22.04 -17.96
N MET D 214 0.77 21.78 -16.77
CA MET D 214 2.18 22.01 -16.52
C MET D 214 2.70 20.95 -15.55
N ILE D 215 3.93 20.50 -15.77
CA ILE D 215 4.60 19.67 -14.77
C ILE D 215 5.03 20.57 -13.62
N ILE D 216 4.90 20.07 -12.39
CA ILE D 216 4.96 20.96 -11.24
C ILE D 216 6.32 21.58 -11.05
N ASP D 217 7.40 20.83 -11.32
CA ASP D 217 8.70 21.47 -11.19
C ASP D 217 8.79 22.67 -12.12
N ASN D 218 8.52 22.46 -13.40
CA ASN D 218 8.48 23.58 -14.35
C ASN D 218 7.63 24.71 -13.81
N CYS D 219 6.46 24.38 -13.26
CA CYS D 219 5.52 25.38 -12.79
C CYS D 219 6.15 26.30 -11.75
N CYS D 220 6.75 25.70 -10.71
CA CYS D 220 7.18 26.74 -9.77
C CYS D 220 8.40 27.49 -10.28
N MET D 221 9.19 27.01 -11.24
CA MET D 221 10.13 27.91 -11.92
C MET D 221 9.38 29.02 -12.63
N GLN D 222 8.32 28.67 -13.37
CA GLN D 222 7.53 29.68 -14.06
C GLN D 222 6.97 30.69 -13.08
N LEU D 223 6.52 30.22 -11.91
CA LEU D 223 5.95 31.11 -10.92
C LEU D 223 6.98 32.13 -10.42
N VAL D 224 8.24 31.70 -10.26
CA VAL D 224 9.24 32.63 -9.75
C VAL D 224 9.68 33.61 -10.83
N GLN D 225 9.89 33.08 -12.04
CA GLN D 225 10.44 33.87 -13.16
C GLN D 225 9.37 34.74 -13.85
N ASN D 226 8.16 34.25 -13.98
CA ASN D 226 7.12 35.02 -14.69
C ASN D 226 5.77 34.46 -14.29
N PRO D 227 5.17 34.85 -13.15
CA PRO D 227 3.90 34.28 -12.72
C PRO D 227 2.65 34.91 -13.33
N TYR D 228 2.83 35.81 -14.28
CA TYR D 228 1.75 36.61 -14.89
C TYR D 228 1.01 35.81 -15.96
N GLN D 229 1.52 34.65 -16.34
CA GLN D 229 0.90 33.83 -17.40
C GLN D 229 -0.02 32.79 -16.78
N PHE D 230 -0.41 32.94 -15.52
CA PHE D 230 -1.06 31.77 -14.88
C PHE D 230 -2.55 31.86 -14.60
N ASP D 231 -3.08 32.98 -14.16
CA ASP D 231 -4.52 33.07 -13.81
C ASP D 231 -4.90 32.08 -12.70
N VAL D 232 -5.58 30.99 -13.05
CA VAL D 232 -6.13 30.06 -12.07
C VAL D 232 -5.45 28.71 -12.23
N LEU D 233 -5.06 28.12 -11.09
CA LEU D 233 -4.33 26.86 -11.06
C LEU D 233 -5.04 25.85 -10.15
N VAL D 234 -5.07 24.61 -10.60
CA VAL D 234 -5.66 23.52 -9.83
C VAL D 234 -4.61 22.42 -9.68
N MET D 235 -4.54 21.81 -8.49
CA MET D 235 -3.50 20.83 -8.22
C MET D 235 -3.94 19.97 -7.04
N PRO D 236 -3.27 18.81 -6.82
CA PRO D 236 -3.58 18.00 -5.63
C PRO D 236 -3.01 18.60 -4.36
N ASN D 237 -3.16 17.89 -3.25
CA ASN D 237 -2.91 18.45 -1.92
C ASN D 237 -1.47 18.95 -1.77
N LEU D 238 -0.47 18.08 -1.97
CA LEU D 238 0.89 18.51 -1.66
C LEU D 238 1.37 19.61 -2.60
N TYR D 239 1.07 19.53 -3.90
CA TYR D 239 1.53 20.61 -4.75
C TYR D 239 0.84 21.90 -4.39
N GLY D 240 -0.38 21.82 -3.83
CA GLY D 240 -1.04 23.01 -3.33
C GLY D 240 -0.31 23.68 -2.18
N ASN D 241 0.07 22.92 -1.15
CA ASN D 241 0.92 23.44 -0.07
C ASN D 241 2.16 24.14 -0.63
N ILE D 242 2.82 23.54 -1.61
CA ILE D 242 4.04 24.14 -2.15
C ILE D 242 3.72 25.48 -2.78
N ILE D 243 2.74 25.49 -3.68
CA ILE D 243 2.49 26.67 -4.48
C ILE D 243 1.64 27.72 -3.72
N ASP D 244 0.78 27.30 -2.79
CA ASP D 244 0.20 28.24 -1.84
C ASP D 244 1.29 29.12 -1.26
N ASN D 245 2.35 28.49 -0.78
CA ASN D 245 3.39 29.18 -0.01
C ASN D 245 4.36 29.93 -0.91
N LEU D 246 4.75 29.34 -2.04
CA LEU D 246 5.55 30.07 -3.01
C LEU D 246 4.83 31.33 -3.46
N ALA D 247 3.57 31.18 -3.83
CA ALA D 247 2.84 32.32 -4.37
C ALA D 247 2.67 33.40 -3.31
N ALA D 248 2.28 33.01 -2.09
CA ALA D 248 2.13 34.00 -1.03
C ALA D 248 3.39 34.85 -0.86
N GLY D 249 4.57 34.21 -0.93
CA GLY D 249 5.82 34.94 -0.83
C GLY D 249 6.01 35.97 -1.94
N LEU D 250 5.37 35.75 -3.10
CA LEU D 250 5.54 36.66 -4.22
C LEU D 250 4.91 38.03 -3.95
N VAL D 251 3.83 38.07 -3.15
CA VAL D 251 3.03 39.27 -2.90
C VAL D 251 3.13 39.71 -1.45
N GLY D 252 4.27 39.51 -0.79
CA GLY D 252 4.42 39.94 0.59
C GLY D 252 4.34 38.85 1.65
N GLY D 253 4.22 37.57 1.28
CA GLY D 253 4.33 36.47 2.24
C GLY D 253 3.07 36.20 3.05
N ALA D 254 3.24 35.30 4.04
CA ALA D 254 2.17 35.03 4.98
C ALA D 254 1.89 36.35 5.70
N GLY D 255 0.95 36.35 6.65
CA GLY D 255 0.63 37.64 7.23
C GLY D 255 -0.11 38.60 6.31
N VAL D 256 -0.25 38.28 5.02
CA VAL D 256 -0.84 39.16 4.02
C VAL D 256 -1.80 38.45 3.08
N VAL D 257 -1.73 37.13 2.92
CA VAL D 257 -2.46 36.39 1.91
C VAL D 257 -3.61 35.64 2.57
N PRO D 258 -4.87 35.89 2.21
CA PRO D 258 -5.98 35.14 2.77
C PRO D 258 -6.31 33.93 1.92
N GLY D 259 -7.01 32.97 2.53
CA GLY D 259 -7.51 31.84 1.79
C GLY D 259 -8.84 31.41 2.38
N GLU D 260 -9.62 30.68 1.59
CA GLU D 260 -10.84 30.08 2.13
C GLU D 260 -10.99 28.66 1.59
N SER D 261 -11.69 27.83 2.35
CA SER D 261 -11.94 26.44 2.00
C SER D 261 -13.45 26.17 1.96
N TYR D 262 -13.85 25.30 1.04
CA TYR D 262 -15.26 25.09 0.70
C TYR D 262 -15.66 23.60 0.73
N SER D 263 -16.93 23.37 1.09
CA SER D 263 -17.53 22.10 0.72
C SER D 263 -18.80 22.37 -0.11
N ALA D 264 -19.84 21.55 -0.02
CA ALA D 264 -21.03 21.87 -0.82
C ALA D 264 -21.88 22.92 -0.11
N GLU D 265 -21.92 22.86 1.22
CA GLU D 265 -22.66 23.76 2.09
C GLU D 265 -21.77 24.78 2.78
N TYR D 266 -20.60 24.38 3.28
CA TYR D 266 -19.83 25.17 4.22
C TYR D 266 -18.72 25.95 3.53
N ALA D 267 -18.40 27.11 4.11
CA ALA D 267 -17.29 27.96 3.67
C ALA D 267 -16.50 28.38 4.91
N VAL D 268 -15.20 28.05 4.92
CA VAL D 268 -14.32 28.23 6.08
C VAL D 268 -13.15 29.11 5.68
N PHE D 269 -12.95 30.21 6.40
CA PHE D 269 -12.01 31.25 5.99
C PHE D 269 -10.77 31.15 6.85
N GLU D 270 -9.62 31.08 6.18
CA GLU D 270 -8.34 30.76 6.77
C GLU D 270 -7.34 31.79 6.28
N THR D 271 -6.09 31.61 6.68
CA THR D 271 -5.02 32.33 6.00
C THR D 271 -4.56 31.52 4.78
N GLY D 272 -3.85 32.20 3.87
CA GLY D 272 -3.53 31.58 2.59
C GLY D 272 -2.37 30.61 2.69
N ALA D 273 -1.25 31.03 3.31
CA ALA D 273 -0.13 30.13 3.60
C ALA D 273 -0.14 29.81 5.09
N ARG D 274 -0.64 28.62 5.45
CA ARG D 274 -1.05 28.32 6.82
C ARG D 274 0.15 27.94 7.67
N HIS D 275 0.48 28.80 8.65
CA HIS D 275 1.63 28.69 9.51
C HIS D 275 1.28 29.21 10.89
N PRO D 276 1.60 28.51 11.92
CA PRO D 276 1.39 29.07 13.26
C PRO D 276 2.62 29.87 13.57
N PHE D 277 2.53 31.17 13.78
CA PHE D 277 3.77 31.93 13.80
C PHE D 277 4.62 31.55 15.02
N ALA D 278 4.00 31.28 16.17
CA ALA D 278 4.65 30.53 17.27
C ALA D 278 5.80 31.29 17.93
N GLN D 279 6.80 31.63 17.14
CA GLN D 279 7.91 32.48 17.57
C GLN D 279 7.50 33.94 17.80
N ALA D 280 6.30 34.33 17.34
CA ALA D 280 5.78 35.67 17.51
C ALA D 280 4.75 35.79 18.64
N VAL D 281 4.39 34.67 19.28
CA VAL D 281 3.33 34.67 20.29
C VAL D 281 3.77 35.52 21.46
N GLY D 282 2.92 36.41 21.91
CA GLY D 282 3.23 37.27 23.03
C GLY D 282 4.13 38.44 22.71
N ARG D 283 4.70 38.51 21.49
CA ARG D 283 5.66 39.56 21.19
C ARG D 283 5.05 40.75 20.48
N ASN D 284 3.74 40.69 20.20
CA ASN D 284 3.00 41.79 19.58
C ASN D 284 3.58 42.17 18.23
N ILE D 285 4.02 41.19 17.44
CA ILE D 285 4.66 41.50 16.17
C ILE D 285 3.91 40.93 14.96
N ALA D 286 2.94 40.05 15.16
CA ALA D 286 2.33 39.39 14.02
C ALA D 286 1.53 40.38 13.16
N ASN D 287 1.30 40.00 11.93
CA ASN D 287 0.56 40.78 10.96
C ASN D 287 -0.86 40.27 10.87
N PRO D 288 -1.89 41.09 11.08
CA PRO D 288 -3.28 40.61 10.92
C PRO D 288 -3.89 40.85 9.54
N THR D 289 -3.06 41.22 8.57
CA THR D 289 -3.57 41.58 7.25
C THR D 289 -4.25 40.40 6.56
N ALA D 290 -3.60 39.23 6.57
CA ALA D 290 -4.21 38.06 5.92
C ALA D 290 -5.54 37.70 6.58
N MET D 291 -5.60 37.69 7.91
CA MET D 291 -6.81 37.22 8.57
C MET D 291 -7.94 38.24 8.44
N LEU D 292 -7.61 39.53 8.49
CA LEU D 292 -8.61 40.57 8.28
C LEU D 292 -9.17 40.53 6.86
N LEU D 293 -8.29 40.36 5.86
CA LEU D 293 -8.75 40.21 4.49
C LEU D 293 -9.64 38.98 4.33
N SER D 294 -9.22 37.86 4.90
CA SER D 294 -10.11 36.70 4.89
C SER D 294 -11.40 37.03 5.61
N ALA D 295 -11.32 37.79 6.72
CA ALA D 295 -12.52 38.15 7.44
C ALA D 295 -13.47 38.97 6.57
N SER D 296 -12.91 39.88 5.77
CA SER D 296 -13.74 40.62 4.82
C SER D 296 -14.33 39.68 3.78
N ASN D 297 -13.51 38.73 3.29
CA ASN D 297 -14.02 37.73 2.36
C ASN D 297 -15.19 36.99 2.94
N MET D 298 -15.10 36.66 4.24
CA MET D 298 -16.19 36.00 4.92
C MET D 298 -17.44 36.86 4.92
N LEU D 299 -17.28 38.17 5.20
CA LEU D 299 -18.44 39.04 5.22
C LEU D 299 -19.15 39.03 3.87
N ARG D 300 -18.39 38.94 2.78
CA ARG D 300 -19.01 38.88 1.47
C ARG D 300 -19.83 37.62 1.34
N HIS D 301 -19.27 36.49 1.77
CA HIS D 301 -20.02 35.25 1.66
C HIS D 301 -21.35 35.35 2.42
N LEU D 302 -21.37 36.08 3.54
CA LEU D 302 -22.60 36.33 4.28
C LEU D 302 -23.45 37.46 3.70
N ASN D 303 -23.05 38.04 2.57
CA ASN D 303 -23.76 39.13 1.87
C ASN D 303 -23.89 40.41 2.71
N LEU D 304 -22.88 40.64 3.54
CA LEU D 304 -22.67 41.92 4.18
C LEU D 304 -21.63 42.72 3.41
N GLU D 305 -21.94 42.99 2.13
CA GLU D 305 -20.94 43.55 1.23
C GLU D 305 -20.55 44.96 1.64
N TYR D 306 -21.43 45.70 2.30
CA TYR D 306 -21.00 47.01 2.77
C TYR D 306 -19.89 46.88 3.80
N HIS D 307 -20.10 46.03 4.81
CA HIS D 307 -19.05 45.80 5.80
C HIS D 307 -17.84 45.10 5.19
N SER D 308 -18.06 44.12 4.31
CA SER D 308 -16.94 43.45 3.65
C SER D 308 -16.08 44.46 2.89
N SER D 309 -16.71 45.28 2.04
CA SER D 309 -15.95 46.24 1.25
C SER D 309 -15.23 47.23 2.14
N MET D 310 -15.88 47.64 3.23
CA MET D 310 -15.33 48.69 4.08
C MET D 310 -14.05 48.21 4.75
N ILE D 311 -14.14 47.10 5.47
CA ILE D 311 -13.00 46.53 6.18
C ILE D 311 -11.86 46.24 5.21
N ALA D 312 -12.15 45.57 4.09
CA ALA D 312 -11.17 45.35 3.04
C ALA D 312 -10.41 46.62 2.66
N ASP D 313 -11.09 47.63 2.13
CA ASP D 313 -10.20 48.68 1.63
C ASP D 313 -9.77 49.66 2.71
N ALA D 314 -10.27 49.49 3.94
CA ALA D 314 -9.59 50.13 5.06
C ALA D 314 -8.22 49.51 5.27
N VAL D 315 -8.16 48.17 5.30
CA VAL D 315 -6.87 47.49 5.42
C VAL D 315 -5.95 47.86 4.26
N LYS D 316 -6.48 47.93 3.04
CA LYS D 316 -5.65 48.23 1.89
C LYS D 316 -5.10 49.65 1.95
N LYS D 317 -5.89 50.62 2.45
CA LYS D 317 -5.36 51.99 2.41
C LYS D 317 -4.41 52.25 3.57
N VAL D 318 -4.63 51.71 4.77
CA VAL D 318 -3.61 51.75 5.81
C VAL D 318 -2.27 51.27 5.28
N ILE D 319 -2.31 50.19 4.50
CA ILE D 319 -1.05 49.62 4.00
C ILE D 319 -0.46 50.52 2.92
N LYS D 320 -1.30 51.00 1.99
CA LYS D 320 -0.77 51.85 0.93
C LYS D 320 -0.21 53.16 1.49
N VAL D 321 -0.92 53.79 2.44
CA VAL D 321 -0.46 55.06 2.97
C VAL D 321 0.93 54.89 3.59
N GLY D 322 1.17 53.75 4.23
CA GLY D 322 2.51 53.40 4.66
C GLY D 322 2.94 53.95 5.99
N LYS D 323 2.04 54.60 6.73
CA LYS D 323 2.45 55.13 8.04
C LYS D 323 2.65 54.01 9.05
N VAL D 324 1.70 53.08 9.12
CA VAL D 324 1.71 52.02 10.13
C VAL D 324 1.81 50.69 9.41
N ARG D 325 2.91 49.97 9.65
CA ARG D 325 3.25 48.72 8.96
C ARG D 325 3.95 47.78 9.93
N THR D 326 3.53 46.52 9.95
CA THR D 326 4.19 45.46 10.71
C THR D 326 5.58 45.15 10.13
N SER D 327 6.45 44.60 10.97
CA SER D 327 7.84 44.31 10.62
C SER D 327 7.99 43.59 9.27
N ASP D 328 7.19 42.53 9.08
CA ASP D 328 7.25 41.77 7.84
C ASP D 328 6.96 42.63 6.61
N MET D 329 6.37 43.80 6.80
CA MET D 329 6.07 44.72 5.71
C MET D 329 6.99 45.94 5.75
N GLY D 330 8.22 45.74 6.22
CA GLY D 330 9.21 46.82 6.24
C GLY D 330 8.88 48.01 7.11
N GLY D 331 8.14 47.79 8.19
CA GLY D 331 7.79 48.87 9.10
C GLY D 331 8.14 48.49 10.51
N TYR D 332 7.57 49.21 11.48
CA TYR D 332 7.97 49.07 12.88
C TYR D 332 6.77 48.98 13.81
N ALA D 333 5.57 48.81 13.28
CA ALA D 333 4.37 48.82 14.11
C ALA D 333 4.20 47.50 14.81
N THR D 334 3.78 47.56 16.08
CA THR D 334 3.25 46.37 16.73
C THR D 334 1.94 45.95 16.08
N CYS D 335 1.56 44.70 16.32
CA CYS D 335 0.30 44.23 15.75
C CYS D 335 -0.86 45.04 16.30
N HIS D 336 -0.89 45.34 17.61
CA HIS D 336 -1.97 46.14 18.18
C HIS D 336 -1.97 47.58 17.61
N ASP D 337 -0.82 48.21 17.49
CA ASP D 337 -0.83 49.52 16.86
C ASP D 337 -1.31 49.44 15.41
N PHE D 338 -0.92 48.38 14.69
CA PHE D 338 -1.44 48.20 13.33
C PHE D 338 -2.93 47.88 13.34
N THR D 339 -3.43 47.20 14.37
CA THR D 339 -4.85 46.89 14.41
C THR D 339 -5.66 48.15 14.76
N GLU D 340 -5.27 48.85 15.83
CA GLU D 340 -5.99 50.07 16.22
C GLU D 340 -5.97 51.10 15.10
N GLU D 341 -4.89 51.16 14.31
CA GLU D 341 -4.87 52.05 13.15
C GLU D 341 -5.99 51.71 12.17
N ILE D 342 -6.20 50.41 11.92
CA ILE D 342 -7.26 50.01 11.01
C ILE D 342 -8.62 50.31 11.61
N CYS D 343 -8.80 49.96 12.88
CA CYS D 343 -10.08 50.28 13.52
C CYS D 343 -10.34 51.76 13.49
N ARG D 344 -9.33 52.59 13.75
CA ARG D 344 -9.49 54.03 13.60
C ARG D 344 -10.00 54.36 12.21
N ARG D 345 -9.32 53.84 11.19
CA ARG D 345 -9.76 54.05 9.81
C ARG D 345 -11.18 53.54 9.60
N VAL D 346 -11.46 52.32 10.05
CA VAL D 346 -12.78 51.73 9.84
C VAL D 346 -13.86 52.57 10.50
N LYS D 347 -13.68 52.87 11.80
CA LYS D 347 -14.71 53.62 12.52
C LYS D 347 -14.91 54.99 11.90
N ASP D 348 -13.91 55.52 11.21
CA ASP D 348 -14.10 56.84 10.62
C ASP D 348 -14.85 56.76 9.29
N LEU D 349 -14.55 55.75 8.46
CA LEU D 349 -15.31 55.58 7.22
C LEU D 349 -16.80 55.41 7.48
N ASP D 350 -17.16 54.72 8.57
CA ASP D 350 -18.56 54.50 8.87
C ASP D 350 -19.31 55.82 9.09
N GLU D 351 -18.61 56.85 9.56
CA GLU D 351 -19.22 58.14 9.88
C GLU D 351 -19.11 59.16 8.75
N ASN D 352 -18.11 59.03 7.89
CA ASN D 352 -18.04 59.79 6.65
C ASN D 352 -18.51 58.89 5.50
PA NAD E . -9.96 -21.85 19.78
O1A NAD E . -8.65 -22.43 19.29
O2A NAD E . -10.10 -22.22 21.23
O5B NAD E . -11.25 -22.45 18.93
C5B NAD E . -12.48 -22.55 19.62
C4B NAD E . -12.82 -24.05 19.93
O4B NAD E . -11.83 -24.87 19.61
C3B NAD E . -12.97 -24.32 21.43
O3B NAD E . -14.12 -23.84 21.94
C2B NAD E . -13.13 -25.84 21.26
O2B NAD E . -14.26 -26.00 20.26
C1B NAD E . -12.01 -26.09 20.68
N9A NAD E . -10.90 -26.21 21.64
C8A NAD E . -9.78 -25.46 21.54
N7A NAD E . -8.92 -25.81 22.54
C5A NAD E . -9.51 -26.78 23.25
C6A NAD E . -9.09 -27.50 24.35
N6A NAD E . -7.80 -27.32 25.04
N1A NAD E . -9.87 -28.44 24.88
C2A NAD E . -11.08 -28.70 24.33
N3A NAD E . -11.52 -28.00 23.24
C4A NAD E . -10.73 -27.05 22.70
O3 NAD E . -10.04 -20.23 19.65
PN NAD E . -11.01 -19.32 18.69
O1N NAD E . -12.47 -19.62 18.91
O2N NAD E . -10.67 -19.40 17.22
O5D NAD E . -10.64 -17.84 19.23
C5D NAD E . -9.58 -17.92 20.11
C4D NAD E . -9.14 -16.67 20.78
O4D NAD E . -7.96 -16.91 21.29
C3D NAD E . -8.92 -15.44 19.69
O3D NAD E . -9.02 -14.18 20.45
C2D NAD E . -7.79 -15.62 19.19
O2D NAD E . -7.12 -14.31 18.92
C1D NAD E . -6.93 -16.38 20.31
N1N NAD E . -6.10 -17.35 19.84
C2N NAD E . -4.84 -17.44 20.37
C3N NAD E . -3.92 -18.44 19.98
C7N NAD E . -2.50 -18.46 20.64
O7N NAD E . -1.77 -19.36 20.47
N7N NAD E . -2.06 -17.30 21.47
C4N NAD E . -4.27 -19.34 19.02
C5N NAD E . -5.53 -19.25 18.47
C6N NAD E . -6.45 -18.26 18.88
CA CA F . -4.08 -21.63 14.91
C1 ICT G . -1.74 -19.23 16.03
O1 ICT G . -0.96 -18.98 15.09
O2 ICT G . -1.57 -20.11 16.90
C2 ICT G . -3.00 -18.37 16.15
O7 ICT G . -3.86 -18.56 15.03
C3 ICT G . -2.67 -16.88 16.29
C4 ICT G . -3.84 -16.11 16.91
C5 ICT G . -3.39 -15.00 17.86
O3 ICT G . -4.03 -13.93 17.84
O4 ICT G . -2.41 -15.22 18.60
C6 ICT G . -2.24 -16.27 14.95
O5 ICT G . -3.11 -15.67 14.28
O6 ICT G . -1.05 -16.38 14.61
PA NAD H . -3.80 -30.56 -10.19
O1A NAD H . -4.04 -29.69 -11.39
O2A NAD H . -3.18 -31.87 -10.61
O5B NAD H . -5.21 -30.92 -9.38
C5B NAD H . -5.08 -31.33 -8.04
C4B NAD H . -5.67 -32.78 -7.91
O4B NAD H . -6.98 -32.68 -7.95
C3B NAD H . -5.36 -33.61 -9.15
O3B NAD H . -4.11 -34.13 -9.08
C2B NAD H . -6.51 -34.67 -9.10
O2B NAD H . -6.24 -35.71 -8.08
C1B NAD H . -7.54 -34.00 -8.71
N9A NAD H . -8.39 -33.70 -9.88
C8A NAD H . -8.51 -32.51 -10.47
N7A NAD H . -9.36 -32.65 -11.51
C5A NAD H . -9.76 -33.93 -11.55
C6A NAD H . -10.60 -34.67 -12.38
N6A NAD H . -11.37 -34.22 -13.54
N1A NAD H . -10.80 -35.94 -12.16
C2A NAD H . -10.18 -36.57 -11.13
N3A NAD H . -9.35 -35.89 -10.31
C4A NAD H . -9.16 -34.57 -10.54
O3 NAD H . -2.77 -29.92 -9.08
PN NAD H . -2.27 -28.38 -8.94
O1N NAD H . -3.15 -27.39 -9.67
O2N NAD H . -2.24 -28.01 -7.49
O5D NAD H . -0.72 -28.43 -9.39
C5D NAD H . -0.35 -29.07 -10.54
C4D NAD H . -0.26 -27.96 -11.50
O4D NAD H . 0.81 -27.21 -11.30
C3D NAD H . -0.13 -28.51 -13.06
O3D NAD H . -1.44 -29.10 -13.50
C2D NAD H . 0.30 -27.49 -13.72
O2D NAD H . -0.73 -26.71 -14.51
C1D NAD H . 1.00 -26.54 -12.62
N1N NAD H . 2.31 -26.45 -12.90
C2N NAD H . 2.74 -26.95 -14.08
C3N NAD H . 4.08 -26.93 -14.45
C7N NAD H . 4.42 -27.55 -15.85
O7N NAD H . 5.53 -27.55 -16.30
N7N NAD H . 3.31 -28.18 -16.60
C4N NAD H . 4.99 -26.37 -13.59
C5N NAD H . 4.57 -25.85 -12.39
C6N NAD H . 3.21 -25.90 -12.04
PA NAD I . 11.58 21.37 -19.48
O1A NAD I . 13.04 20.95 -18.97
O2A NAD I . 11.40 21.02 -20.95
O5B NAD I . 11.24 23.01 -19.27
C5B NAD I . 10.03 23.42 -19.89
C4B NAD I . 10.22 24.84 -20.57
O4B NAD I . 11.19 25.49 -19.91
C3B NAD I . 10.71 24.80 -22.02
O3B NAD I . 9.71 24.89 -22.95
C2B NAD I . 11.39 26.18 -22.16
O2B NAD I . 10.29 27.17 -22.12
C1B NAD I . 12.05 26.25 -21.08
N9A NAD I . 13.43 25.73 -21.20
C8A NAD I . 13.87 24.59 -20.66
N7A NAD I . 15.16 24.44 -20.96
C5A NAD I . 15.53 25.49 -21.71
C6A NAD I . 16.73 25.86 -22.31
N6A NAD I . 17.98 25.10 -22.25
N1A NAD I . 16.84 26.98 -23.02
C2A NAD I . 15.74 27.76 -23.15
N3A NAD I . 14.56 27.43 -22.58
C4A NAD I . 14.45 26.30 -21.86
O3 NAD I . 10.33 20.58 -18.68
PN NAD I . 8.81 20.18 -19.21
O1N NAD I . 8.32 21.07 -20.33
O2N NAD I . 7.87 20.13 -18.01
O5D NAD I . 8.76 18.69 -19.83
C5D NAD I . 10.00 18.16 -20.02
C4D NAD I . 9.91 16.84 -20.62
O4D NAD I . 11.17 16.47 -20.63
C3D NAD I . 9.17 15.78 -19.63
O3D NAD I . 8.88 14.61 -20.47
C2D NAD I . 10.03 15.50 -18.75
O2D NAD I . 10.08 14.12 -18.17
C1D NAD I . 11.47 15.63 -19.44
N1N NAD I . 12.37 16.12 -18.61
C2N NAD I . 13.57 15.50 -18.48
C3N NAD I . 14.49 15.89 -17.51
C7N NAD I . 15.86 15.15 -17.41
O7N NAD I . 16.75 15.57 -16.75
N7N NAD I . 16.09 13.92 -18.18
C4N NAD I . 14.23 16.95 -16.70
C5N NAD I . 13.00 17.53 -16.81
C6N NAD I . 12.08 17.11 -17.75
CA CA J . 13.60 19.26 -12.60
C1 ICT K . 15.02 15.80 -12.94
O1 ICT K . 16.15 16.31 -13.14
O2 ICT K . 14.66 15.24 -11.88
C2 ICT K . 14.01 15.85 -14.09
O7 ICT K . 13.07 16.88 -13.90
C3 ICT K . 13.27 14.51 -14.26
C4 ICT K . 12.51 14.46 -15.58
C5 ICT K . 12.22 13.05 -16.06
O3 ICT K . 11.43 12.90 -17.02
O4 ICT K . 12.79 12.10 -15.48
C6 ICT K . 12.36 14.20 -13.08
O5 ICT K . 11.58 15.11 -12.70
O6 ICT K . 12.43 13.09 -12.54
PA NAD L . 6.37 29.56 10.99
O1A NAD L . 5.26 28.81 11.62
O2A NAD L . 7.16 30.34 11.99
O5B NAD L . 5.76 30.58 9.84
C5B NAD L . 6.46 30.64 8.61
C4B NAD L . 6.77 32.15 8.33
O4B NAD L . 5.70 32.74 7.84
C3B NAD L . 7.02 32.89 9.64
O3B NAD L . 8.31 32.74 10.07
C2B NAD L . 6.67 34.35 9.26
O2B NAD L . 7.79 35.01 8.55
C1B NAD L . 5.68 34.23 8.44
N9A NAD L . 4.41 34.51 9.09
C8A NAD L . 3.60 33.53 9.51
N7A NAD L . 2.51 34.10 10.07
C5A NAD L . 2.66 35.43 9.99
C6A NAD L . 1.85 36.48 10.40
N6A NAD L . 0.56 36.36 11.06
N1A NAD L . 2.23 37.73 10.20
C2A NAD L . 3.41 37.98 9.59
N3A NAD L . 4.22 36.96 9.18
C4A NAD L . 3.83 35.68 9.39
O3 NAD L . 7.37 28.52 10.23
PN NAD L . 7.24 26.89 10.25
O1N NAD L . 5.80 26.45 10.43
O2N NAD L . 7.76 26.36 8.94
O5D NAD L . 8.28 26.33 11.36
C5D NAD L . 8.20 26.71 12.66
C4D NAD L . 7.35 25.70 13.35
O4D NAD L . 7.94 24.55 13.54
C3D NAD L . 7.07 26.25 14.87
O3D NAD L . 6.16 27.40 14.70
C2D NAD L . 6.63 25.25 15.50
O2D NAD L . 5.12 25.18 15.68
C1D NAD L . 7.16 23.96 14.68
N1N NAD L . 7.96 23.24 15.48
C2N NAD L . 7.89 23.51 16.82
C3N NAD L . 8.70 22.84 17.73
C7N NAD L . 8.51 23.26 19.22
O7N NAD L . 9.19 22.83 20.10
N7N NAD L . 7.44 24.23 19.52
C4N NAD L . 9.58 21.90 17.27
C5N NAD L . 9.66 21.63 15.93
C6N NAD L . 8.83 22.31 15.02
#